data_4QO6
# 
_entry.id   4QO6 
# 
_audit_conform.dict_name       mmcif_pdbx.dic 
_audit_conform.dict_version    5.387 
_audit_conform.dict_location   http://mmcif.pdb.org/dictionaries/ascii/mmcif_pdbx.dic 
# 
loop_
_database_2.database_id 
_database_2.database_code 
_database_2.pdbx_database_accession 
_database_2.pdbx_DOI 
PDB   4QO6         pdb_00004qo6 10.2210/pdb4qo6/pdb 
RCSB  RCSB086301   ?            ?                   
WWPDB D_1000086301 ?            ?                   
# 
loop_
_pdbx_audit_revision_history.ordinal 
_pdbx_audit_revision_history.data_content_type 
_pdbx_audit_revision_history.major_revision 
_pdbx_audit_revision_history.minor_revision 
_pdbx_audit_revision_history.revision_date 
1 'Structure model' 1 0 2015-06-24 
2 'Structure model' 1 1 2016-06-08 
3 'Structure model' 1 2 2024-02-28 
# 
_pdbx_audit_revision_details.ordinal             1 
_pdbx_audit_revision_details.revision_ordinal    1 
_pdbx_audit_revision_details.data_content_type   'Structure model' 
_pdbx_audit_revision_details.provider            repository 
_pdbx_audit_revision_details.type                'Initial release' 
_pdbx_audit_revision_details.description         ? 
_pdbx_audit_revision_details.details             ? 
# 
loop_
_pdbx_audit_revision_group.ordinal 
_pdbx_audit_revision_group.revision_ordinal 
_pdbx_audit_revision_group.data_content_type 
_pdbx_audit_revision_group.group 
1 2 'Structure model' 'Database references'  
2 3 'Structure model' 'Data collection'      
3 3 'Structure model' 'Database references'  
4 3 'Structure model' 'Derived calculations' 
# 
loop_
_pdbx_audit_revision_category.ordinal 
_pdbx_audit_revision_category.revision_ordinal 
_pdbx_audit_revision_category.data_content_type 
_pdbx_audit_revision_category.category 
1 3 'Structure model' chem_comp_atom     
2 3 'Structure model' chem_comp_bond     
3 3 'Structure model' database_2         
4 3 'Structure model' struct_ref_seq_dif 
5 3 'Structure model' struct_site        
# 
loop_
_pdbx_audit_revision_item.ordinal 
_pdbx_audit_revision_item.revision_ordinal 
_pdbx_audit_revision_item.data_content_type 
_pdbx_audit_revision_item.item 
1 3 'Structure model' '_database_2.pdbx_DOI'                
2 3 'Structure model' '_database_2.pdbx_database_accession' 
3 3 'Structure model' '_struct_ref_seq_dif.details'         
4 3 'Structure model' '_struct_site.pdbx_auth_asym_id'      
5 3 'Structure model' '_struct_site.pdbx_auth_comp_id'      
6 3 'Structure model' '_struct_site.pdbx_auth_seq_id'       
# 
_pdbx_database_status.status_code                     REL 
_pdbx_database_status.entry_id                        4QO6 
_pdbx_database_status.recvd_initial_deposition_date   2014-06-19 
_pdbx_database_status.deposit_site                    RCSB 
_pdbx_database_status.process_site                    RCSB 
_pdbx_database_status.status_code_sf                  REL 
_pdbx_database_status.status_code_mr                  ? 
_pdbx_database_status.SG_entry                        ? 
_pdbx_database_status.status_code_cs                  ? 
_pdbx_database_status.methods_development_category    ? 
_pdbx_database_status.pdb_format_compatible           Y 
_pdbx_database_status.status_code_nmr_data            ? 
# 
loop_
_pdbx_database_related.db_name 
_pdbx_database_related.db_id 
_pdbx_database_related.details 
_pdbx_database_related.content_type 
PDB 3GQS . unspecified 
PDB 4ALZ . unspecified 
PDB 4G1I . unspecified 
# 
loop_
_audit_author.name 
_audit_author.pdbx_ordinal 
'Merilainen, G.' 1 
'Wierenga, R.K.' 2 
# 
_citation.id                        primary 
_citation.title                     
;The extended structure of the periplasmic region of CdsD, a structural protein of the type III secretion system of Chlamydia trachomatis.
;
_citation.journal_abbrev            'Protein Sci.' 
_citation.journal_volume            25 
_citation.page_first                987 
_citation.page_last                 998 
_citation.year                      2016 
_citation.journal_id_ASTM           PRCIEI 
_citation.country                   US 
_citation.journal_id_ISSN           0961-8368 
_citation.journal_id_CSD            0795 
_citation.book_publisher            ? 
_citation.pdbx_database_id_PubMed   26914207 
_citation.pdbx_database_id_DOI      10.1002/pro.2906 
# 
loop_
_citation_author.citation_id 
_citation_author.name 
_citation_author.ordinal 
_citation_author.identifier_ORCID 
primary 'Merilainen, G.' 1 ? 
primary 'Koski, M.K.'    2 ? 
primary 'Wierenga, R.K.' 3 ? 
# 
loop_
_entity.id 
_entity.type 
_entity.src_method 
_entity.pdbx_description 
_entity.formula_weight 
_entity.pdbx_number_of_molecules 
_entity.pdbx_ec 
_entity.pdbx_mutation 
_entity.pdbx_fragment 
_entity.details 
1 polymer     man 'Adenylate cyclase-like protein' 24301.592 1  ? ? ? ? 
2 non-polymer syn 'ISOPROPYL ALCOHOL'              60.095    2  ? ? ? ? 
3 non-polymer syn 'DI(HYDROXYETHYL)ETHER'          106.120   1  ? ? ? ? 
4 water       nat water                            18.015    82 ? ? ? ? 
# 
_entity_poly.entity_id                      1 
_entity_poly.type                           'polypeptide(L)' 
_entity_poly.nstd_linkage                   no 
_entity_poly.nstd_monomer                   no 
_entity_poly.pdbx_seq_one_letter_code       
;GSHVSIDQIDLIHDIEHVIQQFPTVRFTFNKNNGQLFLIGHVRNSIDKSELLYKVDALSFVKSVDDNVIDDEAVWQEMNI
LLSKNPEFKGISMQSPEPGIFVISGYLKTEEQAACLADYLNLHFNYLSLLDNKVIIESQVMKALAGHLVQSGFANVHVSF
TNGEAVLTGYINNKDADKFRTVVQELQDIAGIRAVKNFVVLLPAEEGVIDLNMRYPG
;
_entity_poly.pdbx_seq_one_letter_code_can   
;GSHVSIDQIDLIHDIEHVIQQFPTVRFTFNKNNGQLFLIGHVRNSIDKSELLYKVDALSFVKSVDDNVIDDEAVWQEMNI
LLSKNPEFKGISMQSPEPGIFVISGYLKTEEQAACLADYLNLHFNYLSLLDNKVIIESQVMKALAGHLVQSGFANVHVSF
TNGEAVLTGYINNKDADKFRTVVQELQDIAGIRAVKNFVVLLPAEEGVIDLNMRYPG
;
_entity_poly.pdbx_strand_id                 A 
_entity_poly.pdbx_target_identifier         ? 
# 
loop_
_pdbx_entity_nonpoly.entity_id 
_pdbx_entity_nonpoly.name 
_pdbx_entity_nonpoly.comp_id 
2 'ISOPROPYL ALCOHOL'     IPA 
3 'DI(HYDROXYETHYL)ETHER' PEG 
4 water                   HOH 
# 
loop_
_entity_poly_seq.entity_id 
_entity_poly_seq.num 
_entity_poly_seq.mon_id 
_entity_poly_seq.hetero 
1 1   GLY n 
1 2   SER n 
1 3   HIS n 
1 4   VAL n 
1 5   SER n 
1 6   ILE n 
1 7   ASP n 
1 8   GLN n 
1 9   ILE n 
1 10  ASP n 
1 11  LEU n 
1 12  ILE n 
1 13  HIS n 
1 14  ASP n 
1 15  ILE n 
1 16  GLU n 
1 17  HIS n 
1 18  VAL n 
1 19  ILE n 
1 20  GLN n 
1 21  GLN n 
1 22  PHE n 
1 23  PRO n 
1 24  THR n 
1 25  VAL n 
1 26  ARG n 
1 27  PHE n 
1 28  THR n 
1 29  PHE n 
1 30  ASN n 
1 31  LYS n 
1 32  ASN n 
1 33  ASN n 
1 34  GLY n 
1 35  GLN n 
1 36  LEU n 
1 37  PHE n 
1 38  LEU n 
1 39  ILE n 
1 40  GLY n 
1 41  HIS n 
1 42  VAL n 
1 43  ARG n 
1 44  ASN n 
1 45  SER n 
1 46  ILE n 
1 47  ASP n 
1 48  LYS n 
1 49  SER n 
1 50  GLU n 
1 51  LEU n 
1 52  LEU n 
1 53  TYR n 
1 54  LYS n 
1 55  VAL n 
1 56  ASP n 
1 57  ALA n 
1 58  LEU n 
1 59  SER n 
1 60  PHE n 
1 61  VAL n 
1 62  LYS n 
1 63  SER n 
1 64  VAL n 
1 65  ASP n 
1 66  ASP n 
1 67  ASN n 
1 68  VAL n 
1 69  ILE n 
1 70  ASP n 
1 71  ASP n 
1 72  GLU n 
1 73  ALA n 
1 74  VAL n 
1 75  TRP n 
1 76  GLN n 
1 77  GLU n 
1 78  MET n 
1 79  ASN n 
1 80  ILE n 
1 81  LEU n 
1 82  LEU n 
1 83  SER n 
1 84  LYS n 
1 85  ASN n 
1 86  PRO n 
1 87  GLU n 
1 88  PHE n 
1 89  LYS n 
1 90  GLY n 
1 91  ILE n 
1 92  SER n 
1 93  MET n 
1 94  GLN n 
1 95  SER n 
1 96  PRO n 
1 97  GLU n 
1 98  PRO n 
1 99  GLY n 
1 100 ILE n 
1 101 PHE n 
1 102 VAL n 
1 103 ILE n 
1 104 SER n 
1 105 GLY n 
1 106 TYR n 
1 107 LEU n 
1 108 LYS n 
1 109 THR n 
1 110 GLU n 
1 111 GLU n 
1 112 GLN n 
1 113 ALA n 
1 114 ALA n 
1 115 CYS n 
1 116 LEU n 
1 117 ALA n 
1 118 ASP n 
1 119 TYR n 
1 120 LEU n 
1 121 ASN n 
1 122 LEU n 
1 123 HIS n 
1 124 PHE n 
1 125 ASN n 
1 126 TYR n 
1 127 LEU n 
1 128 SER n 
1 129 LEU n 
1 130 LEU n 
1 131 ASP n 
1 132 ASN n 
1 133 LYS n 
1 134 VAL n 
1 135 ILE n 
1 136 ILE n 
1 137 GLU n 
1 138 SER n 
1 139 GLN n 
1 140 VAL n 
1 141 MET n 
1 142 LYS n 
1 143 ALA n 
1 144 LEU n 
1 145 ALA n 
1 146 GLY n 
1 147 HIS n 
1 148 LEU n 
1 149 VAL n 
1 150 GLN n 
1 151 SER n 
1 152 GLY n 
1 153 PHE n 
1 154 ALA n 
1 155 ASN n 
1 156 VAL n 
1 157 HIS n 
1 158 VAL n 
1 159 SER n 
1 160 PHE n 
1 161 THR n 
1 162 ASN n 
1 163 GLY n 
1 164 GLU n 
1 165 ALA n 
1 166 VAL n 
1 167 LEU n 
1 168 THR n 
1 169 GLY n 
1 170 TYR n 
1 171 ILE n 
1 172 ASN n 
1 173 ASN n 
1 174 LYS n 
1 175 ASP n 
1 176 ALA n 
1 177 ASP n 
1 178 LYS n 
1 179 PHE n 
1 180 ARG n 
1 181 THR n 
1 182 VAL n 
1 183 VAL n 
1 184 GLN n 
1 185 GLU n 
1 186 LEU n 
1 187 GLN n 
1 188 ASP n 
1 189 ILE n 
1 190 ALA n 
1 191 GLY n 
1 192 ILE n 
1 193 ARG n 
1 194 ALA n 
1 195 VAL n 
1 196 LYS n 
1 197 ASN n 
1 198 PHE n 
1 199 VAL n 
1 200 VAL n 
1 201 LEU n 
1 202 LEU n 
1 203 PRO n 
1 204 ALA n 
1 205 GLU n 
1 206 GLU n 
1 207 GLY n 
1 208 VAL n 
1 209 ILE n 
1 210 ASP n 
1 211 LEU n 
1 212 ASN n 
1 213 MET n 
1 214 ARG n 
1 215 TYR n 
1 216 PRO n 
1 217 GLY n 
# 
_entity_src_gen.entity_id                          1 
_entity_src_gen.pdbx_src_id                        1 
_entity_src_gen.pdbx_alt_source_flag               sample 
_entity_src_gen.pdbx_seq_type                      ? 
_entity_src_gen.pdbx_beg_seq_num                   ? 
_entity_src_gen.pdbx_end_seq_num                   ? 
_entity_src_gen.gene_src_common_name               ? 
_entity_src_gen.gene_src_genus                     ? 
_entity_src_gen.pdbx_gene_src_gene                 CT_664 
_entity_src_gen.gene_src_species                   ? 
_entity_src_gen.gene_src_strain                    D/UW-3/Cx 
_entity_src_gen.gene_src_tissue                    ? 
_entity_src_gen.gene_src_tissue_fraction           ? 
_entity_src_gen.gene_src_details                   ? 
_entity_src_gen.pdbx_gene_src_fragment             ? 
_entity_src_gen.pdbx_gene_src_scientific_name      'Chlamydia trachomatis' 
_entity_src_gen.pdbx_gene_src_ncbi_taxonomy_id     272561 
_entity_src_gen.pdbx_gene_src_variant              ? 
_entity_src_gen.pdbx_gene_src_cell_line            ? 
_entity_src_gen.pdbx_gene_src_atcc                 ? 
_entity_src_gen.pdbx_gene_src_organ                ? 
_entity_src_gen.pdbx_gene_src_organelle            ? 
_entity_src_gen.pdbx_gene_src_cell                 ? 
_entity_src_gen.pdbx_gene_src_cellular_location    ? 
_entity_src_gen.host_org_common_name               ? 
_entity_src_gen.pdbx_host_org_scientific_name      'Escherichia coli' 
_entity_src_gen.pdbx_host_org_ncbi_taxonomy_id     562 
_entity_src_gen.host_org_genus                     ? 
_entity_src_gen.pdbx_host_org_gene                 ? 
_entity_src_gen.pdbx_host_org_organ                ? 
_entity_src_gen.host_org_species                   ? 
_entity_src_gen.pdbx_host_org_tissue               ? 
_entity_src_gen.pdbx_host_org_tissue_fraction      ? 
_entity_src_gen.pdbx_host_org_strain               ? 
_entity_src_gen.pdbx_host_org_variant              ? 
_entity_src_gen.pdbx_host_org_cell_line            ? 
_entity_src_gen.pdbx_host_org_atcc                 ? 
_entity_src_gen.pdbx_host_org_culture_collection   ? 
_entity_src_gen.pdbx_host_org_cell                 ? 
_entity_src_gen.pdbx_host_org_organelle            ? 
_entity_src_gen.pdbx_host_org_cellular_location    ? 
_entity_src_gen.pdbx_host_org_vector_type          ? 
_entity_src_gen.pdbx_host_org_vector               ? 
_entity_src_gen.host_org_details                   ? 
_entity_src_gen.expression_system_id               ? 
_entity_src_gen.plasmid_name                       ? 
_entity_src_gen.plasmid_details                    ? 
_entity_src_gen.pdbx_description                   ? 
# 
loop_
_chem_comp.id 
_chem_comp.type 
_chem_comp.mon_nstd_flag 
_chem_comp.name 
_chem_comp.pdbx_synonyms 
_chem_comp.formula 
_chem_comp.formula_weight 
ALA 'L-peptide linking' y ALANINE                 ?          'C3 H7 N O2'     89.093  
ARG 'L-peptide linking' y ARGININE                ?          'C6 H15 N4 O2 1' 175.209 
ASN 'L-peptide linking' y ASPARAGINE              ?          'C4 H8 N2 O3'    132.118 
ASP 'L-peptide linking' y 'ASPARTIC ACID'         ?          'C4 H7 N O4'     133.103 
CYS 'L-peptide linking' y CYSTEINE                ?          'C3 H7 N O2 S'   121.158 
GLN 'L-peptide linking' y GLUTAMINE               ?          'C5 H10 N2 O3'   146.144 
GLU 'L-peptide linking' y 'GLUTAMIC ACID'         ?          'C5 H9 N O4'     147.129 
GLY 'peptide linking'   y GLYCINE                 ?          'C2 H5 N O2'     75.067  
HIS 'L-peptide linking' y HISTIDINE               ?          'C6 H10 N3 O2 1' 156.162 
HOH non-polymer         . WATER                   ?          'H2 O'           18.015  
ILE 'L-peptide linking' y ISOLEUCINE              ?          'C6 H13 N O2'    131.173 
IPA non-polymer         . 'ISOPROPYL ALCOHOL'     2-PROPANOL 'C3 H8 O'        60.095  
LEU 'L-peptide linking' y LEUCINE                 ?          'C6 H13 N O2'    131.173 
LYS 'L-peptide linking' y LYSINE                  ?          'C6 H15 N2 O2 1' 147.195 
MET 'L-peptide linking' y METHIONINE              ?          'C5 H11 N O2 S'  149.211 
PEG non-polymer         . 'DI(HYDROXYETHYL)ETHER' ?          'C4 H10 O3'      106.120 
PHE 'L-peptide linking' y PHENYLALANINE           ?          'C9 H11 N O2'    165.189 
PRO 'L-peptide linking' y PROLINE                 ?          'C5 H9 N O2'     115.130 
SER 'L-peptide linking' y SERINE                  ?          'C3 H7 N O3'     105.093 
THR 'L-peptide linking' y THREONINE               ?          'C4 H9 N O3'     119.119 
TRP 'L-peptide linking' y TRYPTOPHAN              ?          'C11 H12 N2 O2'  204.225 
TYR 'L-peptide linking' y TYROSINE                ?          'C9 H11 N O3'    181.189 
VAL 'L-peptide linking' y VALINE                  ?          'C5 H11 N O2'    117.146 
# 
loop_
_pdbx_poly_seq_scheme.asym_id 
_pdbx_poly_seq_scheme.entity_id 
_pdbx_poly_seq_scheme.seq_id 
_pdbx_poly_seq_scheme.mon_id 
_pdbx_poly_seq_scheme.ndb_seq_num 
_pdbx_poly_seq_scheme.pdb_seq_num 
_pdbx_poly_seq_scheme.auth_seq_num 
_pdbx_poly_seq_scheme.pdb_mon_id 
_pdbx_poly_seq_scheme.auth_mon_id 
_pdbx_poly_seq_scheme.pdb_strand_id 
_pdbx_poly_seq_scheme.pdb_ins_code 
_pdbx_poly_seq_scheme.hetero 
A 1 1   GLY 1   555 ?   ?   ?   A . n 
A 1 2   SER 2   556 ?   ?   ?   A . n 
A 1 3   HIS 3   557 ?   ?   ?   A . n 
A 1 4   VAL 4   558 ?   ?   ?   A . n 
A 1 5   SER 5   559 ?   ?   ?   A . n 
A 1 6   ILE 6   560 ?   ?   ?   A . n 
A 1 7   ASP 7   561 ?   ?   ?   A . n 
A 1 8   GLN 8   562 ?   ?   ?   A . n 
A 1 9   ILE 9   563 563 ILE ILE A . n 
A 1 10  ASP 10  564 564 ASP ASP A . n 
A 1 11  LEU 11  565 565 LEU LEU A . n 
A 1 12  ILE 12  566 566 ILE ILE A . n 
A 1 13  HIS 13  567 567 HIS HIS A . n 
A 1 14  ASP 14  568 568 ASP ASP A . n 
A 1 15  ILE 15  569 569 ILE ILE A . n 
A 1 16  GLU 16  570 570 GLU GLU A . n 
A 1 17  HIS 17  571 571 HIS HIS A . n 
A 1 18  VAL 18  572 572 VAL VAL A . n 
A 1 19  ILE 19  573 573 ILE ILE A . n 
A 1 20  GLN 20  574 574 GLN GLN A . n 
A 1 21  GLN 21  575 575 GLN GLN A . n 
A 1 22  PHE 22  576 576 PHE PHE A . n 
A 1 23  PRO 23  577 577 PRO PRO A . n 
A 1 24  THR 24  578 578 THR THR A . n 
A 1 25  VAL 25  579 579 VAL VAL A . n 
A 1 26  ARG 26  580 580 ARG ARG A . n 
A 1 27  PHE 27  581 581 PHE PHE A . n 
A 1 28  THR 28  582 582 THR THR A . n 
A 1 29  PHE 29  583 583 PHE PHE A . n 
A 1 30  ASN 30  584 584 ASN ASN A . n 
A 1 31  LYS 31  585 585 LYS LYS A . n 
A 1 32  ASN 32  586 586 ASN ASN A . n 
A 1 33  ASN 33  587 587 ASN ASN A . n 
A 1 34  GLY 34  588 588 GLY GLY A . n 
A 1 35  GLN 35  589 589 GLN GLN A . n 
A 1 36  LEU 36  590 590 LEU LEU A . n 
A 1 37  PHE 37  591 591 PHE PHE A . n 
A 1 38  LEU 38  592 592 LEU LEU A . n 
A 1 39  ILE 39  593 593 ILE ILE A . n 
A 1 40  GLY 40  594 594 GLY GLY A . n 
A 1 41  HIS 41  595 595 HIS HIS A . n 
A 1 42  VAL 42  596 596 VAL VAL A . n 
A 1 43  ARG 43  597 597 ARG ARG A . n 
A 1 44  ASN 44  598 598 ASN ASN A . n 
A 1 45  SER 45  599 599 SER SER A . n 
A 1 46  ILE 46  600 600 ILE ILE A . n 
A 1 47  ASP 47  601 601 ASP ASP A . n 
A 1 48  LYS 48  602 602 LYS LYS A . n 
A 1 49  SER 49  603 603 SER SER A . n 
A 1 50  GLU 50  604 604 GLU GLU A . n 
A 1 51  LEU 51  605 605 LEU LEU A . n 
A 1 52  LEU 52  606 606 LEU LEU A . n 
A 1 53  TYR 53  607 607 TYR TYR A . n 
A 1 54  LYS 54  608 608 LYS LYS A . n 
A 1 55  VAL 55  609 609 VAL VAL A . n 
A 1 56  ASP 56  610 610 ASP ASP A . n 
A 1 57  ALA 57  611 611 ALA ALA A . n 
A 1 58  LEU 58  612 612 LEU LEU A . n 
A 1 59  SER 59  613 613 SER SER A . n 
A 1 60  PHE 60  614 614 PHE PHE A . n 
A 1 61  VAL 61  615 615 VAL VAL A . n 
A 1 62  LYS 62  616 616 LYS LYS A . n 
A 1 63  SER 63  617 617 SER SER A . n 
A 1 64  VAL 64  618 618 VAL VAL A . n 
A 1 65  ASP 65  619 619 ASP ASP A . n 
A 1 66  ASP 66  620 620 ASP ASP A . n 
A 1 67  ASN 67  621 621 ASN ASN A . n 
A 1 68  VAL 68  622 622 VAL VAL A . n 
A 1 69  ILE 69  623 623 ILE ILE A . n 
A 1 70  ASP 70  624 624 ASP ASP A . n 
A 1 71  ASP 71  625 625 ASP ASP A . n 
A 1 72  GLU 72  626 626 GLU GLU A . n 
A 1 73  ALA 73  627 627 ALA ALA A . n 
A 1 74  VAL 74  628 628 VAL VAL A . n 
A 1 75  TRP 75  629 629 TRP TRP A . n 
A 1 76  GLN 76  630 630 GLN GLN A . n 
A 1 77  GLU 77  631 631 GLU GLU A . n 
A 1 78  MET 78  632 632 MET MET A . n 
A 1 79  ASN 79  633 633 ASN ASN A . n 
A 1 80  ILE 80  634 634 ILE ILE A . n 
A 1 81  LEU 81  635 635 LEU LEU A . n 
A 1 82  LEU 82  636 636 LEU LEU A . n 
A 1 83  SER 83  637 637 SER SER A . n 
A 1 84  LYS 84  638 638 LYS LYS A . n 
A 1 85  ASN 85  639 639 ASN ASN A . n 
A 1 86  PRO 86  640 640 PRO PRO A . n 
A 1 87  GLU 87  641 641 GLU GLU A . n 
A 1 88  PHE 88  642 642 PHE PHE A . n 
A 1 89  LYS 89  643 643 LYS LYS A . n 
A 1 90  GLY 90  644 644 GLY GLY A . n 
A 1 91  ILE 91  645 645 ILE ILE A . n 
A 1 92  SER 92  646 646 SER SER A . n 
A 1 93  MET 93  647 647 MET MET A . n 
A 1 94  GLN 94  648 648 GLN GLN A . n 
A 1 95  SER 95  649 649 SER SER A . n 
A 1 96  PRO 96  650 650 PRO PRO A . n 
A 1 97  GLU 97  651 651 GLU GLU A . n 
A 1 98  PRO 98  652 652 PRO PRO A . n 
A 1 99  GLY 99  653 653 GLY GLY A . n 
A 1 100 ILE 100 654 654 ILE ILE A . n 
A 1 101 PHE 101 655 655 PHE PHE A . n 
A 1 102 VAL 102 656 656 VAL VAL A . n 
A 1 103 ILE 103 657 657 ILE ILE A . n 
A 1 104 SER 104 658 658 SER SER A . n 
A 1 105 GLY 105 659 659 GLY GLY A . n 
A 1 106 TYR 106 660 660 TYR TYR A . n 
A 1 107 LEU 107 661 661 LEU LEU A . n 
A 1 108 LYS 108 662 662 LYS LYS A . n 
A 1 109 THR 109 663 663 THR THR A . n 
A 1 110 GLU 110 664 664 GLU GLU A . n 
A 1 111 GLU 111 665 665 GLU GLU A . n 
A 1 112 GLN 112 666 666 GLN GLN A . n 
A 1 113 ALA 113 667 667 ALA ALA A . n 
A 1 114 ALA 114 668 668 ALA ALA A . n 
A 1 115 CYS 115 669 669 CYS CYS A . n 
A 1 116 LEU 116 670 670 LEU LEU A . n 
A 1 117 ALA 117 671 671 ALA ALA A . n 
A 1 118 ASP 118 672 672 ASP ASP A . n 
A 1 119 TYR 119 673 673 TYR TYR A . n 
A 1 120 LEU 120 674 674 LEU LEU A . n 
A 1 121 ASN 121 675 675 ASN ASN A . n 
A 1 122 LEU 122 676 676 LEU LEU A . n 
A 1 123 HIS 123 677 677 HIS HIS A . n 
A 1 124 PHE 124 678 678 PHE PHE A . n 
A 1 125 ASN 125 679 679 ASN ASN A . n 
A 1 126 TYR 126 680 680 TYR TYR A . n 
A 1 127 LEU 127 681 681 LEU LEU A . n 
A 1 128 SER 128 682 682 SER SER A . n 
A 1 129 LEU 129 683 683 LEU LEU A . n 
A 1 130 LEU 130 684 684 LEU LEU A . n 
A 1 131 ASP 131 685 685 ASP ASP A . n 
A 1 132 ASN 132 686 686 ASN ASN A . n 
A 1 133 LYS 133 687 687 LYS LYS A . n 
A 1 134 VAL 134 688 688 VAL VAL A . n 
A 1 135 ILE 135 689 689 ILE ILE A . n 
A 1 136 ILE 136 690 690 ILE ILE A . n 
A 1 137 GLU 137 691 691 GLU GLU A . n 
A 1 138 SER 138 692 692 SER SER A . n 
A 1 139 GLN 139 693 693 GLN GLN A . n 
A 1 140 VAL 140 694 694 VAL VAL A . n 
A 1 141 MET 141 695 695 MET MET A . n 
A 1 142 LYS 142 696 696 LYS LYS A . n 
A 1 143 ALA 143 697 697 ALA ALA A . n 
A 1 144 LEU 144 698 698 LEU LEU A . n 
A 1 145 ALA 145 699 699 ALA ALA A . n 
A 1 146 GLY 146 700 700 GLY GLY A . n 
A 1 147 HIS 147 701 701 HIS HIS A . n 
A 1 148 LEU 148 702 702 LEU LEU A . n 
A 1 149 VAL 149 703 703 VAL VAL A . n 
A 1 150 GLN 150 704 704 GLN GLN A . n 
A 1 151 SER 151 705 705 SER SER A . n 
A 1 152 GLY 152 706 706 GLY GLY A . n 
A 1 153 PHE 153 707 707 PHE PHE A . n 
A 1 154 ALA 154 708 708 ALA ALA A . n 
A 1 155 ASN 155 709 709 ASN ASN A . n 
A 1 156 VAL 156 710 710 VAL VAL A . n 
A 1 157 HIS 157 711 711 HIS HIS A . n 
A 1 158 VAL 158 712 712 VAL VAL A . n 
A 1 159 SER 159 713 713 SER SER A . n 
A 1 160 PHE 160 714 714 PHE PHE A . n 
A 1 161 THR 161 715 715 THR THR A . n 
A 1 162 ASN 162 716 716 ASN ASN A . n 
A 1 163 GLY 163 717 717 GLY GLY A . n 
A 1 164 GLU 164 718 718 GLU GLU A . n 
A 1 165 ALA 165 719 719 ALA ALA A . n 
A 1 166 VAL 166 720 720 VAL VAL A . n 
A 1 167 LEU 167 721 721 LEU LEU A . n 
A 1 168 THR 168 722 722 THR THR A . n 
A 1 169 GLY 169 723 723 GLY GLY A . n 
A 1 170 TYR 170 724 724 TYR TYR A . n 
A 1 171 ILE 171 725 725 ILE ILE A . n 
A 1 172 ASN 172 726 726 ASN ASN A . n 
A 1 173 ASN 173 727 727 ASN ASN A . n 
A 1 174 LYS 174 728 728 LYS LYS A . n 
A 1 175 ASP 175 729 729 ASP ASP A . n 
A 1 176 ALA 176 730 730 ALA ALA A . n 
A 1 177 ASP 177 731 731 ASP ASP A . n 
A 1 178 LYS 178 732 732 LYS LYS A . n 
A 1 179 PHE 179 733 733 PHE PHE A . n 
A 1 180 ARG 180 734 734 ARG ARG A . n 
A 1 181 THR 181 735 735 THR THR A . n 
A 1 182 VAL 182 736 736 VAL VAL A . n 
A 1 183 VAL 183 737 737 VAL VAL A . n 
A 1 184 GLN 184 738 738 GLN GLN A . n 
A 1 185 GLU 185 739 739 GLU GLU A . n 
A 1 186 LEU 186 740 740 LEU LEU A . n 
A 1 187 GLN 187 741 741 GLN GLN A . n 
A 1 188 ASP 188 742 742 ASP ASP A . n 
A 1 189 ILE 189 743 743 ILE ILE A . n 
A 1 190 ALA 190 744 744 ALA ALA A . n 
A 1 191 GLY 191 745 745 GLY GLY A . n 
A 1 192 ILE 192 746 746 ILE ILE A . n 
A 1 193 ARG 193 747 747 ARG ARG A . n 
A 1 194 ALA 194 748 748 ALA ALA A . n 
A 1 195 VAL 195 749 749 VAL VAL A . n 
A 1 196 LYS 196 750 750 LYS LYS A . n 
A 1 197 ASN 197 751 751 ASN ASN A . n 
A 1 198 PHE 198 752 752 PHE PHE A . n 
A 1 199 VAL 199 753 753 VAL VAL A . n 
A 1 200 VAL 200 754 754 VAL VAL A . n 
A 1 201 LEU 201 755 755 LEU LEU A . n 
A 1 202 LEU 202 756 756 LEU LEU A . n 
A 1 203 PRO 203 757 757 PRO PRO A . n 
A 1 204 ALA 204 758 758 ALA ALA A . n 
A 1 205 GLU 205 759 759 GLU GLU A . n 
A 1 206 GLU 206 760 760 GLU GLU A . n 
A 1 207 GLY 207 761 761 GLY GLY A . n 
A 1 208 VAL 208 762 762 VAL VAL A . n 
A 1 209 ILE 209 763 763 ILE ILE A . n 
A 1 210 ASP 210 764 764 ASP ASP A . n 
A 1 211 LEU 211 765 765 LEU LEU A . n 
A 1 212 ASN 212 766 766 ASN ASN A . n 
A 1 213 MET 213 767 767 MET MET A . n 
A 1 214 ARG 214 768 768 ARG ARG A . n 
A 1 215 TYR 215 769 769 TYR TYR A . n 
A 1 216 PRO 216 770 770 PRO PRO A . n 
A 1 217 GLY 217 771 771 GLY GLY A . n 
# 
loop_
_pdbx_nonpoly_scheme.asym_id 
_pdbx_nonpoly_scheme.entity_id 
_pdbx_nonpoly_scheme.mon_id 
_pdbx_nonpoly_scheme.ndb_seq_num 
_pdbx_nonpoly_scheme.pdb_seq_num 
_pdbx_nonpoly_scheme.auth_seq_num 
_pdbx_nonpoly_scheme.pdb_mon_id 
_pdbx_nonpoly_scheme.auth_mon_id 
_pdbx_nonpoly_scheme.pdb_strand_id 
_pdbx_nonpoly_scheme.pdb_ins_code 
B 2 IPA 1  801 1  IPA IPA A . 
C 2 IPA 1  802 2  IPA IPA A . 
D 3 PEG 1  803 1  PEG PEG A . 
E 4 HOH 1  901 1  HOH HOH A . 
E 4 HOH 2  902 2  HOH HOH A . 
E 4 HOH 3  903 3  HOH HOH A . 
E 4 HOH 4  904 4  HOH HOH A . 
E 4 HOH 5  905 5  HOH HOH A . 
E 4 HOH 6  906 6  HOH HOH A . 
E 4 HOH 7  907 7  HOH HOH A . 
E 4 HOH 8  908 8  HOH HOH A . 
E 4 HOH 9  909 9  HOH HOH A . 
E 4 HOH 10 910 10 HOH HOH A . 
E 4 HOH 11 911 11 HOH HOH A . 
E 4 HOH 12 912 12 HOH HOH A . 
E 4 HOH 13 913 13 HOH HOH A . 
E 4 HOH 14 914 14 HOH HOH A . 
E 4 HOH 15 915 15 HOH HOH A . 
E 4 HOH 16 916 16 HOH HOH A . 
E 4 HOH 17 917 17 HOH HOH A . 
E 4 HOH 18 918 18 HOH HOH A . 
E 4 HOH 19 919 19 HOH HOH A . 
E 4 HOH 20 920 20 HOH HOH A . 
E 4 HOH 21 921 21 HOH HOH A . 
E 4 HOH 22 922 22 HOH HOH A . 
E 4 HOH 23 923 23 HOH HOH A . 
E 4 HOH 24 924 24 HOH HOH A . 
E 4 HOH 25 925 25 HOH HOH A . 
E 4 HOH 26 926 26 HOH HOH A . 
E 4 HOH 27 927 27 HOH HOH A . 
E 4 HOH 28 928 28 HOH HOH A . 
E 4 HOH 29 929 29 HOH HOH A . 
E 4 HOH 30 930 30 HOH HOH A . 
E 4 HOH 31 931 31 HOH HOH A . 
E 4 HOH 32 932 32 HOH HOH A . 
E 4 HOH 33 933 33 HOH HOH A . 
E 4 HOH 34 934 34 HOH HOH A . 
E 4 HOH 35 935 36 HOH HOH A . 
E 4 HOH 36 936 37 HOH HOH A . 
E 4 HOH 37 937 38 HOH HOH A . 
E 4 HOH 38 938 39 HOH HOH A . 
E 4 HOH 39 939 40 HOH HOH A . 
E 4 HOH 40 940 41 HOH HOH A . 
E 4 HOH 41 941 42 HOH HOH A . 
E 4 HOH 42 942 43 HOH HOH A . 
E 4 HOH 43 943 44 HOH HOH A . 
E 4 HOH 44 944 45 HOH HOH A . 
E 4 HOH 45 945 46 HOH HOH A . 
E 4 HOH 46 946 48 HOH HOH A . 
E 4 HOH 47 947 50 HOH HOH A . 
E 4 HOH 48 948 51 HOH HOH A . 
E 4 HOH 49 949 52 HOH HOH A . 
E 4 HOH 50 950 53 HOH HOH A . 
E 4 HOH 51 951 54 HOH HOH A . 
E 4 HOH 52 952 55 HOH HOH A . 
E 4 HOH 53 953 56 HOH HOH A . 
E 4 HOH 54 954 57 HOH HOH A . 
E 4 HOH 55 955 58 HOH HOH A . 
E 4 HOH 56 956 59 HOH HOH A . 
E 4 HOH 57 957 60 HOH HOH A . 
E 4 HOH 58 958 61 HOH HOH A . 
E 4 HOH 59 959 62 HOH HOH A . 
E 4 HOH 60 960 63 HOH HOH A . 
E 4 HOH 61 961 64 HOH HOH A . 
E 4 HOH 62 962 65 HOH HOH A . 
E 4 HOH 63 963 66 HOH HOH A . 
E 4 HOH 64 964 67 HOH HOH A . 
E 4 HOH 65 965 68 HOH HOH A . 
E 4 HOH 66 966 70 HOH HOH A . 
E 4 HOH 67 967 71 HOH HOH A . 
E 4 HOH 68 968 72 HOH HOH A . 
E 4 HOH 69 969 73 HOH HOH A . 
E 4 HOH 70 970 74 HOH HOH A . 
E 4 HOH 71 971 75 HOH HOH A . 
E 4 HOH 72 972 76 HOH HOH A . 
E 4 HOH 73 973 77 HOH HOH A . 
E 4 HOH 74 974 78 HOH HOH A . 
E 4 HOH 75 975 79 HOH HOH A . 
E 4 HOH 76 976 80 HOH HOH A . 
E 4 HOH 77 977 81 HOH HOH A . 
E 4 HOH 78 978 82 HOH HOH A . 
E 4 HOH 79 979 83 HOH HOH A . 
E 4 HOH 80 980 84 HOH HOH A . 
E 4 HOH 81 981 85 HOH HOH A . 
E 4 HOH 82 982 86 HOH HOH A . 
# 
loop_
_software.name 
_software.classification 
_software.version 
_software.citation_id 
_software.pdbx_ordinal 
GDA    'data collection' .         ? 1 
PHENIX 'model building'  AutoSolve ? 2 
REFMAC refinement        5.8.0049  ? 3 
XDS    'data reduction'  .         ? 4 
XDS    'data scaling'    .         ? 5 
PHENIX phasing           AutoSolve ? 6 
# 
_cell.entry_id           4QO6 
_cell.length_a           106.600 
_cell.length_b           23.910 
_cell.length_c           118.650 
_cell.angle_alpha        90.00 
_cell.angle_beta         104.95 
_cell.angle_gamma        90.00 
_cell.Z_PDB              4 
_cell.pdbx_unique_axis   ? 
_cell.length_a_esd       ? 
_cell.length_b_esd       ? 
_cell.length_c_esd       ? 
_cell.angle_alpha_esd    ? 
_cell.angle_beta_esd     ? 
_cell.angle_gamma_esd    ? 
# 
_symmetry.entry_id                         4QO6 
_symmetry.space_group_name_H-M             'C 1 2 1' 
_symmetry.pdbx_full_space_group_name_H-M   ? 
_symmetry.cell_setting                     ? 
_symmetry.Int_Tables_number                5 
_symmetry.space_group_name_Hall            ? 
# 
_exptl.entry_id          4QO6 
_exptl.method            'X-RAY DIFFRACTION' 
_exptl.crystals_number   1 
# 
_exptl_crystal.id                    1 
_exptl_crystal.density_meas          ? 
_exptl_crystal.density_Matthews      3.01 
_exptl_crystal.density_percent_sol   59.08 
_exptl_crystal.description           ? 
_exptl_crystal.F_000                 ? 
_exptl_crystal.preparation           ? 
# 
_exptl_crystal_grow.crystal_id      1 
_exptl_crystal_grow.method          'VAPOR DIFFUSION, SITTING DROP' 
_exptl_crystal_grow.temp            295 
_exptl_crystal_grow.temp_details    ? 
_exptl_crystal_grow.pH              6.0 
_exptl_crystal_grow.pdbx_details    
'50 mM MES; pH 6.0 - 3 % PEG4000 - 15 % 2-propanol - 50 mM MgCl2, VAPOR DIFFUSION, SITTING DROP, temperature 295K' 
_exptl_crystal_grow.pdbx_pH_range   ? 
# 
_diffrn.id                     1 
_diffrn.ambient_temp           100 
_diffrn.ambient_temp_details   ? 
_diffrn.crystal_id             1 
# 
_diffrn_detector.diffrn_id              1 
_diffrn_detector.detector               PIXEL 
_diffrn_detector.type                   'DECTRIS PILATUS 2M' 
_diffrn_detector.pdbx_collection_date   2013-02-09 
_diffrn_detector.details                ? 
# 
_diffrn_radiation.diffrn_id                        1 
_diffrn_radiation.wavelength_id                    1 
_diffrn_radiation.pdbx_monochromatic_or_laue_m_l   M 
_diffrn_radiation.monochromator                    yes 
_diffrn_radiation.pdbx_diffrn_protocol             'SINGLE WAVELENGTH' 
_diffrn_radiation.pdbx_scattering_type             x-ray 
# 
_diffrn_radiation_wavelength.id           1 
_diffrn_radiation_wavelength.wavelength   0.92 
_diffrn_radiation_wavelength.wt           1.0 
# 
_diffrn_source.diffrn_id                   1 
_diffrn_source.source                      SYNCHROTRON 
_diffrn_source.type                        'DIAMOND BEAMLINE I04-1' 
_diffrn_source.pdbx_synchrotron_site       Diamond 
_diffrn_source.pdbx_synchrotron_beamline   I04-1 
_diffrn_source.pdbx_wavelength             ? 
_diffrn_source.pdbx_wavelength_list        0.92 
# 
_reflns.entry_id                     4QO6 
_reflns.observed_criterion_sigma_I   2 
_reflns.observed_criterion_sigma_F   2 
_reflns.d_resolution_low             28.66 
_reflns.d_resolution_high            2.26 
_reflns.number_obs                   13969 
_reflns.number_all                   14312 
_reflns.percent_possible_obs         97.6 
_reflns.pdbx_Rmerge_I_obs            ? 
_reflns.pdbx_Rsym_value              ? 
_reflns.pdbx_netI_over_sigmaI        ? 
_reflns.B_iso_Wilson_estimate        ? 
_reflns.pdbx_redundancy              ? 
_reflns.R_free_details               ? 
_reflns.limit_h_max                  ? 
_reflns.limit_h_min                  ? 
_reflns.limit_k_max                  ? 
_reflns.limit_k_min                  ? 
_reflns.limit_l_max                  ? 
_reflns.limit_l_min                  ? 
_reflns.observed_criterion_F_max     ? 
_reflns.observed_criterion_F_min     ? 
_reflns.pdbx_chi_squared             ? 
_reflns.pdbx_scaling_rejects         ? 
_reflns.pdbx_ordinal                 1 
_reflns.pdbx_diffrn_id               1 
# 
_reflns_shell.d_res_high             2.26 
_reflns_shell.d_res_low              2.39 
_reflns_shell.percent_possible_all   92.2 
_reflns_shell.Rmerge_I_obs           ? 
_reflns_shell.pdbx_Rsym_value        ? 
_reflns_shell.meanI_over_sigI_obs    ? 
_reflns_shell.pdbx_redundancy        ? 
_reflns_shell.percent_possible_obs   ? 
_reflns_shell.number_unique_all      ? 
_reflns_shell.number_measured_all    ? 
_reflns_shell.number_measured_obs    ? 
_reflns_shell.number_unique_obs      ? 
_reflns_shell.pdbx_chi_squared       ? 
_reflns_shell.pdbx_ordinal           1 
_reflns_shell.pdbx_diffrn_id         1 
# 
_refine.entry_id                                 4QO6 
_refine.ls_number_reflns_obs                     13267 
_refine.ls_number_reflns_all                     14312 
_refine.pdbx_ls_sigma_I                          ? 
_refine.pdbx_ls_sigma_F                          2.0 
_refine.pdbx_data_cutoff_high_absF               ? 
_refine.pdbx_data_cutoff_low_absF                ? 
_refine.pdbx_data_cutoff_high_rms_absF           ? 
_refine.ls_d_res_low                             28.66 
_refine.ls_d_res_high                            2.26 
_refine.ls_percent_reflns_obs                    98.03 
_refine.ls_R_factor_obs                          0.19696 
_refine.ls_R_factor_all                          ? 
_refine.ls_R_factor_R_work                       0.19462 
_refine.ls_R_factor_R_free                       0.24133 
_refine.ls_R_factor_R_free_error                 ? 
_refine.ls_R_factor_R_free_error_details         ? 
_refine.ls_percent_reflns_R_free                 5.0 
_refine.ls_number_reflns_R_free                  699 
_refine.ls_number_parameters                     ? 
_refine.ls_number_restraints                     ? 
_refine.occupancy_min                            ? 
_refine.occupancy_max                            ? 
_refine.correlation_coeff_Fo_to_Fc               0.948 
_refine.correlation_coeff_Fo_to_Fc_free          0.923 
_refine.B_iso_mean                               38.091 
_refine.aniso_B[1][1]                            3.50 
_refine.aniso_B[2][2]                            -1.26 
_refine.aniso_B[3][3]                            -1.65 
_refine.aniso_B[1][2]                            0.00 
_refine.aniso_B[1][3]                            -0.68 
_refine.aniso_B[2][3]                            0.00 
_refine.solvent_model_details                    MASK 
_refine.solvent_model_param_ksol                 ? 
_refine.solvent_model_param_bsol                 ? 
_refine.pdbx_solvent_vdw_probe_radii             1.20 
_refine.pdbx_solvent_ion_probe_radii             0.80 
_refine.pdbx_solvent_shrinkage_radii             0.80 
_refine.pdbx_ls_cross_valid_method               THROUGHOUT 
_refine.details                                  'HYDROGENS HAVE BEEN ADDED IN THE RIDING POSITIONS' 
_refine.pdbx_starting_model                      ? 
_refine.pdbx_method_to_determine_struct          SAD 
_refine.pdbx_isotropic_thermal_model             ? 
_refine.pdbx_stereochemistry_target_values       'MAXIMUM LIKELIHOOD' 
_refine.pdbx_stereochem_target_val_spec_case     ? 
_refine.pdbx_R_Free_selection_details            RANDOM 
_refine.pdbx_overall_ESU_R                       0.242 
_refine.pdbx_overall_ESU_R_Free                  0.205 
_refine.overall_SU_ML                            0.154 
_refine.pdbx_overall_phase_error                 ? 
_refine.overall_SU_B                             6.243 
_refine.overall_SU_R_Cruickshank_DPI             ? 
_refine.ls_redundancy_reflns_obs                 ? 
_refine.B_iso_min                                ? 
_refine.B_iso_max                                ? 
_refine.overall_SU_R_free                        ? 
_refine.ls_wR_factor_R_free                      ? 
_refine.ls_wR_factor_R_work                      ? 
_refine.overall_FOM_free_R_set                   ? 
_refine.overall_FOM_work_R_set                   ? 
_refine.pdbx_diffrn_id                           1 
_refine.pdbx_refine_id                           'X-RAY DIFFRACTION' 
_refine.pdbx_TLS_residual_ADP_flag               ? 
_refine.pdbx_overall_SU_R_free_Cruickshank_DPI   ? 
_refine.pdbx_overall_SU_R_Blow_DPI               ? 
_refine.pdbx_overall_SU_R_free_Blow_DPI          ? 
# 
_refine_hist.pdbx_refine_id                   'X-RAY DIFFRACTION' 
_refine_hist.cycle_id                         LAST 
_refine_hist.pdbx_number_atoms_protein        1655 
_refine_hist.pdbx_number_atoms_nucleic_acid   0 
_refine_hist.pdbx_number_atoms_ligand         15 
_refine_hist.number_atoms_solvent             82 
_refine_hist.number_atoms_total               1752 
_refine_hist.d_res_high                       2.26 
_refine_hist.d_res_low                        28.66 
# 
loop_
_refine_ls_restr.type 
_refine_ls_restr.dev_ideal 
_refine_ls_restr.dev_ideal_target 
_refine_ls_restr.weight 
_refine_ls_restr.number 
_refine_ls_restr.pdbx_restraint_function 
_refine_ls_restr.pdbx_refine_id 
r_bond_refined_d       0.016  0.019  ? 1735 ? 'X-RAY DIFFRACTION' 
r_bond_other_d         0.001  0.020  ? 1683 ? 'X-RAY DIFFRACTION' 
r_angle_refined_deg    1.766  1.951  ? 2356 ? 'X-RAY DIFFRACTION' 
r_angle_other_deg      0.885  3.000  ? 3864 ? 'X-RAY DIFFRACTION' 
r_dihedral_angle_1_deg 6.966  5.000  ? 218  ? 'X-RAY DIFFRACTION' 
r_dihedral_angle_2_deg 40.569 25.747 ? 87   ? 'X-RAY DIFFRACTION' 
r_dihedral_angle_3_deg 15.524 15.000 ? 299  ? 'X-RAY DIFFRACTION' 
r_dihedral_angle_4_deg 17.013 15.000 ? 5    ? 'X-RAY DIFFRACTION' 
r_chiral_restr         0.102  0.200  ? 270  ? 'X-RAY DIFFRACTION' 
r_gen_planes_refined   0.007  0.020  ? 1997 ? 'X-RAY DIFFRACTION' 
r_gen_planes_other     0.001  0.020  ? 404  ? 'X-RAY DIFFRACTION' 
r_mcbond_it            3.047  3.488  ? 848  ? 'X-RAY DIFFRACTION' 
r_mcbond_other         3.037  3.486  ? 847  ? 'X-RAY DIFFRACTION' 
r_mcangle_it           4.472  5.217  ? 1062 ? 'X-RAY DIFFRACTION' 
r_mcangle_other        4.470  5.220  ? 1063 ? 'X-RAY DIFFRACTION' 
r_scbond_it            3.768  3.994  ? 887  ? 'X-RAY DIFFRACTION' 
r_scbond_other         3.758  3.994  ? 887  ? 'X-RAY DIFFRACTION' 
r_scangle_other        6.098  5.777  ? 1291 ? 'X-RAY DIFFRACTION' 
r_long_range_B_refined 8.504  28.051 ? 1917 ? 'X-RAY DIFFRACTION' 
r_long_range_B_other   8.501  28.053 ? 1917 ? 'X-RAY DIFFRACTION' 
# 
_refine_ls_shell.pdbx_total_number_of_bins_used   20 
_refine_ls_shell.d_res_high                       2.258 
_refine_ls_shell.d_res_low                        2.316 
_refine_ls_shell.number_reflns_R_work             903 
_refine_ls_shell.R_factor_R_work                  0.265 
_refine_ls_shell.percent_reflns_obs               93.05 
_refine_ls_shell.R_factor_R_free                  0.243 
_refine_ls_shell.R_factor_R_free_error            ? 
_refine_ls_shell.percent_reflns_R_free            ? 
_refine_ls_shell.number_reflns_R_free             48 
_refine_ls_shell.number_reflns_all                ? 
_refine_ls_shell.R_factor_all                     ? 
_refine_ls_shell.number_reflns_obs                ? 
_refine_ls_shell.redundancy_reflns_obs            ? 
_refine_ls_shell.pdbx_refine_id                   'X-RAY DIFFRACTION' 
# 
_struct.entry_id                  4QO6 
_struct.title                     
'Structural studies of CdsD, a structural protein of the Type III secretion system (TTSS) of Chlamydia trachomatis' 
_struct.pdbx_model_details        ? 
_struct.pdbx_CASP_flag            ? 
_struct.pdbx_model_type_details   ? 
# 
_struct_keywords.entry_id        4QO6 
_struct_keywords.pdbx_keywords   'STRUCTURAL PROTEIN' 
_struct_keywords.text            
;Membrane protein, Structural protein of the type III secretion system, inner membrane ring of the type III secretion system, STRUCTURAL PROTEIN
;
# 
loop_
_struct_asym.id 
_struct_asym.pdbx_blank_PDB_chainid_flag 
_struct_asym.pdbx_modified 
_struct_asym.entity_id 
_struct_asym.details 
A N N 1 ? 
B N N 2 ? 
C N N 2 ? 
D N N 3 ? 
E N N 4 ? 
# 
_struct_ref.id                         1 
_struct_ref.db_name                    UNP 
_struct_ref.db_code                    O84671_CHLTR 
_struct_ref.pdbx_db_accession          O84671 
_struct_ref.entity_id                  1 
_struct_ref.pdbx_seq_one_letter_code   
;VSIDQIDLIHDIEHVIQQFPTVRFTFNKNNGQLFLIGHVRNSIDKSELLYKVDALSFVKSVDDNVIDDEAVWQEMNILLS
KNPEFKGISMQSPEPGIFVISGYLKTEEQAACLADYLNLHFNYLSLLDNKVIIESQVMKALAGHLVQSGFANVHVSFTNG
EAVLTGYINNKDADKFRTVVQELQDIAGIRAVKNFVVLLPAEEGVIDLNMRYPG
;
_struct_ref.pdbx_align_begin           558 
_struct_ref.pdbx_db_isoform            ? 
# 
_struct_ref_seq.align_id                      1 
_struct_ref_seq.ref_id                        1 
_struct_ref_seq.pdbx_PDB_id_code              4QO6 
_struct_ref_seq.pdbx_strand_id                A 
_struct_ref_seq.seq_align_beg                 4 
_struct_ref_seq.pdbx_seq_align_beg_ins_code   ? 
_struct_ref_seq.seq_align_end                 217 
_struct_ref_seq.pdbx_seq_align_end_ins_code   ? 
_struct_ref_seq.pdbx_db_accession             O84671 
_struct_ref_seq.db_align_beg                  558 
_struct_ref_seq.pdbx_db_align_beg_ins_code    ? 
_struct_ref_seq.db_align_end                  771 
_struct_ref_seq.pdbx_db_align_end_ins_code    ? 
_struct_ref_seq.pdbx_auth_seq_align_beg       558 
_struct_ref_seq.pdbx_auth_seq_align_end       771 
# 
loop_
_struct_ref_seq_dif.align_id 
_struct_ref_seq_dif.pdbx_pdb_id_code 
_struct_ref_seq_dif.mon_id 
_struct_ref_seq_dif.pdbx_pdb_strand_id 
_struct_ref_seq_dif.seq_num 
_struct_ref_seq_dif.pdbx_pdb_ins_code 
_struct_ref_seq_dif.pdbx_seq_db_name 
_struct_ref_seq_dif.pdbx_seq_db_accession_code 
_struct_ref_seq_dif.db_mon_id 
_struct_ref_seq_dif.pdbx_seq_db_seq_num 
_struct_ref_seq_dif.details 
_struct_ref_seq_dif.pdbx_auth_seq_num 
_struct_ref_seq_dif.pdbx_ordinal 
1 4QO6 GLY A 1 ? UNP O84671 ? ? 'expression tag' 555 1 
1 4QO6 SER A 2 ? UNP O84671 ? ? 'expression tag' 556 2 
1 4QO6 HIS A 3 ? UNP O84671 ? ? 'expression tag' 557 3 
# 
_pdbx_struct_assembly.id                   1 
_pdbx_struct_assembly.details              author_and_software_defined_assembly 
_pdbx_struct_assembly.method_details       PISA 
_pdbx_struct_assembly.oligomeric_details   monomeric 
_pdbx_struct_assembly.oligomeric_count     1 
# 
_pdbx_struct_assembly_gen.assembly_id       1 
_pdbx_struct_assembly_gen.oper_expression   1 
_pdbx_struct_assembly_gen.asym_id_list      A,B,C,D,E 
# 
_pdbx_struct_oper_list.id                   1 
_pdbx_struct_oper_list.type                 'identity operation' 
_pdbx_struct_oper_list.name                 1_555 
_pdbx_struct_oper_list.symmetry_operation   x,y,z 
_pdbx_struct_oper_list.matrix[1][1]         1.0000000000 
_pdbx_struct_oper_list.matrix[1][2]         0.0000000000 
_pdbx_struct_oper_list.matrix[1][3]         0.0000000000 
_pdbx_struct_oper_list.vector[1]            0.0000000000 
_pdbx_struct_oper_list.matrix[2][1]         0.0000000000 
_pdbx_struct_oper_list.matrix[2][2]         1.0000000000 
_pdbx_struct_oper_list.matrix[2][3]         0.0000000000 
_pdbx_struct_oper_list.vector[2]            0.0000000000 
_pdbx_struct_oper_list.matrix[3][1]         0.0000000000 
_pdbx_struct_oper_list.matrix[3][2]         0.0000000000 
_pdbx_struct_oper_list.matrix[3][3]         1.0000000000 
_pdbx_struct_oper_list.vector[3]            0.0000000000 
# 
_struct_biol.id        1 
_struct_biol.details   ? 
# 
loop_
_struct_conf.conf_type_id 
_struct_conf.id 
_struct_conf.pdbx_PDB_helix_id 
_struct_conf.beg_label_comp_id 
_struct_conf.beg_label_asym_id 
_struct_conf.beg_label_seq_id 
_struct_conf.pdbx_beg_PDB_ins_code 
_struct_conf.end_label_comp_id 
_struct_conf.end_label_asym_id 
_struct_conf.end_label_seq_id 
_struct_conf.pdbx_end_PDB_ins_code 
_struct_conf.beg_auth_comp_id 
_struct_conf.beg_auth_asym_id 
_struct_conf.beg_auth_seq_id 
_struct_conf.end_auth_comp_id 
_struct_conf.end_auth_asym_id 
_struct_conf.end_auth_seq_id 
_struct_conf.pdbx_PDB_helix_class 
_struct_conf.details 
_struct_conf.pdbx_PDB_helix_length 
HELX_P HELX_P1 1 ILE A 9   ? GLN A 20  ? ILE A 563 GLN A 574 1 ? 12 
HELX_P HELX_P2 2 ASN A 44  ? ALA A 57  ? ASN A 598 ALA A 611 1 ? 14 
HELX_P HELX_P3 3 ASP A 71  ? LYS A 84  ? ASP A 625 LYS A 638 1 ? 14 
HELX_P HELX_P4 4 ASN A 85  ? LYS A 89  ? ASN A 639 LYS A 643 5 ? 5  
HELX_P HELX_P5 5 THR A 109 ? PHE A 124 ? THR A 663 PHE A 678 1 ? 16 
HELX_P HELX_P6 6 TYR A 126 ? SER A 128 ? TYR A 680 SER A 682 5 ? 3  
HELX_P HELX_P7 7 GLU A 137 ? SER A 151 ? GLU A 691 SER A 705 1 ? 15 
HELX_P HELX_P8 8 ASP A 175 ? ASP A 188 ? ASP A 729 ASP A 742 1 ? 14 
HELX_P HELX_P9 9 ALA A 204 ? TYR A 215 ? ALA A 758 TYR A 769 1 ? 12 
# 
_struct_conf_type.id          HELX_P 
_struct_conf_type.criteria    ? 
_struct_conf_type.reference   ? 
# 
loop_
_struct_sheet.id 
_struct_sheet.type 
_struct_sheet.number_strands 
_struct_sheet.details 
A ? 3 ? 
B ? 3 ? 
C ? 2 ? 
D ? 3 ? 
E ? 2 ? 
# 
loop_
_struct_sheet_order.sheet_id 
_struct_sheet_order.range_id_1 
_struct_sheet_order.range_id_2 
_struct_sheet_order.offset 
_struct_sheet_order.sense 
A 1 2 ? anti-parallel 
A 2 3 ? parallel      
B 1 2 ? anti-parallel 
B 2 3 ? parallel      
C 1 2 ? parallel      
D 1 2 ? anti-parallel 
D 2 3 ? parallel      
E 1 2 ? parallel      
# 
loop_
_struct_sheet_range.sheet_id 
_struct_sheet_range.id 
_struct_sheet_range.beg_label_comp_id 
_struct_sheet_range.beg_label_asym_id 
_struct_sheet_range.beg_label_seq_id 
_struct_sheet_range.pdbx_beg_PDB_ins_code 
_struct_sheet_range.end_label_comp_id 
_struct_sheet_range.end_label_asym_id 
_struct_sheet_range.end_label_seq_id 
_struct_sheet_range.pdbx_end_PDB_ins_code 
_struct_sheet_range.beg_auth_comp_id 
_struct_sheet_range.beg_auth_asym_id 
_struct_sheet_range.beg_auth_seq_id 
_struct_sheet_range.end_auth_comp_id 
_struct_sheet_range.end_auth_asym_id 
_struct_sheet_range.end_auth_seq_id 
A 1 ARG A 26  ? PHE A 29  ? ARG A 580 PHE A 583 
A 2 GLN A 35  ? VAL A 42  ? GLN A 589 VAL A 596 
A 3 SER A 63  ? ASP A 70  ? SER A 617 ASP A 624 
B 1 SER A 92  ? GLU A 97  ? SER A 646 GLU A 651 
B 2 ILE A 100 ? SER A 104 ? ILE A 654 SER A 658 
B 3 LEU A 130 ? ASN A 132 ? LEU A 684 ASN A 686 
C 1 TYR A 106 ? LEU A 107 ? TYR A 660 LEU A 661 
C 2 ILE A 135 ? ILE A 136 ? ILE A 689 ILE A 690 
D 1 HIS A 157 ? THR A 161 ? HIS A 711 THR A 715 
D 2 GLU A 164 ? THR A 168 ? GLU A 718 THR A 722 
D 3 ALA A 194 ? ASN A 197 ? ALA A 748 ASN A 751 
E 1 TYR A 170 ? ASN A 172 ? TYR A 724 ASN A 726 
E 2 VAL A 200 ? LEU A 202 ? VAL A 754 LEU A 756 
# 
loop_
_pdbx_struct_sheet_hbond.sheet_id 
_pdbx_struct_sheet_hbond.range_id_1 
_pdbx_struct_sheet_hbond.range_id_2 
_pdbx_struct_sheet_hbond.range_1_label_atom_id 
_pdbx_struct_sheet_hbond.range_1_label_comp_id 
_pdbx_struct_sheet_hbond.range_1_label_asym_id 
_pdbx_struct_sheet_hbond.range_1_label_seq_id 
_pdbx_struct_sheet_hbond.range_1_PDB_ins_code 
_pdbx_struct_sheet_hbond.range_1_auth_atom_id 
_pdbx_struct_sheet_hbond.range_1_auth_comp_id 
_pdbx_struct_sheet_hbond.range_1_auth_asym_id 
_pdbx_struct_sheet_hbond.range_1_auth_seq_id 
_pdbx_struct_sheet_hbond.range_2_label_atom_id 
_pdbx_struct_sheet_hbond.range_2_label_comp_id 
_pdbx_struct_sheet_hbond.range_2_label_asym_id 
_pdbx_struct_sheet_hbond.range_2_label_seq_id 
_pdbx_struct_sheet_hbond.range_2_PDB_ins_code 
_pdbx_struct_sheet_hbond.range_2_auth_atom_id 
_pdbx_struct_sheet_hbond.range_2_auth_comp_id 
_pdbx_struct_sheet_hbond.range_2_auth_asym_id 
_pdbx_struct_sheet_hbond.range_2_auth_seq_id 
A 1 2 N THR A 28  ? N THR A 582 O PHE A 37  ? O PHE A 591 
A 2 3 N LEU A 36  ? N LEU A 590 O ASP A 65  ? O ASP A 619 
B 1 2 N GLU A 97  ? N GLU A 651 O ILE A 100 ? O ILE A 654 
B 2 3 N PHE A 101 ? N PHE A 655 O ASP A 131 ? O ASP A 685 
C 1 2 N LEU A 107 ? N LEU A 661 O ILE A 135 ? O ILE A 689 
D 1 2 N SER A 159 ? N SER A 713 O VAL A 166 ? O VAL A 720 
D 2 3 N ALA A 165 ? N ALA A 719 O LYS A 196 ? O LYS A 750 
E 1 2 N ILE A 171 ? N ILE A 725 O LEU A 202 ? O LEU A 756 
# 
loop_
_struct_site.id 
_struct_site.pdbx_evidence_code 
_struct_site.pdbx_auth_asym_id 
_struct_site.pdbx_auth_comp_id 
_struct_site.pdbx_auth_seq_id 
_struct_site.pdbx_auth_ins_code 
_struct_site.pdbx_num_residues 
_struct_site.details 
AC1 Software A IPA 801 ? 2 'BINDING SITE FOR RESIDUE IPA A 801' 
AC2 Software A IPA 802 ? 2 'BINDING SITE FOR RESIDUE IPA A 802' 
AC3 Software A PEG 803 ? 6 'BINDING SITE FOR RESIDUE PEG A 803' 
# 
loop_
_struct_site_gen.id 
_struct_site_gen.site_id 
_struct_site_gen.pdbx_num_res 
_struct_site_gen.label_comp_id 
_struct_site_gen.label_asym_id 
_struct_site_gen.label_seq_id 
_struct_site_gen.pdbx_auth_ins_code 
_struct_site_gen.auth_comp_id 
_struct_site_gen.auth_asym_id 
_struct_site_gen.auth_seq_id 
_struct_site_gen.label_atom_id 
_struct_site_gen.label_alt_id 
_struct_site_gen.symmetry 
_struct_site_gen.details 
1  AC1 2 LEU A 129 ? LEU A 683 . ? 1_555 ? 
2  AC1 2 LEU A 130 ? LEU A 684 . ? 1_555 ? 
3  AC2 2 ARG A 26  ? ARG A 580 . ? 1_555 ? 
4  AC2 2 SER A 45  ? SER A 599 . ? 1_545 ? 
5  AC3 6 ASN A 79  ? ASN A 633 . ? 1_555 ? 
6  AC3 6 SER A 83  ? SER A 637 . ? 1_555 ? 
7  AC3 6 ILE A 91  ? ILE A 645 . ? 1_555 ? 
8  AC3 6 SER A 92  ? SER A 646 . ? 1_555 ? 
9  AC3 6 GLN A 94  ? GLN A 648 . ? 1_555 ? 
10 AC3 6 SER A 128 ? SER A 682 . ? 1_565 ? 
# 
loop_
_pdbx_validate_torsion.id 
_pdbx_validate_torsion.PDB_model_num 
_pdbx_validate_torsion.auth_comp_id 
_pdbx_validate_torsion.auth_asym_id 
_pdbx_validate_torsion.auth_seq_id 
_pdbx_validate_torsion.PDB_ins_code 
_pdbx_validate_torsion.label_alt_id 
_pdbx_validate_torsion.phi 
_pdbx_validate_torsion.psi 
1 1 THR A 578 ? ? 78.06  -12.07  
2 1 ASN A 709 ? ? 77.04  -94.97  
3 1 ASP A 742 ? ? -98.91 50.26   
4 1 ALA A 744 ? ? 34.67  -125.84 
# 
_pdbx_validate_peptide_omega.id               1 
_pdbx_validate_peptide_omega.PDB_model_num    1 
_pdbx_validate_peptide_omega.auth_comp_id_1   ALA 
_pdbx_validate_peptide_omega.auth_asym_id_1   A 
_pdbx_validate_peptide_omega.auth_seq_id_1    708 
_pdbx_validate_peptide_omega.PDB_ins_code_1   ? 
_pdbx_validate_peptide_omega.label_alt_id_1   ? 
_pdbx_validate_peptide_omega.auth_comp_id_2   ASN 
_pdbx_validate_peptide_omega.auth_asym_id_2   A 
_pdbx_validate_peptide_omega.auth_seq_id_2    709 
_pdbx_validate_peptide_omega.PDB_ins_code_2   ? 
_pdbx_validate_peptide_omega.label_alt_id_2   ? 
_pdbx_validate_peptide_omega.omega            45.97 
# 
loop_
_pdbx_unobs_or_zero_occ_residues.id 
_pdbx_unobs_or_zero_occ_residues.PDB_model_num 
_pdbx_unobs_or_zero_occ_residues.polymer_flag 
_pdbx_unobs_or_zero_occ_residues.occupancy_flag 
_pdbx_unobs_or_zero_occ_residues.auth_asym_id 
_pdbx_unobs_or_zero_occ_residues.auth_comp_id 
_pdbx_unobs_or_zero_occ_residues.auth_seq_id 
_pdbx_unobs_or_zero_occ_residues.PDB_ins_code 
_pdbx_unobs_or_zero_occ_residues.label_asym_id 
_pdbx_unobs_or_zero_occ_residues.label_comp_id 
_pdbx_unobs_or_zero_occ_residues.label_seq_id 
1 1 Y 1 A GLY 555 ? A GLY 1 
2 1 Y 1 A SER 556 ? A SER 2 
3 1 Y 1 A HIS 557 ? A HIS 3 
4 1 Y 1 A VAL 558 ? A VAL 4 
5 1 Y 1 A SER 559 ? A SER 5 
6 1 Y 1 A ILE 560 ? A ILE 6 
7 1 Y 1 A ASP 561 ? A ASP 7 
8 1 Y 1 A GLN 562 ? A GLN 8 
# 
loop_
_chem_comp_atom.comp_id 
_chem_comp_atom.atom_id 
_chem_comp_atom.type_symbol 
_chem_comp_atom.pdbx_aromatic_flag 
_chem_comp_atom.pdbx_stereo_config 
_chem_comp_atom.pdbx_ordinal 
ALA N    N N N 1   
ALA CA   C N S 2   
ALA C    C N N 3   
ALA O    O N N 4   
ALA CB   C N N 5   
ALA OXT  O N N 6   
ALA H    H N N 7   
ALA H2   H N N 8   
ALA HA   H N N 9   
ALA HB1  H N N 10  
ALA HB2  H N N 11  
ALA HB3  H N N 12  
ALA HXT  H N N 13  
ARG N    N N N 14  
ARG CA   C N S 15  
ARG C    C N N 16  
ARG O    O N N 17  
ARG CB   C N N 18  
ARG CG   C N N 19  
ARG CD   C N N 20  
ARG NE   N N N 21  
ARG CZ   C N N 22  
ARG NH1  N N N 23  
ARG NH2  N N N 24  
ARG OXT  O N N 25  
ARG H    H N N 26  
ARG H2   H N N 27  
ARG HA   H N N 28  
ARG HB2  H N N 29  
ARG HB3  H N N 30  
ARG HG2  H N N 31  
ARG HG3  H N N 32  
ARG HD2  H N N 33  
ARG HD3  H N N 34  
ARG HE   H N N 35  
ARG HH11 H N N 36  
ARG HH12 H N N 37  
ARG HH21 H N N 38  
ARG HH22 H N N 39  
ARG HXT  H N N 40  
ASN N    N N N 41  
ASN CA   C N S 42  
ASN C    C N N 43  
ASN O    O N N 44  
ASN CB   C N N 45  
ASN CG   C N N 46  
ASN OD1  O N N 47  
ASN ND2  N N N 48  
ASN OXT  O N N 49  
ASN H    H N N 50  
ASN H2   H N N 51  
ASN HA   H N N 52  
ASN HB2  H N N 53  
ASN HB3  H N N 54  
ASN HD21 H N N 55  
ASN HD22 H N N 56  
ASN HXT  H N N 57  
ASP N    N N N 58  
ASP CA   C N S 59  
ASP C    C N N 60  
ASP O    O N N 61  
ASP CB   C N N 62  
ASP CG   C N N 63  
ASP OD1  O N N 64  
ASP OD2  O N N 65  
ASP OXT  O N N 66  
ASP H    H N N 67  
ASP H2   H N N 68  
ASP HA   H N N 69  
ASP HB2  H N N 70  
ASP HB3  H N N 71  
ASP HD2  H N N 72  
ASP HXT  H N N 73  
CYS N    N N N 74  
CYS CA   C N R 75  
CYS C    C N N 76  
CYS O    O N N 77  
CYS CB   C N N 78  
CYS SG   S N N 79  
CYS OXT  O N N 80  
CYS H    H N N 81  
CYS H2   H N N 82  
CYS HA   H N N 83  
CYS HB2  H N N 84  
CYS HB3  H N N 85  
CYS HG   H N N 86  
CYS HXT  H N N 87  
GLN N    N N N 88  
GLN CA   C N S 89  
GLN C    C N N 90  
GLN O    O N N 91  
GLN CB   C N N 92  
GLN CG   C N N 93  
GLN CD   C N N 94  
GLN OE1  O N N 95  
GLN NE2  N N N 96  
GLN OXT  O N N 97  
GLN H    H N N 98  
GLN H2   H N N 99  
GLN HA   H N N 100 
GLN HB2  H N N 101 
GLN HB3  H N N 102 
GLN HG2  H N N 103 
GLN HG3  H N N 104 
GLN HE21 H N N 105 
GLN HE22 H N N 106 
GLN HXT  H N N 107 
GLU N    N N N 108 
GLU CA   C N S 109 
GLU C    C N N 110 
GLU O    O N N 111 
GLU CB   C N N 112 
GLU CG   C N N 113 
GLU CD   C N N 114 
GLU OE1  O N N 115 
GLU OE2  O N N 116 
GLU OXT  O N N 117 
GLU H    H N N 118 
GLU H2   H N N 119 
GLU HA   H N N 120 
GLU HB2  H N N 121 
GLU HB3  H N N 122 
GLU HG2  H N N 123 
GLU HG3  H N N 124 
GLU HE2  H N N 125 
GLU HXT  H N N 126 
GLY N    N N N 127 
GLY CA   C N N 128 
GLY C    C N N 129 
GLY O    O N N 130 
GLY OXT  O N N 131 
GLY H    H N N 132 
GLY H2   H N N 133 
GLY HA2  H N N 134 
GLY HA3  H N N 135 
GLY HXT  H N N 136 
HIS N    N N N 137 
HIS CA   C N S 138 
HIS C    C N N 139 
HIS O    O N N 140 
HIS CB   C N N 141 
HIS CG   C Y N 142 
HIS ND1  N Y N 143 
HIS CD2  C Y N 144 
HIS CE1  C Y N 145 
HIS NE2  N Y N 146 
HIS OXT  O N N 147 
HIS H    H N N 148 
HIS H2   H N N 149 
HIS HA   H N N 150 
HIS HB2  H N N 151 
HIS HB3  H N N 152 
HIS HD1  H N N 153 
HIS HD2  H N N 154 
HIS HE1  H N N 155 
HIS HE2  H N N 156 
HIS HXT  H N N 157 
HOH O    O N N 158 
HOH H1   H N N 159 
HOH H2   H N N 160 
ILE N    N N N 161 
ILE CA   C N S 162 
ILE C    C N N 163 
ILE O    O N N 164 
ILE CB   C N S 165 
ILE CG1  C N N 166 
ILE CG2  C N N 167 
ILE CD1  C N N 168 
ILE OXT  O N N 169 
ILE H    H N N 170 
ILE H2   H N N 171 
ILE HA   H N N 172 
ILE HB   H N N 173 
ILE HG12 H N N 174 
ILE HG13 H N N 175 
ILE HG21 H N N 176 
ILE HG22 H N N 177 
ILE HG23 H N N 178 
ILE HD11 H N N 179 
ILE HD12 H N N 180 
ILE HD13 H N N 181 
ILE HXT  H N N 182 
IPA C1   C N N 183 
IPA C2   C N N 184 
IPA C3   C N N 185 
IPA O2   O N N 186 
IPA H11  H N N 187 
IPA H12  H N N 188 
IPA H13  H N N 189 
IPA H2   H N N 190 
IPA H31  H N N 191 
IPA H32  H N N 192 
IPA H33  H N N 193 
IPA HO2  H N N 194 
LEU N    N N N 195 
LEU CA   C N S 196 
LEU C    C N N 197 
LEU O    O N N 198 
LEU CB   C N N 199 
LEU CG   C N N 200 
LEU CD1  C N N 201 
LEU CD2  C N N 202 
LEU OXT  O N N 203 
LEU H    H N N 204 
LEU H2   H N N 205 
LEU HA   H N N 206 
LEU HB2  H N N 207 
LEU HB3  H N N 208 
LEU HG   H N N 209 
LEU HD11 H N N 210 
LEU HD12 H N N 211 
LEU HD13 H N N 212 
LEU HD21 H N N 213 
LEU HD22 H N N 214 
LEU HD23 H N N 215 
LEU HXT  H N N 216 
LYS N    N N N 217 
LYS CA   C N S 218 
LYS C    C N N 219 
LYS O    O N N 220 
LYS CB   C N N 221 
LYS CG   C N N 222 
LYS CD   C N N 223 
LYS CE   C N N 224 
LYS NZ   N N N 225 
LYS OXT  O N N 226 
LYS H    H N N 227 
LYS H2   H N N 228 
LYS HA   H N N 229 
LYS HB2  H N N 230 
LYS HB3  H N N 231 
LYS HG2  H N N 232 
LYS HG3  H N N 233 
LYS HD2  H N N 234 
LYS HD3  H N N 235 
LYS HE2  H N N 236 
LYS HE3  H N N 237 
LYS HZ1  H N N 238 
LYS HZ2  H N N 239 
LYS HZ3  H N N 240 
LYS HXT  H N N 241 
MET N    N N N 242 
MET CA   C N S 243 
MET C    C N N 244 
MET O    O N N 245 
MET CB   C N N 246 
MET CG   C N N 247 
MET SD   S N N 248 
MET CE   C N N 249 
MET OXT  O N N 250 
MET H    H N N 251 
MET H2   H N N 252 
MET HA   H N N 253 
MET HB2  H N N 254 
MET HB3  H N N 255 
MET HG2  H N N 256 
MET HG3  H N N 257 
MET HE1  H N N 258 
MET HE2  H N N 259 
MET HE3  H N N 260 
MET HXT  H N N 261 
PEG C1   C N N 262 
PEG O1   O N N 263 
PEG C2   C N N 264 
PEG O2   O N N 265 
PEG C3   C N N 266 
PEG C4   C N N 267 
PEG O4   O N N 268 
PEG H11  H N N 269 
PEG H12  H N N 270 
PEG HO1  H N N 271 
PEG H21  H N N 272 
PEG H22  H N N 273 
PEG H31  H N N 274 
PEG H32  H N N 275 
PEG H41  H N N 276 
PEG H42  H N N 277 
PEG HO4  H N N 278 
PHE N    N N N 279 
PHE CA   C N S 280 
PHE C    C N N 281 
PHE O    O N N 282 
PHE CB   C N N 283 
PHE CG   C Y N 284 
PHE CD1  C Y N 285 
PHE CD2  C Y N 286 
PHE CE1  C Y N 287 
PHE CE2  C Y N 288 
PHE CZ   C Y N 289 
PHE OXT  O N N 290 
PHE H    H N N 291 
PHE H2   H N N 292 
PHE HA   H N N 293 
PHE HB2  H N N 294 
PHE HB3  H N N 295 
PHE HD1  H N N 296 
PHE HD2  H N N 297 
PHE HE1  H N N 298 
PHE HE2  H N N 299 
PHE HZ   H N N 300 
PHE HXT  H N N 301 
PRO N    N N N 302 
PRO CA   C N S 303 
PRO C    C N N 304 
PRO O    O N N 305 
PRO CB   C N N 306 
PRO CG   C N N 307 
PRO CD   C N N 308 
PRO OXT  O N N 309 
PRO H    H N N 310 
PRO HA   H N N 311 
PRO HB2  H N N 312 
PRO HB3  H N N 313 
PRO HG2  H N N 314 
PRO HG3  H N N 315 
PRO HD2  H N N 316 
PRO HD3  H N N 317 
PRO HXT  H N N 318 
SER N    N N N 319 
SER CA   C N S 320 
SER C    C N N 321 
SER O    O N N 322 
SER CB   C N N 323 
SER OG   O N N 324 
SER OXT  O N N 325 
SER H    H N N 326 
SER H2   H N N 327 
SER HA   H N N 328 
SER HB2  H N N 329 
SER HB3  H N N 330 
SER HG   H N N 331 
SER HXT  H N N 332 
THR N    N N N 333 
THR CA   C N S 334 
THR C    C N N 335 
THR O    O N N 336 
THR CB   C N R 337 
THR OG1  O N N 338 
THR CG2  C N N 339 
THR OXT  O N N 340 
THR H    H N N 341 
THR H2   H N N 342 
THR HA   H N N 343 
THR HB   H N N 344 
THR HG1  H N N 345 
THR HG21 H N N 346 
THR HG22 H N N 347 
THR HG23 H N N 348 
THR HXT  H N N 349 
TRP N    N N N 350 
TRP CA   C N S 351 
TRP C    C N N 352 
TRP O    O N N 353 
TRP CB   C N N 354 
TRP CG   C Y N 355 
TRP CD1  C Y N 356 
TRP CD2  C Y N 357 
TRP NE1  N Y N 358 
TRP CE2  C Y N 359 
TRP CE3  C Y N 360 
TRP CZ2  C Y N 361 
TRP CZ3  C Y N 362 
TRP CH2  C Y N 363 
TRP OXT  O N N 364 
TRP H    H N N 365 
TRP H2   H N N 366 
TRP HA   H N N 367 
TRP HB2  H N N 368 
TRP HB3  H N N 369 
TRP HD1  H N N 370 
TRP HE1  H N N 371 
TRP HE3  H N N 372 
TRP HZ2  H N N 373 
TRP HZ3  H N N 374 
TRP HH2  H N N 375 
TRP HXT  H N N 376 
TYR N    N N N 377 
TYR CA   C N S 378 
TYR C    C N N 379 
TYR O    O N N 380 
TYR CB   C N N 381 
TYR CG   C Y N 382 
TYR CD1  C Y N 383 
TYR CD2  C Y N 384 
TYR CE1  C Y N 385 
TYR CE2  C Y N 386 
TYR CZ   C Y N 387 
TYR OH   O N N 388 
TYR OXT  O N N 389 
TYR H    H N N 390 
TYR H2   H N N 391 
TYR HA   H N N 392 
TYR HB2  H N N 393 
TYR HB3  H N N 394 
TYR HD1  H N N 395 
TYR HD2  H N N 396 
TYR HE1  H N N 397 
TYR HE2  H N N 398 
TYR HH   H N N 399 
TYR HXT  H N N 400 
VAL N    N N N 401 
VAL CA   C N S 402 
VAL C    C N N 403 
VAL O    O N N 404 
VAL CB   C N N 405 
VAL CG1  C N N 406 
VAL CG2  C N N 407 
VAL OXT  O N N 408 
VAL H    H N N 409 
VAL H2   H N N 410 
VAL HA   H N N 411 
VAL HB   H N N 412 
VAL HG11 H N N 413 
VAL HG12 H N N 414 
VAL HG13 H N N 415 
VAL HG21 H N N 416 
VAL HG22 H N N 417 
VAL HG23 H N N 418 
VAL HXT  H N N 419 
# 
loop_
_chem_comp_bond.comp_id 
_chem_comp_bond.atom_id_1 
_chem_comp_bond.atom_id_2 
_chem_comp_bond.value_order 
_chem_comp_bond.pdbx_aromatic_flag 
_chem_comp_bond.pdbx_stereo_config 
_chem_comp_bond.pdbx_ordinal 
ALA N   CA   sing N N 1   
ALA N   H    sing N N 2   
ALA N   H2   sing N N 3   
ALA CA  C    sing N N 4   
ALA CA  CB   sing N N 5   
ALA CA  HA   sing N N 6   
ALA C   O    doub N N 7   
ALA C   OXT  sing N N 8   
ALA CB  HB1  sing N N 9   
ALA CB  HB2  sing N N 10  
ALA CB  HB3  sing N N 11  
ALA OXT HXT  sing N N 12  
ARG N   CA   sing N N 13  
ARG N   H    sing N N 14  
ARG N   H2   sing N N 15  
ARG CA  C    sing N N 16  
ARG CA  CB   sing N N 17  
ARG CA  HA   sing N N 18  
ARG C   O    doub N N 19  
ARG C   OXT  sing N N 20  
ARG CB  CG   sing N N 21  
ARG CB  HB2  sing N N 22  
ARG CB  HB3  sing N N 23  
ARG CG  CD   sing N N 24  
ARG CG  HG2  sing N N 25  
ARG CG  HG3  sing N N 26  
ARG CD  NE   sing N N 27  
ARG CD  HD2  sing N N 28  
ARG CD  HD3  sing N N 29  
ARG NE  CZ   sing N N 30  
ARG NE  HE   sing N N 31  
ARG CZ  NH1  sing N N 32  
ARG CZ  NH2  doub N N 33  
ARG NH1 HH11 sing N N 34  
ARG NH1 HH12 sing N N 35  
ARG NH2 HH21 sing N N 36  
ARG NH2 HH22 sing N N 37  
ARG OXT HXT  sing N N 38  
ASN N   CA   sing N N 39  
ASN N   H    sing N N 40  
ASN N   H2   sing N N 41  
ASN CA  C    sing N N 42  
ASN CA  CB   sing N N 43  
ASN CA  HA   sing N N 44  
ASN C   O    doub N N 45  
ASN C   OXT  sing N N 46  
ASN CB  CG   sing N N 47  
ASN CB  HB2  sing N N 48  
ASN CB  HB3  sing N N 49  
ASN CG  OD1  doub N N 50  
ASN CG  ND2  sing N N 51  
ASN ND2 HD21 sing N N 52  
ASN ND2 HD22 sing N N 53  
ASN OXT HXT  sing N N 54  
ASP N   CA   sing N N 55  
ASP N   H    sing N N 56  
ASP N   H2   sing N N 57  
ASP CA  C    sing N N 58  
ASP CA  CB   sing N N 59  
ASP CA  HA   sing N N 60  
ASP C   O    doub N N 61  
ASP C   OXT  sing N N 62  
ASP CB  CG   sing N N 63  
ASP CB  HB2  sing N N 64  
ASP CB  HB3  sing N N 65  
ASP CG  OD1  doub N N 66  
ASP CG  OD2  sing N N 67  
ASP OD2 HD2  sing N N 68  
ASP OXT HXT  sing N N 69  
CYS N   CA   sing N N 70  
CYS N   H    sing N N 71  
CYS N   H2   sing N N 72  
CYS CA  C    sing N N 73  
CYS CA  CB   sing N N 74  
CYS CA  HA   sing N N 75  
CYS C   O    doub N N 76  
CYS C   OXT  sing N N 77  
CYS CB  SG   sing N N 78  
CYS CB  HB2  sing N N 79  
CYS CB  HB3  sing N N 80  
CYS SG  HG   sing N N 81  
CYS OXT HXT  sing N N 82  
GLN N   CA   sing N N 83  
GLN N   H    sing N N 84  
GLN N   H2   sing N N 85  
GLN CA  C    sing N N 86  
GLN CA  CB   sing N N 87  
GLN CA  HA   sing N N 88  
GLN C   O    doub N N 89  
GLN C   OXT  sing N N 90  
GLN CB  CG   sing N N 91  
GLN CB  HB2  sing N N 92  
GLN CB  HB3  sing N N 93  
GLN CG  CD   sing N N 94  
GLN CG  HG2  sing N N 95  
GLN CG  HG3  sing N N 96  
GLN CD  OE1  doub N N 97  
GLN CD  NE2  sing N N 98  
GLN NE2 HE21 sing N N 99  
GLN NE2 HE22 sing N N 100 
GLN OXT HXT  sing N N 101 
GLU N   CA   sing N N 102 
GLU N   H    sing N N 103 
GLU N   H2   sing N N 104 
GLU CA  C    sing N N 105 
GLU CA  CB   sing N N 106 
GLU CA  HA   sing N N 107 
GLU C   O    doub N N 108 
GLU C   OXT  sing N N 109 
GLU CB  CG   sing N N 110 
GLU CB  HB2  sing N N 111 
GLU CB  HB3  sing N N 112 
GLU CG  CD   sing N N 113 
GLU CG  HG2  sing N N 114 
GLU CG  HG3  sing N N 115 
GLU CD  OE1  doub N N 116 
GLU CD  OE2  sing N N 117 
GLU OE2 HE2  sing N N 118 
GLU OXT HXT  sing N N 119 
GLY N   CA   sing N N 120 
GLY N   H    sing N N 121 
GLY N   H2   sing N N 122 
GLY CA  C    sing N N 123 
GLY CA  HA2  sing N N 124 
GLY CA  HA3  sing N N 125 
GLY C   O    doub N N 126 
GLY C   OXT  sing N N 127 
GLY OXT HXT  sing N N 128 
HIS N   CA   sing N N 129 
HIS N   H    sing N N 130 
HIS N   H2   sing N N 131 
HIS CA  C    sing N N 132 
HIS CA  CB   sing N N 133 
HIS CA  HA   sing N N 134 
HIS C   O    doub N N 135 
HIS C   OXT  sing N N 136 
HIS CB  CG   sing N N 137 
HIS CB  HB2  sing N N 138 
HIS CB  HB3  sing N N 139 
HIS CG  ND1  sing Y N 140 
HIS CG  CD2  doub Y N 141 
HIS ND1 CE1  doub Y N 142 
HIS ND1 HD1  sing N N 143 
HIS CD2 NE2  sing Y N 144 
HIS CD2 HD2  sing N N 145 
HIS CE1 NE2  sing Y N 146 
HIS CE1 HE1  sing N N 147 
HIS NE2 HE2  sing N N 148 
HIS OXT HXT  sing N N 149 
HOH O   H1   sing N N 150 
HOH O   H2   sing N N 151 
ILE N   CA   sing N N 152 
ILE N   H    sing N N 153 
ILE N   H2   sing N N 154 
ILE CA  C    sing N N 155 
ILE CA  CB   sing N N 156 
ILE CA  HA   sing N N 157 
ILE C   O    doub N N 158 
ILE C   OXT  sing N N 159 
ILE CB  CG1  sing N N 160 
ILE CB  CG2  sing N N 161 
ILE CB  HB   sing N N 162 
ILE CG1 CD1  sing N N 163 
ILE CG1 HG12 sing N N 164 
ILE CG1 HG13 sing N N 165 
ILE CG2 HG21 sing N N 166 
ILE CG2 HG22 sing N N 167 
ILE CG2 HG23 sing N N 168 
ILE CD1 HD11 sing N N 169 
ILE CD1 HD12 sing N N 170 
ILE CD1 HD13 sing N N 171 
ILE OXT HXT  sing N N 172 
IPA C1  C2   sing N N 173 
IPA C1  H11  sing N N 174 
IPA C1  H12  sing N N 175 
IPA C1  H13  sing N N 176 
IPA C2  C3   sing N N 177 
IPA C2  O2   sing N N 178 
IPA C2  H2   sing N N 179 
IPA C3  H31  sing N N 180 
IPA C3  H32  sing N N 181 
IPA C3  H33  sing N N 182 
IPA O2  HO2  sing N N 183 
LEU N   CA   sing N N 184 
LEU N   H    sing N N 185 
LEU N   H2   sing N N 186 
LEU CA  C    sing N N 187 
LEU CA  CB   sing N N 188 
LEU CA  HA   sing N N 189 
LEU C   O    doub N N 190 
LEU C   OXT  sing N N 191 
LEU CB  CG   sing N N 192 
LEU CB  HB2  sing N N 193 
LEU CB  HB3  sing N N 194 
LEU CG  CD1  sing N N 195 
LEU CG  CD2  sing N N 196 
LEU CG  HG   sing N N 197 
LEU CD1 HD11 sing N N 198 
LEU CD1 HD12 sing N N 199 
LEU CD1 HD13 sing N N 200 
LEU CD2 HD21 sing N N 201 
LEU CD2 HD22 sing N N 202 
LEU CD2 HD23 sing N N 203 
LEU OXT HXT  sing N N 204 
LYS N   CA   sing N N 205 
LYS N   H    sing N N 206 
LYS N   H2   sing N N 207 
LYS CA  C    sing N N 208 
LYS CA  CB   sing N N 209 
LYS CA  HA   sing N N 210 
LYS C   O    doub N N 211 
LYS C   OXT  sing N N 212 
LYS CB  CG   sing N N 213 
LYS CB  HB2  sing N N 214 
LYS CB  HB3  sing N N 215 
LYS CG  CD   sing N N 216 
LYS CG  HG2  sing N N 217 
LYS CG  HG3  sing N N 218 
LYS CD  CE   sing N N 219 
LYS CD  HD2  sing N N 220 
LYS CD  HD3  sing N N 221 
LYS CE  NZ   sing N N 222 
LYS CE  HE2  sing N N 223 
LYS CE  HE3  sing N N 224 
LYS NZ  HZ1  sing N N 225 
LYS NZ  HZ2  sing N N 226 
LYS NZ  HZ3  sing N N 227 
LYS OXT HXT  sing N N 228 
MET N   CA   sing N N 229 
MET N   H    sing N N 230 
MET N   H2   sing N N 231 
MET CA  C    sing N N 232 
MET CA  CB   sing N N 233 
MET CA  HA   sing N N 234 
MET C   O    doub N N 235 
MET C   OXT  sing N N 236 
MET CB  CG   sing N N 237 
MET CB  HB2  sing N N 238 
MET CB  HB3  sing N N 239 
MET CG  SD   sing N N 240 
MET CG  HG2  sing N N 241 
MET CG  HG3  sing N N 242 
MET SD  CE   sing N N 243 
MET CE  HE1  sing N N 244 
MET CE  HE2  sing N N 245 
MET CE  HE3  sing N N 246 
MET OXT HXT  sing N N 247 
PEG C1  O1   sing N N 248 
PEG C1  C2   sing N N 249 
PEG C1  H11  sing N N 250 
PEG C1  H12  sing N N 251 
PEG O1  HO1  sing N N 252 
PEG C2  O2   sing N N 253 
PEG C2  H21  sing N N 254 
PEG C2  H22  sing N N 255 
PEG O2  C3   sing N N 256 
PEG C3  C4   sing N N 257 
PEG C3  H31  sing N N 258 
PEG C3  H32  sing N N 259 
PEG C4  O4   sing N N 260 
PEG C4  H41  sing N N 261 
PEG C4  H42  sing N N 262 
PEG O4  HO4  sing N N 263 
PHE N   CA   sing N N 264 
PHE N   H    sing N N 265 
PHE N   H2   sing N N 266 
PHE CA  C    sing N N 267 
PHE CA  CB   sing N N 268 
PHE CA  HA   sing N N 269 
PHE C   O    doub N N 270 
PHE C   OXT  sing N N 271 
PHE CB  CG   sing N N 272 
PHE CB  HB2  sing N N 273 
PHE CB  HB3  sing N N 274 
PHE CG  CD1  doub Y N 275 
PHE CG  CD2  sing Y N 276 
PHE CD1 CE1  sing Y N 277 
PHE CD1 HD1  sing N N 278 
PHE CD2 CE2  doub Y N 279 
PHE CD2 HD2  sing N N 280 
PHE CE1 CZ   doub Y N 281 
PHE CE1 HE1  sing N N 282 
PHE CE2 CZ   sing Y N 283 
PHE CE2 HE2  sing N N 284 
PHE CZ  HZ   sing N N 285 
PHE OXT HXT  sing N N 286 
PRO N   CA   sing N N 287 
PRO N   CD   sing N N 288 
PRO N   H    sing N N 289 
PRO CA  C    sing N N 290 
PRO CA  CB   sing N N 291 
PRO CA  HA   sing N N 292 
PRO C   O    doub N N 293 
PRO C   OXT  sing N N 294 
PRO CB  CG   sing N N 295 
PRO CB  HB2  sing N N 296 
PRO CB  HB3  sing N N 297 
PRO CG  CD   sing N N 298 
PRO CG  HG2  sing N N 299 
PRO CG  HG3  sing N N 300 
PRO CD  HD2  sing N N 301 
PRO CD  HD3  sing N N 302 
PRO OXT HXT  sing N N 303 
SER N   CA   sing N N 304 
SER N   H    sing N N 305 
SER N   H2   sing N N 306 
SER CA  C    sing N N 307 
SER CA  CB   sing N N 308 
SER CA  HA   sing N N 309 
SER C   O    doub N N 310 
SER C   OXT  sing N N 311 
SER CB  OG   sing N N 312 
SER CB  HB2  sing N N 313 
SER CB  HB3  sing N N 314 
SER OG  HG   sing N N 315 
SER OXT HXT  sing N N 316 
THR N   CA   sing N N 317 
THR N   H    sing N N 318 
THR N   H2   sing N N 319 
THR CA  C    sing N N 320 
THR CA  CB   sing N N 321 
THR CA  HA   sing N N 322 
THR C   O    doub N N 323 
THR C   OXT  sing N N 324 
THR CB  OG1  sing N N 325 
THR CB  CG2  sing N N 326 
THR CB  HB   sing N N 327 
THR OG1 HG1  sing N N 328 
THR CG2 HG21 sing N N 329 
THR CG2 HG22 sing N N 330 
THR CG2 HG23 sing N N 331 
THR OXT HXT  sing N N 332 
TRP N   CA   sing N N 333 
TRP N   H    sing N N 334 
TRP N   H2   sing N N 335 
TRP CA  C    sing N N 336 
TRP CA  CB   sing N N 337 
TRP CA  HA   sing N N 338 
TRP C   O    doub N N 339 
TRP C   OXT  sing N N 340 
TRP CB  CG   sing N N 341 
TRP CB  HB2  sing N N 342 
TRP CB  HB3  sing N N 343 
TRP CG  CD1  doub Y N 344 
TRP CG  CD2  sing Y N 345 
TRP CD1 NE1  sing Y N 346 
TRP CD1 HD1  sing N N 347 
TRP CD2 CE2  doub Y N 348 
TRP CD2 CE3  sing Y N 349 
TRP NE1 CE2  sing Y N 350 
TRP NE1 HE1  sing N N 351 
TRP CE2 CZ2  sing Y N 352 
TRP CE3 CZ3  doub Y N 353 
TRP CE3 HE3  sing N N 354 
TRP CZ2 CH2  doub Y N 355 
TRP CZ2 HZ2  sing N N 356 
TRP CZ3 CH2  sing Y N 357 
TRP CZ3 HZ3  sing N N 358 
TRP CH2 HH2  sing N N 359 
TRP OXT HXT  sing N N 360 
TYR N   CA   sing N N 361 
TYR N   H    sing N N 362 
TYR N   H2   sing N N 363 
TYR CA  C    sing N N 364 
TYR CA  CB   sing N N 365 
TYR CA  HA   sing N N 366 
TYR C   O    doub N N 367 
TYR C   OXT  sing N N 368 
TYR CB  CG   sing N N 369 
TYR CB  HB2  sing N N 370 
TYR CB  HB3  sing N N 371 
TYR CG  CD1  doub Y N 372 
TYR CG  CD2  sing Y N 373 
TYR CD1 CE1  sing Y N 374 
TYR CD1 HD1  sing N N 375 
TYR CD2 CE2  doub Y N 376 
TYR CD2 HD2  sing N N 377 
TYR CE1 CZ   doub Y N 378 
TYR CE1 HE1  sing N N 379 
TYR CE2 CZ   sing Y N 380 
TYR CE2 HE2  sing N N 381 
TYR CZ  OH   sing N N 382 
TYR OH  HH   sing N N 383 
TYR OXT HXT  sing N N 384 
VAL N   CA   sing N N 385 
VAL N   H    sing N N 386 
VAL N   H2   sing N N 387 
VAL CA  C    sing N N 388 
VAL CA  CB   sing N N 389 
VAL CA  HA   sing N N 390 
VAL C   O    doub N N 391 
VAL C   OXT  sing N N 392 
VAL CB  CG1  sing N N 393 
VAL CB  CG2  sing N N 394 
VAL CB  HB   sing N N 395 
VAL CG1 HG11 sing N N 396 
VAL CG1 HG12 sing N N 397 
VAL CG1 HG13 sing N N 398 
VAL CG2 HG21 sing N N 399 
VAL CG2 HG22 sing N N 400 
VAL CG2 HG23 sing N N 401 
VAL OXT HXT  sing N N 402 
# 
_atom_sites.entry_id                    4QO6 
_atom_sites.fract_transf_matrix[1][1]   -0.00119279 
_atom_sites.fract_transf_matrix[1][2]   -0.00926926 
_atom_sites.fract_transf_matrix[1][3]   0.00263272 
_atom_sites.fract_transf_matrix[2][1]   0.00819129 
_atom_sites.fract_transf_matrix[2][2]   -0.01217783 
_atom_sites.fract_transf_matrix[2][3]   -0.03916440 
_atom_sites.fract_transf_matrix[3][1]   0.00792324 
_atom_sites.fract_transf_matrix[3][2]   -0.00266957 
_atom_sites.fract_transf_matrix[3][3]   0.00248724 
_atom_sites.fract_transf_vector[1]      -0.075216 
_atom_sites.fract_transf_vector[2]      -0.286806 
_atom_sites.fract_transf_vector[3]      0.178134 
# 
loop_
_atom_type.symbol 
C 
N 
O 
S 
# 
loop_
_atom_site.group_PDB 
_atom_site.id 
_atom_site.type_symbol 
_atom_site.label_atom_id 
_atom_site.label_alt_id 
_atom_site.label_comp_id 
_atom_site.label_asym_id 
_atom_site.label_entity_id 
_atom_site.label_seq_id 
_atom_site.pdbx_PDB_ins_code 
_atom_site.Cartn_x 
_atom_site.Cartn_y 
_atom_site.Cartn_z 
_atom_site.occupancy 
_atom_site.B_iso_or_equiv 
_atom_site.pdbx_formal_charge 
_atom_site.auth_seq_id 
_atom_site.auth_comp_id 
_atom_site.auth_asym_id 
_atom_site.auth_atom_id 
_atom_site.pdbx_PDB_model_num 
ATOM   1    N N   . ILE A 1 9   ? -41.599 6.947   14.589  1.00 51.60  ? 563 ILE A N   1 
ATOM   2    C CA  . ILE A 1 9   ? -40.532 6.048   15.147  1.00 55.10  ? 563 ILE A CA  1 
ATOM   3    C C   . ILE A 1 9   ? -40.304 4.798   14.288  1.00 50.11  ? 563 ILE A C   1 
ATOM   4    O O   . ILE A 1 9   ? -39.165 4.350   14.136  1.00 48.52  ? 563 ILE A O   1 
ATOM   5    C CB  . ILE A 1 9   ? -40.798 5.553   16.586  1.00 66.41  ? 563 ILE A CB  1 
ATOM   6    C CG1 . ILE A 1 9   ? -41.636 6.554   17.411  1.00 78.76  ? 563 ILE A CG1 1 
ATOM   7    C CG2 . ILE A 1 9   ? -39.459 5.221   17.265  1.00 69.57  ? 563 ILE A CG2 1 
ATOM   8    C CD1 . ILE A 1 9   ? -42.205 5.956   18.695  1.00 81.50  ? 563 ILE A CD1 1 
ATOM   9    N N   A ASP A 1 10  ? -41.397 4.223   13.770  0.50 47.40  ? 564 ASP A N   1 
ATOM   10   N N   B ASP A 1 10  ? -41.376 4.212   13.763  0.50 46.79  ? 564 ASP A N   1 
ATOM   11   C CA  A ASP A 1 10  ? -41.321 3.196   12.720  0.50 44.68  ? 564 ASP A CA  1 
ATOM   12   C CA  B ASP A 1 10  ? -41.236 3.169   12.748  0.50 43.71  ? 564 ASP A CA  1 
ATOM   13   C C   A ASP A 1 10  ? -40.637 3.785   11.488  0.50 41.71  ? 564 ASP A C   1 
ATOM   14   C C   B ASP A 1 10  ? -40.661 3.775   11.460  0.50 41.21  ? 564 ASP A C   1 
ATOM   15   O O   A ASP A 1 10  ? -39.960 3.063   10.759  0.50 41.58  ? 564 ASP A O   1 
ATOM   16   O O   B ASP A 1 10  ? -40.089 3.049   10.652  0.50 41.32  ? 564 ASP A O   1 
ATOM   17   C CB  A ASP A 1 10  ? -42.709 2.623   12.356  0.50 42.71  ? 564 ASP A CB  1 
ATOM   18   C CB  B ASP A 1 10  ? -42.571 2.463   12.503  0.50 41.23  ? 564 ASP A CB  1 
ATOM   19   C CG  A ASP A 1 10  ? -43.491 3.497   11.375  0.50 40.58  ? 564 ASP A CG  1 
ATOM   20   C CG  B ASP A 1 10  ? -43.108 1.798   13.764  0.50 39.40  ? 564 ASP A CG  1 
ATOM   21   O OD1 A ASP A 1 10  ? -43.949 4.590   11.751  0.50 38.29  ? 564 ASP A OD1 1 
ATOM   22   O OD1 B ASP A 1 10  ? -42.313 1.114   14.445  0.50 37.39  ? 564 ASP A OD1 1 
ATOM   23   O OD2 A ASP A 1 10  ? -43.686 3.069   10.224  0.50 45.81  ? 564 ASP A OD2 1 
ATOM   24   O OD2 B ASP A 1 10  ? -44.295 1.991   14.080  0.50 35.11  ? 564 ASP A OD2 1 
ATOM   25   N N   . LEU A 1 11  ? -40.802 5.096   11.288  1.00 36.93  ? 565 LEU A N   1 
ATOM   26   C CA  . LEU A 1 11  ? -40.059 5.832   10.274  1.00 40.43  ? 565 LEU A CA  1 
ATOM   27   C C   . LEU A 1 11  ? -38.540 5.750   10.450  1.00 38.73  ? 565 LEU A C   1 
ATOM   28   O O   . LEU A 1 11  ? -37.815 5.520   9.491   1.00 40.78  ? 565 LEU A O   1 
ATOM   29   C CB  . LEU A 1 11  ? -40.468 7.294   10.276  1.00 46.86  ? 565 LEU A CB  1 
ATOM   30   C CG  . LEU A 1 11  ? -41.510 7.521   9.190   1.00 54.30  ? 565 LEU A CG  1 
ATOM   31   C CD1 . LEU A 1 11  ? -42.767 6.671   9.418   1.00 54.47  ? 565 LEU A CD1 1 
ATOM   32   C CD2 . LEU A 1 11  ? -41.804 9.017   9.062   1.00 60.57  ? 565 LEU A CD2 1 
ATOM   33   N N   . ILE A 1 12  ? -38.074 5.945   11.675  1.00 37.33  ? 566 ILE A N   1 
ATOM   34   C CA  . ILE A 1 12  ? -36.658 5.873   11.981  1.00 38.08  ? 566 ILE A CA  1 
ATOM   35   C C   . ILE A 1 12  ? -36.161 4.476   11.713  1.00 35.71  ? 566 ILE A C   1 
ATOM   36   O O   . ILE A 1 12  ? -35.165 4.339   10.987  1.00 33.59  ? 566 ILE A O   1 
ATOM   37   C CB  . ILE A 1 12  ? -36.334 6.410   13.412  1.00 41.42  ? 566 ILE A CB  1 
ATOM   38   C CG1 . ILE A 1 12  ? -36.699 7.904   13.510  1.00 47.43  ? 566 ILE A CG1 1 
ATOM   39   C CG2 . ILE A 1 12  ? -34.866 6.288   13.762  1.00 44.31  ? 566 ILE A CG2 1 
ATOM   40   C CD1 . ILE A 1 12  ? -36.291 8.778   12.328  1.00 47.51  ? 566 ILE A CD1 1 
ATOM   41   N N   . HIS A 1 13  ? -36.888 3.451   12.222  1.00 32.91  ? 567 HIS A N   1 
ATOM   42   C CA  A HIS A 1 13  ? -36.506 2.077   11.998  0.50 29.73  ? 567 HIS A CA  1 
ATOM   43   C CA  B HIS A 1 13  ? -36.548 2.036   11.987  0.50 30.92  ? 567 HIS A CA  1 
ATOM   44   C C   . HIS A 1 13  ? -36.478 1.707   10.502  1.00 29.61  ? 567 HIS A C   1 
ATOM   45   O O   . HIS A 1 13  ? -35.575 0.991   10.064  1.00 33.29  ? 567 HIS A O   1 
ATOM   46   C CB  A HIS A 1 13  ? -37.396 1.135   12.833  0.50 30.51  ? 567 HIS A CB  1 
ATOM   47   C CB  B HIS A 1 13  ? -37.537 1.054   12.684  0.50 33.11  ? 567 HIS A CB  1 
ATOM   48   C CG  A HIS A 1 13  ? -37.005 1.077   14.277  0.50 30.11  ? 567 HIS A CG  1 
ATOM   49   C CG  B HIS A 1 13  ? -37.529 -0.343  12.104  0.50 34.60  ? 567 HIS A CG  1 
ATOM   50   N ND1 A HIS A 1 13  ? -37.565 1.893   15.237  0.50 31.00  ? 567 HIS A ND1 1 
ATOM   51   N ND1 B HIS A 1 13  ? -36.569 -1.283  12.421  0.50 36.35  ? 567 HIS A ND1 1 
ATOM   52   C CD2 A HIS A 1 13  ? -36.083 0.320   14.921  0.50 31.81  ? 567 HIS A CD2 1 
ATOM   53   C CD2 B HIS A 1 13  ? -38.354 -0.947  11.210  0.50 35.26  ? 567 HIS A CD2 1 
ATOM   54   C CE1 A HIS A 1 13  ? -37.010 1.639   16.410  0.50 30.84  ? 567 HIS A CE1 1 
ATOM   55   C CE1 B HIS A 1 13  ? -36.807 -2.405  11.762  0.50 35.28  ? 567 HIS A CE1 1 
ATOM   56   N NE2 A HIS A 1 13  ? -36.111 0.684   16.247  0.50 30.91  ? 567 HIS A NE2 1 
ATOM   57   N NE2 B HIS A 1 13  ? -37.881 -2.227  11.017  0.50 35.60  ? 567 HIS A NE2 1 
ATOM   58   N N   . ASP A 1 14  ? -37.437 2.197   9.725   1.00 26.15  ? 568 ASP A N   1 
ATOM   59   C CA  . ASP A 1 14  ? -37.452 1.966   8.286   1.00 29.26  ? 568 ASP A CA  1 
ATOM   60   C C   . ASP A 1 14  ? -36.233 2.617   7.547   1.00 27.95  ? 568 ASP A C   1 
ATOM   61   O O   . ASP A 1 14  ? -35.596 1.982   6.722   1.00 26.74  ? 568 ASP A O   1 
ATOM   62   C CB  . ASP A 1 14  ? -38.787 2.517   7.656   1.00 35.77  ? 568 ASP A CB  1 
ATOM   63   C CG  . ASP A 1 14  ? -40.051 1.641   7.970   1.00 38.92  ? 568 ASP A CG  1 
ATOM   64   O OD1 . ASP A 1 14  ? -39.976 0.678   8.779   1.00 46.06  ? 568 ASP A OD1 1 
ATOM   65   O OD2 . ASP A 1 14  ? -41.115 1.922   7.380   1.00 41.36  ? 568 ASP A OD2 1 
ATOM   66   N N   . ILE A 1 15  ? -35.941 3.894   7.799   1.00 25.31  ? 569 ILE A N   1 
ATOM   67   C CA  . ILE A 1 15  ? -34.717 4.508   7.258   1.00 25.44  ? 569 ILE A CA  1 
ATOM   68   C C   . ILE A 1 15  ? -33.434 3.752   7.690   1.00 24.40  ? 569 ILE A C   1 
ATOM   69   O O   . ILE A 1 15  ? -32.611 3.392   6.847   1.00 20.96  ? 569 ILE A O   1 
ATOM   70   C CB  . ILE A 1 15  ? -34.581 6.003   7.661   1.00 25.90  ? 569 ILE A CB  1 
ATOM   71   C CG1 . ILE A 1 15  ? -35.791 6.818   7.178   1.00 25.26  ? 569 ILE A CG1 1 
ATOM   72   C CG2 . ILE A 1 15  ? -33.316 6.607   7.037   1.00 28.22  ? 569 ILE A CG2 1 
ATOM   73   C CD1 . ILE A 1 15  ? -35.916 8.135   7.917   1.00 28.90  ? 569 ILE A CD1 1 
ATOM   74   N N   . GLU A 1 16  ? -33.306 3.457   8.968   1.00 25.03  ? 570 GLU A N   1 
ATOM   75   C CA  . GLU A 1 16  ? -32.148 2.666   9.449   1.00 31.87  ? 570 GLU A CA  1 
ATOM   76   C C   . GLU A 1 16  ? -31.965 1.324   8.764   1.00 32.83  ? 570 GLU A C   1 
ATOM   77   O O   . GLU A 1 16  ? -30.823 0.894   8.544   1.00 33.11  ? 570 GLU A O   1 
ATOM   78   C CB  . GLU A 1 16  ? -32.215 2.416   10.958  1.00 32.82  ? 570 GLU A CB  1 
ATOM   79   C CG  . GLU A 1 16  ? -31.918 3.650   11.780  1.00 38.45  ? 570 GLU A CG  1 
ATOM   80   C CD  . GLU A 1 16  ? -32.158 3.463   13.273  1.00 44.56  ? 570 GLU A CD  1 
ATOM   81   O OE1 . GLU A 1 16  ? -32.450 2.325   13.748  1.00 46.64  ? 570 GLU A OE1 1 
ATOM   82   O OE2 . GLU A 1 16  ? -32.072 4.490   13.970  1.00 49.59  ? 570 GLU A OE2 1 
ATOM   83   N N   . HIS A 1 17  ? -33.073 0.645   8.451   1.00 31.29  ? 571 HIS A N   1 
ATOM   84   C CA  . HIS A 1 17  ? -32.980 -0.698  7.844   1.00 32.19  ? 571 HIS A CA  1 
ATOM   85   C C   . HIS A 1 17  ? -32.251 -0.560  6.495   1.00 26.89  ? 571 HIS A C   1 
ATOM   86   O O   . HIS A 1 17  ? -31.458 -1.398  6.061   1.00 25.88  ? 571 HIS A O   1 
ATOM   87   C CB  . HIS A 1 17  ? -34.383 -1.292  7.661   1.00 34.02  ? 571 HIS A CB  1 
ATOM   88   C CG  . HIS A 1 17  ? -34.407 -2.555  6.859   1.00 40.32  ? 571 HIS A CG  1 
ATOM   89   N ND1 . HIS A 1 17  ? -34.003 -3.769  7.375   1.00 38.58  ? 571 HIS A ND1 1 
ATOM   90   C CD2 . HIS A 1 17  ? -34.829 -2.800  5.592   1.00 42.35  ? 571 HIS A CD2 1 
ATOM   91   C CE1 . HIS A 1 17  ? -34.132 -4.702  6.447   1.00 41.77  ? 571 HIS A CE1 1 
ATOM   92   N NE2 . HIS A 1 17  ? -34.645 -4.144  5.360   1.00 43.16  ? 571 HIS A NE2 1 
ATOM   93   N N   . VAL A 1 18  ? -32.530 0.540   5.835   1.00 25.90  ? 572 VAL A N   1 
ATOM   94   C CA  . VAL A 1 18  ? -31.867 0.845   4.592   1.00 22.92  ? 572 VAL A CA  1 
ATOM   95   C C   . VAL A 1 18  ? -30.434 1.282   4.909   1.00 22.74  ? 572 VAL A C   1 
ATOM   96   O O   . VAL A 1 18  ? -29.481 0.609   4.532   1.00 23.00  ? 572 VAL A O   1 
ATOM   97   C CB  . VAL A 1 18  ? -32.629 1.896   3.807   1.00 22.43  ? 572 VAL A CB  1 
ATOM   98   C CG1 . VAL A 1 18  ? -31.973 2.108   2.460   1.00 25.43  ? 572 VAL A CG1 1 
ATOM   99   C CG2 . VAL A 1 18  ? -34.066 1.477   3.543   1.00 23.52  ? 572 VAL A CG2 1 
ATOM   100  N N   . ILE A 1 19  ? -30.256 2.394   5.611   1.00 23.62  ? 573 ILE A N   1 
ATOM   101  C CA  . ILE A 1 19  ? -28.930 3.029   5.605   1.00 24.48  ? 573 ILE A CA  1 
ATOM   102  C C   . ILE A 1 19  ? -27.845 2.192   6.324   1.00 24.94  ? 573 ILE A C   1 
ATOM   103  O O   . ILE A 1 19  ? -26.675 2.248   5.936   1.00 19.47  ? 573 ILE A O   1 
ATOM   104  C CB  . ILE A 1 19  ? -28.974 4.481   6.094   1.00 29.66  ? 573 ILE A CB  1 
ATOM   105  C CG1 . ILE A 1 19  ? -29.316 4.561   7.570   1.00 32.77  ? 573 ILE A CG1 1 
ATOM   106  C CG2 . ILE A 1 19  ? -29.952 5.294   5.261   1.00 29.83  ? 573 ILE A CG2 1 
ATOM   107  C CD1 . ILE A 1 19  ? -28.559 5.678   8.221   1.00 37.01  ? 573 ILE A CD1 1 
ATOM   108  N N   . GLN A 1 20  ? -28.264 1.295   7.244   1.00 26.95  ? 574 GLN A N   1 
ATOM   109  C CA  . GLN A 1 20  ? -27.354 0.334   7.952   1.00 26.86  ? 574 GLN A CA  1 
ATOM   110  C C   . GLN A 1 20  ? -26.578 -0.555  7.016   1.00 24.60  ? 574 GLN A C   1 
ATOM   111  O O   . GLN A 1 20  ? -25.494 -1.038  7.357   1.00 24.35  ? 574 GLN A O   1 
ATOM   112  C CB  . GLN A 1 20  ? -28.123 -0.583  8.915   1.00 29.77  ? 574 GLN A CB  1 
ATOM   113  C CG  . GLN A 1 20  ? -28.966 -1.671  8.248   1.00 34.09  ? 574 GLN A CG  1 
ATOM   114  C CD  . GLN A 1 20  ? -29.468 -2.749  9.236   1.00 40.39  ? 574 GLN A CD  1 
ATOM   115  O OE1 . GLN A 1 20  ? -30.557 -2.615  9.802   1.00 39.27  ? 574 GLN A OE1 1 
ATOM   116  N NE2 . GLN A 1 20  ? -28.654 -3.806  9.457   1.00 36.42  ? 574 GLN A NE2 1 
ATOM   117  N N   . GLN A 1 21  ? -27.127 -0.775  5.825   1.00 22.80  ? 575 GLN A N   1 
ATOM   118  C CA  . GLN A 1 21  ? -26.423 -1.563  4.827   1.00 25.44  ? 575 GLN A CA  1 
ATOM   119  C C   . GLN A 1 21  ? -25.253 -0.854  4.150   1.00 26.75  ? 575 GLN A C   1 
ATOM   120  O O   . GLN A 1 21  ? -24.531 -1.477  3.356   1.00 32.86  ? 575 GLN A O   1 
ATOM   121  C CB  . GLN A 1 21  ? -27.421 -2.073  3.791   1.00 26.19  ? 575 GLN A CB  1 
ATOM   122  C CG  . GLN A 1 21  ? -28.605 -2.847  4.461   1.00 26.41  ? 575 GLN A CG  1 
ATOM   123  C CD  . GLN A 1 21  ? -29.698 -3.179  3.463   1.00 30.77  ? 575 GLN A CD  1 
ATOM   124  O OE1 . GLN A 1 21  ? -29.395 -3.738  2.382   1.00 29.77  ? 575 GLN A OE1 1 
ATOM   125  N NE2 . GLN A 1 21  ? -30.969 -2.805  3.777   1.00 29.04  ? 575 GLN A NE2 1 
ATOM   126  N N   . PHE A 1 22  ? -25.098 0.448   4.422   1.00 26.75  ? 576 PHE A N   1 
ATOM   127  C CA  . PHE A 1 22  ? -24.112 1.321   3.776   1.00 21.26  ? 576 PHE A CA  1 
ATOM   128  C C   . PHE A 1 22  ? -23.371 1.967   4.926   1.00 18.71  ? 576 PHE A C   1 
ATOM   129  O O   . PHE A 1 22  ? -23.777 2.982   5.498   1.00 18.86  ? 576 PHE A O   1 
ATOM   130  C CB  . PHE A 1 22  ? -24.870 2.294   2.931   1.00 22.53  ? 576 PHE A CB  1 
ATOM   131  C CG  . PHE A 1 22  ? -25.706 1.625   1.839   1.00 22.57  ? 576 PHE A CG  1 
ATOM   132  C CD1 . PHE A 1 22  ? -25.124 1.209   0.643   1.00 23.72  ? 576 PHE A CD1 1 
ATOM   133  C CD2 . PHE A 1 22  ? -27.047 1.447   1.992   1.00 21.63  ? 576 PHE A CD2 1 
ATOM   134  C CE1 . PHE A 1 22  ? -25.891 0.610   -0.352  1.00 24.36  ? 576 PHE A CE1 1 
ATOM   135  C CE2 . PHE A 1 22  ? -27.823 0.833   1.003   1.00 21.43  ? 576 PHE A CE2 1 
ATOM   136  C CZ  . PHE A 1 22  ? -27.254 0.418   -0.163  1.00 21.99  ? 576 PHE A CZ  1 
ATOM   137  N N   . PRO A 1 23  ? -22.336 1.308   5.398   1.00 16.48  ? 577 PRO A N   1 
ATOM   138  C CA  . PRO A 1 23  ? -21.672 1.891   6.563   1.00 16.58  ? 577 PRO A CA  1 
ATOM   139  C C   . PRO A 1 23  ? -21.058 3.284   6.178   1.00 16.34  ? 577 PRO A C   1 
ATOM   140  O O   . PRO A 1 23  ? -20.719 3.493   5.004   1.00 13.50  ? 577 PRO A O   1 
ATOM   141  C CB  . PRO A 1 23  ? -20.543 0.881   6.884   1.00 17.40  ? 577 PRO A CB  1 
ATOM   142  C CG  . PRO A 1 23  ? -20.891 -0.375  6.153   1.00 18.41  ? 577 PRO A CG  1 
ATOM   143  C CD  . PRO A 1 23  ? -21.712 0.054   4.950   1.00 18.76  ? 577 PRO A CD  1 
ATOM   144  N N   . THR A 1 24  ? -20.971 4.144   7.188   1.00 15.85  ? 578 THR A N   1 
ATOM   145  C CA  . THR A 1 24  ? -20.661 5.585   7.145   1.00 17.14  ? 578 THR A CA  1 
ATOM   146  C C   . THR A 1 24  ? -21.821 6.458   6.719   1.00 19.19  ? 578 THR A C   1 
ATOM   147  O O   . THR A 1 24  ? -21.718 7.720   6.791   1.00 19.19  ? 578 THR A O   1 
ATOM   148  C CB  . THR A 1 24  ? -19.474 5.964   6.301   1.00 14.46  ? 578 THR A CB  1 
ATOM   149  O OG1 . THR A 1 24  ? -19.826 5.831   4.935   1.00 13.73  ? 578 THR A OG1 1 
ATOM   150  C CG2 . THR A 1 24  ? -18.235 5.108   6.587   1.00 15.55  ? 578 THR A CG2 1 
ATOM   151  N N   . VAL A 1 25  ? -22.893 5.877   6.199   1.00 16.85  ? 579 VAL A N   1 
ATOM   152  C CA  . VAL A 1 25  ? -23.957 6.752   5.745   1.00 15.32  ? 579 VAL A CA  1 
ATOM   153  C C   . VAL A 1 25  ? -24.741 7.219   6.948   1.00 17.06  ? 579 VAL A C   1 
ATOM   154  O O   . VAL A 1 25  ? -24.997 6.416   7.883   1.00 18.00  ? 579 VAL A O   1 
ATOM   155  C CB  . VAL A 1 25  ? -24.822 6.135   4.734   1.00 15.36  ? 579 VAL A CB  1 
ATOM   156  C CG1 . VAL A 1 25  ? -26.017 7.042   4.434   1.00 16.33  ? 579 VAL A CG1 1 
ATOM   157  C CG2 . VAL A 1 25  ? -24.040 5.868   3.475   1.00 14.46  ? 579 VAL A CG2 1 
ATOM   158  N N   . ARG A 1 26  ? -25.014 8.533   6.966   1.00 17.09  ? 580 ARG A N   1 
ATOM   159  C CA  . ARG A 1 26  ? -25.830 9.215   7.975   1.00 17.31  ? 580 ARG A CA  1 
ATOM   160  C C   . ARG A 1 26  ? -26.978 9.992   7.326   1.00 16.57  ? 580 ARG A C   1 
ATOM   161  O O   . ARG A 1 26  ? -27.013 10.164  6.127   1.00 20.99  ? 580 ARG A O   1 
ATOM   162  C CB  . ARG A 1 26  ? -24.957 10.159  8.814   1.00 17.08  ? 580 ARG A CB  1 
ATOM   163  C CG  . ARG A 1 26  ? -23.739 9.498   9.483   1.00 17.04  ? 580 ARG A CG  1 
ATOM   164  C CD  . ARG A 1 26  ? -24.136 8.463   10.578  1.00 16.89  ? 580 ARG A CD  1 
ATOM   165  N NE  . ARG A 1 26  ? -22.918 7.897   11.224  1.00 15.52  ? 580 ARG A NE  1 
ATOM   166  C CZ  . ARG A 1 26  ? -22.335 6.759   10.907  1.00 15.11  ? 580 ARG A CZ  1 
ATOM   167  N NH1 . ARG A 1 26  ? -22.845 5.969   9.976   1.00 17.76  ? 580 ARG A NH1 1 
ATOM   168  N NH2 . ARG A 1 26  ? -21.257 6.349   11.560  1.00 14.52  ? 580 ARG A NH2 1 
ATOM   169  N N   . PHE A 1 27  ? -27.924 10.466  8.100   1.00 17.49  ? 581 PHE A N   1 
ATOM   170  C CA  . PHE A 1 27  ? -29.097 11.221  7.566   1.00 18.13  ? 581 PHE A CA  1 
ATOM   171  C C   . PHE A 1 27  ? -29.742 12.150  8.570   1.00 16.33  ? 581 PHE A C   1 
ATOM   172  O O   . PHE A 1 27  ? -29.569 12.000  9.760   1.00 14.72  ? 581 PHE A O   1 
ATOM   173  C CB  . PHE A 1 27  ? -30.228 10.236  7.154   1.00 19.85  ? 581 PHE A CB  1 
ATOM   174  C CG  . PHE A 1 27  ? -30.893 9.562   8.336   1.00 20.44  ? 581 PHE A CG  1 
ATOM   175  C CD1 . PHE A 1 27  ? -30.291 8.499   8.962   1.00 24.61  ? 581 PHE A CD1 1 
ATOM   176  C CD2 . PHE A 1 27  ? -32.120 10.010  8.829   1.00 23.51  ? 581 PHE A CD2 1 
ATOM   177  C CE1 . PHE A 1 27  ? -30.900 7.821   10.061  1.00 25.62  ? 581 PHE A CE1 1 
ATOM   178  C CE2 . PHE A 1 27  ? -32.734 9.363   9.936   1.00 26.53  ? 581 PHE A CE2 1 
ATOM   179  C CZ  . PHE A 1 27  ? -32.117 8.278   10.554  1.00 24.20  ? 581 PHE A CZ  1 
ATOM   180  N N   . THR A 1 28  ? -30.624 12.988  8.062   1.00 18.92  ? 582 THR A N   1 
ATOM   181  C CA  . THR A 1 28  ? -31.577 13.739  8.863   1.00 25.26  ? 582 THR A CA  1 
ATOM   182  C C   . THR A 1 28  ? -32.827 13.725  8.026   1.00 24.28  ? 582 THR A C   1 
ATOM   183  O O   . THR A 1 28  ? -32.738 13.732  6.813   1.00 20.83  ? 582 THR A O   1 
ATOM   184  C CB  . THR A 1 28  ? -31.135 15.224  9.163   1.00 29.74  ? 582 THR A CB  1 
ATOM   185  O OG1 . THR A 1 28  ? -30.999 15.966  7.944   1.00 33.22  ? 582 THR A OG1 1 
ATOM   186  C CG2 . THR A 1 28  ? -29.776 15.241  9.892   1.00 33.73  ? 582 THR A CG2 1 
ATOM   187  N N   . PHE A 1 29  ? -33.980 13.606  8.686   1.00 29.52  ? 583 PHE A N   1 
ATOM   188  C CA  . PHE A 1 29  ? -35.264 13.484  7.999   1.00 32.81  ? 583 PHE A CA  1 
ATOM   189  C C   . PHE A 1 29  ? -36.141 14.569  8.569   1.00 34.91  ? 583 PHE A C   1 
ATOM   190  O O   . PHE A 1 29  ? -36.372 14.616  9.777   1.00 31.92  ? 583 PHE A O   1 
ATOM   191  C CB  . PHE A 1 29  ? -35.937 12.102  8.203   1.00 34.95  ? 583 PHE A CB  1 
ATOM   192  C CG  . PHE A 1 29  ? -37.344 12.033  7.627   1.00 34.93  ? 583 PHE A CG  1 
ATOM   193  C CD1 . PHE A 1 29  ? -37.547 12.087  6.248   1.00 34.26  ? 583 PHE A CD1 1 
ATOM   194  C CD2 . PHE A 1 29  ? -38.460 11.964  8.456   1.00 38.32  ? 583 PHE A CD2 1 
ATOM   195  C CE1 . PHE A 1 29  ? -38.830 12.073  5.708   1.00 33.85  ? 583 PHE A CE1 1 
ATOM   196  C CE2 . PHE A 1 29  ? -39.761 11.945  7.921   1.00 37.02  ? 583 PHE A CE2 1 
ATOM   197  C CZ  . PHE A 1 29  ? -39.932 11.998  6.550   1.00 36.92  ? 583 PHE A CZ  1 
ATOM   198  N N   . ASN A 1 30  ? -36.584 15.453  7.687   1.00 40.11  ? 584 ASN A N   1 
ATOM   199  C CA  . ASN A 1 30  ? -37.421 16.579  8.054   1.00 46.33  ? 584 ASN A CA  1 
ATOM   200  C C   . ASN A 1 30  ? -38.884 16.263  7.788   1.00 47.68  ? 584 ASN A C   1 
ATOM   201  O O   . ASN A 1 30  ? -39.371 16.478  6.696   1.00 48.98  ? 584 ASN A O   1 
ATOM   202  C CB  . ASN A 1 30  ? -37.002 17.814  7.261   1.00 52.04  ? 584 ASN A CB  1 
ATOM   203  C CG  . ASN A 1 30  ? -37.878 19.024  7.543   1.00 55.93  ? 584 ASN A CG  1 
ATOM   204  O OD1 . ASN A 1 30  ? -38.822 18.972  8.337   1.00 52.95  ? 584 ASN A OD1 1 
ATOM   205  N ND2 . ASN A 1 30  ? -37.573 20.117  6.868   1.00 55.43  ? 584 ASN A ND2 1 
ATOM   206  N N   . LYS A 1 31  ? -39.550 15.752  8.813   1.00 50.18  ? 585 LYS A N   1 
ATOM   207  C CA  . LYS A 1 31  ? -40.990 15.433  8.816   1.00 61.81  ? 585 LYS A CA  1 
ATOM   208  C C   . LYS A 1 31  ? -42.005 16.494  8.339   1.00 60.15  ? 585 LYS A C   1 
ATOM   209  O O   . LYS A 1 31  ? -43.108 16.130  7.955   1.00 58.45  ? 585 LYS A O   1 
ATOM   210  C CB  . LYS A 1 31  ? -41.376 15.031  10.226  1.00 64.36  ? 585 LYS A CB  1 
ATOM   211  C CG  . LYS A 1 31  ? -42.712 14.344  10.334  1.00 70.72  ? 585 LYS A CG  1 
ATOM   212  C CD  . LYS A 1 31  ? -42.782 13.513  11.607  1.00 76.95  ? 585 LYS A CD  1 
ATOM   213  C CE  . LYS A 1 31  ? -42.256 14.261  12.836  1.00 81.37  ? 585 LYS A CE  1 
ATOM   214  N NZ  . LYS A 1 31  ? -42.753 15.663  12.988  1.00 81.23  ? 585 LYS A NZ  1 
ATOM   215  N N   . ASN A 1 32  ? -41.636 17.778  8.384   1.00 63.18  ? 586 ASN A N   1 
ATOM   216  C CA  . ASN A 1 32  ? -42.459 18.867  7.820   1.00 62.95  ? 586 ASN A CA  1 
ATOM   217  C C   . ASN A 1 32  ? -42.598 18.839  6.297   1.00 60.73  ? 586 ASN A C   1 
ATOM   218  O O   . ASN A 1 32  ? -43.655 19.166  5.761   1.00 63.53  ? 586 ASN A O   1 
ATOM   219  C CB  . ASN A 1 32  ? -41.900 20.248  8.201   1.00 66.83  ? 586 ASN A CB  1 
ATOM   220  C CG  . ASN A 1 32  ? -41.749 20.440  9.706   1.00 70.80  ? 586 ASN A CG  1 
ATOM   221  O OD1 . ASN A 1 32  ? -40.742 20.991  10.172  1.00 71.76  ? 586 ASN A OD1 1 
ATOM   222  N ND2 . ASN A 1 32  ? -42.743 19.990  10.473  1.00 71.78  ? 586 ASN A ND2 1 
ATOM   223  N N   . ASN A 1 33  ? -41.534 18.480  5.590   1.00 54.45  ? 587 ASN A N   1 
ATOM   224  C CA  . ASN A 1 33  ? -41.587 18.419  4.125   1.00 51.47  ? 587 ASN A CA  1 
ATOM   225  C C   . ASN A 1 33  ? -41.280 17.014  3.537   1.00 46.47  ? 587 ASN A C   1 
ATOM   226  O O   . ASN A 1 33  ? -41.215 16.849  2.331   1.00 44.60  ? 587 ASN A O   1 
ATOM   227  C CB  . ASN A 1 33  ? -40.672 19.514  3.521   1.00 50.67  ? 587 ASN A CB  1 
ATOM   228  C CG  . ASN A 1 33  ? -39.182 19.258  3.772   1.00 56.45  ? 587 ASN A CG  1 
ATOM   229  O OD1 . ASN A 1 33  ? -38.800 18.709  4.799   1.00 58.17  ? 587 ASN A OD1 1 
ATOM   230  N ND2 . ASN A 1 33  ? -38.333 19.678  2.838   1.00 61.67  ? 587 ASN A ND2 1 
ATOM   231  N N   . GLY A 1 34  ? -41.096 16.005  4.385   1.00 46.09  ? 588 GLY A N   1 
ATOM   232  C CA  . GLY A 1 34  ? -40.765 14.655  3.911   1.00 44.08  ? 588 GLY A CA  1 
ATOM   233  C C   . GLY A 1 34  ? -39.389 14.470  3.267   1.00 38.78  ? 588 GLY A C   1 
ATOM   234  O O   . GLY A 1 34  ? -39.159 13.482  2.575   1.00 31.81  ? 588 GLY A O   1 
ATOM   235  N N   . GLN A 1 35  ? -38.486 15.413  3.513   1.00 33.68  ? 589 GLN A N   1 
ATOM   236  C CA  . GLN A 1 35  ? -37.183 15.429  2.883   1.00 37.54  ? 589 GLN A CA  1 
ATOM   237  C C   . GLN A 1 35  ? -36.145 14.627  3.667   1.00 32.13  ? 589 GLN A C   1 
ATOM   238  O O   . GLN A 1 35  ? -35.974 14.830  4.877   1.00 33.88  ? 589 GLN A O   1 
ATOM   239  C CB  . GLN A 1 35  ? -36.668 16.866  2.734   1.00 43.35  ? 589 GLN A CB  1 
ATOM   240  C CG  . GLN A 1 35  ? -35.229 16.889  2.243   1.00 48.76  ? 589 GLN A CG  1 
ATOM   241  C CD  . GLN A 1 35  ? -34.926 18.102  1.405   1.00 53.81  ? 589 GLN A CD  1 
ATOM   242  O OE1 . GLN A 1 35  ? -34.451 19.120  1.906   1.00 52.96  ? 589 GLN A OE1 1 
ATOM   243  N NE2 . GLN A 1 35  ? -35.217 18.005  0.116   1.00 58.20  ? 589 GLN A NE2 1 
ATOM   244  N N   . LEU A 1 36  ? -35.453 13.738  2.966   1.00 27.78  ? 590 LEU A N   1 
ATOM   245  C CA  . LEU A 1 36  ? -34.312 13.013  3.543   1.00 28.00  ? 590 LEU A CA  1 
ATOM   246  C C   . LEU A 1 36  ? -33.018 13.630  3.048   1.00 27.53  ? 590 LEU A C   1 
ATOM   247  O O   . LEU A 1 36  ? -32.791 13.762  1.849   1.00 31.92  ? 590 LEU A O   1 
ATOM   248  C CB  . LEU A 1 36  ? -34.367 11.538  3.161   1.00 25.38  ? 590 LEU A CB  1 
ATOM   249  C CG  . LEU A 1 36  ? -33.397 10.553  3.816   1.00 24.48  ? 590 LEU A CG  1 
ATOM   250  C CD1 . LEU A 1 36  ? -33.651 10.311  5.273   1.00 24.04  ? 590 LEU A CD1 1 
ATOM   251  C CD2 . LEU A 1 36  ? -33.444 9.217   3.107   1.00 24.78  ? 590 LEU A CD2 1 
ATOM   252  N N   . PHE A 1 37  ? -32.158 13.999  3.971   1.00 26.27  ? 591 PHE A N   1 
ATOM   253  C CA  . PHE A 1 37  ? -30.827 14.443  3.619   1.00 23.71  ? 591 PHE A CA  1 
ATOM   254  C C   . PHE A 1 37  ? -29.837 13.329  3.954   1.00 20.72  ? 591 PHE A C   1 
ATOM   255  O O   . PHE A 1 37  ? -29.760 12.912  5.089   1.00 20.53  ? 591 PHE A O   1 
ATOM   256  C CB  . PHE A 1 37  ? -30.541 15.699  4.431   1.00 25.96  ? 591 PHE A CB  1 
ATOM   257  C CG  . PHE A 1 37  ? -29.133 16.212  4.333   1.00 25.99  ? 591 PHE A CG  1 
ATOM   258  C CD1 . PHE A 1 37  ? -28.194 15.819  5.224   1.00 28.33  ? 591 PHE A CD1 1 
ATOM   259  C CD2 . PHE A 1 37  ? -28.802 17.174  3.431   1.00 31.04  ? 591 PHE A CD2 1 
ATOM   260  C CE1 . PHE A 1 37  ? -26.901 16.329  5.190   1.00 31.19  ? 591 PHE A CE1 1 
ATOM   261  C CE2 . PHE A 1 37  ? -27.518 17.714  3.388   1.00 31.18  ? 591 PHE A CE2 1 
ATOM   262  C CZ  . PHE A 1 37  ? -26.558 17.272  4.266   1.00 29.15  ? 591 PHE A CZ  1 
ATOM   263  N N   . LEU A 1 38  ? -29.094 12.844  2.967   1.00 19.34  ? 592 LEU A N   1 
ATOM   264  C CA  . LEU A 1 38  ? -28.088 11.811  3.152   1.00 19.18  ? 592 LEU A CA  1 
ATOM   265  C C   . LEU A 1 38  ? -26.657 12.348  2.988   1.00 20.75  ? 592 LEU A C   1 
ATOM   266  O O   . LEU A 1 38  ? -26.373 13.057  1.998   1.00 18.25  ? 592 LEU A O   1 
ATOM   267  C CB  . LEU A 1 38  ? -28.246 10.788  2.051   1.00 20.67  ? 592 LEU A CB  1 
ATOM   268  C CG  . LEU A 1 38  ? -29.522 9.953   2.054   1.00 23.98  ? 592 LEU A CG  1 
ATOM   269  C CD1 . LEU A 1 38  ? -29.532 8.971   0.889   1.00 23.93  ? 592 LEU A CD1 1 
ATOM   270  C CD2 . LEU A 1 38  ? -29.606 9.224   3.396   1.00 23.83  ? 592 LEU A CD2 1 
ATOM   271  N N   . ILE A 1 39  ? -25.769 11.900  3.874   1.00 20.68  ? 593 ILE A N   1 
ATOM   272  C CA  . ILE A 1 39  ? -24.338 12.164  3.766   1.00 21.62  ? 593 ILE A CA  1 
ATOM   273  C C   . ILE A 1 39  ? -23.508 10.919  4.057   1.00 19.50  ? 593 ILE A C   1 
ATOM   274  O O   . ILE A 1 39  ? -24.020 9.959   4.647   1.00 19.36  ? 593 ILE A O   1 
ATOM   275  C CB  . ILE A 1 39  ? -23.951 13.384  4.670   1.00 24.39  ? 593 ILE A CB  1 
ATOM   276  C CG1 . ILE A 1 39  ? -22.595 13.970  4.265   1.00 30.01  ? 593 ILE A CG1 1 
ATOM   277  C CG2 . ILE A 1 39  ? -23.891 13.063  6.148   1.00 24.13  ? 593 ILE A CG2 1 
ATOM   278  C CD1 . ILE A 1 39  ? -22.348 15.342  4.879   1.00 31.13  ? 593 ILE A CD1 1 
ATOM   279  N N   . GLY A 1 40  ? -22.248 10.915  3.610   1.00 17.82  ? 594 GLY A N   1 
ATOM   280  C CA  . GLY A 1 40  ? -21.226 9.862   3.924   1.00 16.42  ? 594 GLY A CA  1 
ATOM   281  C C   . GLY A 1 40  ? -20.618 9.278   2.643   1.00 17.67  ? 594 GLY A C   1 
ATOM   282  O O   . GLY A 1 40  ? -20.557 9.998   1.672   1.00 22.69  ? 594 GLY A O   1 
ATOM   283  N N   . HIS A 1 41  ? -20.151 8.008   2.645   1.00 17.62  ? 595 HIS A N   1 
ATOM   284  C CA  . HIS A 1 41  ? -19.426 7.335   1.559   1.00 15.04  ? 595 HIS A CA  1 
ATOM   285  C C   . HIS A 1 41  ? -20.079 5.986   1.192   1.00 17.08  ? 595 HIS A C   1 
ATOM   286  O O   . HIS A 1 41  ? -20.515 5.224   2.106   1.00 14.07  ? 595 HIS A O   1 
ATOM   287  C CB  . HIS A 1 41  ? -18.002 6.992   2.025   1.00 15.75  ? 595 HIS A CB  1 
ATOM   288  C CG  . HIS A 1 41  ? -17.190 8.192   2.415   1.00 19.48  ? 595 HIS A CG  1 
ATOM   289  N ND1 . HIS A 1 41  ? -16.271 8.783   1.578   1.00 19.28  ? 595 HIS A ND1 1 
ATOM   290  C CD2 . HIS A 1 41  ? -17.199 8.934   3.543   1.00 20.88  ? 595 HIS A CD2 1 
ATOM   291  C CE1 . HIS A 1 41  ? -15.743 9.832   2.179   1.00 22.49  ? 595 HIS A CE1 1 
ATOM   292  N NE2 . HIS A 1 41  ? -16.287 9.935   3.381   1.00 22.83  ? 595 HIS A NE2 1 
ATOM   293  N N   . VAL A 1 42  ? -20.048 5.669   -0.105  1.00 16.91  ? 596 VAL A N   1 
ATOM   294  C CA  . VAL A 1 42  ? -20.285 4.321   -0.621  1.00 20.14  ? 596 VAL A CA  1 
ATOM   295  C C   . VAL A 1 42  ? -19.108 3.898   -1.477  1.00 20.83  ? 596 VAL A C   1 
ATOM   296  O O   . VAL A 1 42  ? -18.334 4.749   -1.961  1.00 17.97  ? 596 VAL A O   1 
ATOM   297  C CB  . VAL A 1 42  ? -21.617 4.173   -1.428  1.00 19.22  ? 596 VAL A CB  1 
ATOM   298  C CG1 . VAL A 1 42  ? -22.824 4.489   -0.555  1.00 20.51  ? 596 VAL A CG1 1 
ATOM   299  C CG2 . VAL A 1 42  ? -21.630 5.098   -2.590  1.00 19.78  ? 596 VAL A CG2 1 
ATOM   300  N N   . ARG A 1 43  ? -18.965 2.574   -1.645  1.00 22.91  ? 597 ARG A N   1 
ATOM   301  C CA  . ARG A 1 43  ? -17.883 1.966   -2.513  1.00 27.43  ? 597 ARG A CA  1 
ATOM   302  C C   . ARG A 1 43  ? -17.839 2.539   -3.962  1.00 25.23  ? 597 ARG A C   1 
ATOM   303  O O   . ARG A 1 43  ? -16.763 2.885   -4.442  1.00 24.54  ? 597 ARG A O   1 
ATOM   304  C CB  . ARG A 1 43  ? -18.081 0.441   -2.550  1.00 33.49  ? 597 ARG A CB  1 
ATOM   305  C CG  . ARG A 1 43  ? -17.050 -0.344  -3.359  1.00 44.78  ? 597 ARG A CG  1 
ATOM   306  C CD  . ARG A 1 43  ? -17.229 -1.840  -3.271  1.00 48.84  ? 597 ARG A CD  1 
ATOM   307  N NE  . ARG A 1 43  ? -18.590 -2.208  -3.698  1.00 63.01  ? 597 ARG A NE  1 
ATOM   308  C CZ  . ARG A 1 43  ? -18.999 -3.431  -4.044  1.00 64.24  ? 597 ARG A CZ  1 
ATOM   309  N NH1 . ARG A 1 43  ? -18.162 -4.473  -4.066  1.00 65.08  ? 597 ARG A NH1 1 
ATOM   310  N NH2 . ARG A 1 43  ? -20.265 -3.594  -4.416  1.00 69.90  ? 597 ARG A NH2 1 
ATOM   311  N N   . ASN A 1 44  ? -19.018 2.674   -4.629  1.00 24.41  ? 598 ASN A N   1 
ATOM   312  C CA  . ASN A 1 44  ? -19.109 3.112   -6.034  1.00 22.93  ? 598 ASN A CA  1 
ATOM   313  C C   . ASN A 1 44  ? -20.489 3.575   -6.492  1.00 23.34  ? 598 ASN A C   1 
ATOM   314  O O   . ASN A 1 44  ? -21.451 3.442   -5.771  1.00 24.03  ? 598 ASN A O   1 
ATOM   315  C CB  . ASN A 1 44  ? -18.585 2.021   -6.979  1.00 25.15  ? 598 ASN A CB  1 
ATOM   316  C CG  . ASN A 1 44  ? -19.383 0.718   -6.920  1.00 26.90  ? 598 ASN A CG  1 
ATOM   317  O OD1 . ASN A 1 44  ? -20.609 0.698   -6.936  1.00 26.28  ? 598 ASN A OD1 1 
ATOM   318  N ND2 . ASN A 1 44  ? -18.681 -0.363  -6.888  1.00 27.41  ? 598 ASN A ND2 1 
ATOM   319  N N   . SER A 1 45  ? -20.578 4.209   -7.662  1.00 22.01  ? 599 SER A N   1 
ATOM   320  C CA  . SER A 1 45  ? -21.854 4.659   -8.174  1.00 20.46  ? 599 SER A CA  1 
ATOM   321  C C   . SER A 1 45  ? -22.939 3.534   -8.276  1.00 19.49  ? 599 SER A C   1 
ATOM   322  O O   . SER A 1 45  ? -24.121 3.840   -8.299  1.00 17.02  ? 599 SER A O   1 
ATOM   323  C CB  . SER A 1 45  ? -21.686 5.286   -9.515  1.00 20.21  ? 599 SER A CB  1 
ATOM   324  O OG  . SER A 1 45  ? -20.981 4.397   -10.360 1.00 25.23  ? 599 SER A OG  1 
ATOM   325  N N   . ILE A 1 46  ? -22.563 2.271   -8.364  1.00 21.00  ? 600 ILE A N   1 
ATOM   326  C CA  . ILE A 1 46  ? -23.585 1.166   -8.353  1.00 21.63  ? 600 ILE A CA  1 
ATOM   327  C C   . ILE A 1 46  ? -24.195 1.100   -6.962  1.00 20.61  ? 600 ILE A C   1 
ATOM   328  O O   . ILE A 1 46  ? -25.397 1.297   -6.835  1.00 19.94  ? 600 ILE A O   1 
ATOM   329  C CB  . ILE A 1 46  ? -23.020 -0.179  -8.820  1.00 25.09  ? 600 ILE A CB  1 
ATOM   330  C CG1 . ILE A 1 46  ? -22.498 -0.027  -10.244 1.00 28.16  ? 600 ILE A CG1 1 
ATOM   331  C CG2 . ILE A 1 46  ? -24.065 -1.323  -8.732  1.00 25.10  ? 600 ILE A CG2 1 
ATOM   332  C CD1 . ILE A 1 46  ? -21.681 -1.206  -10.715 1.00 29.27  ? 600 ILE A CD1 1 
ATOM   333  N N   . ASP A 1 47  ? -23.382 0.975   -5.903  1.00 20.53  ? 601 ASP A N   1 
ATOM   334  C CA  . ASP A 1 47  ? -23.919 1.081   -4.571  1.00 22.60  ? 601 ASP A CA  1 
ATOM   335  C C   . ASP A 1 47  ? -24.730 2.369   -4.323  1.00 23.65  ? 601 ASP A C   1 
ATOM   336  O O   . ASP A 1 47  ? -25.737 2.357   -3.623  1.00 21.78  ? 601 ASP A O   1 
ATOM   337  C CB  . ASP A 1 47  ? -22.827 0.893   -3.506  1.00 28.40  ? 601 ASP A CB  1 
ATOM   338  C CG  . ASP A 1 47  ? -22.112 -0.459  -3.624  1.00 38.74  ? 601 ASP A CG  1 
ATOM   339  O OD1 . ASP A 1 47  ? -22.562 -1.363  -4.386  1.00 49.72  ? 601 ASP A OD1 1 
ATOM   340  O OD2 . ASP A 1 47  ? -21.094 -0.665  -2.931  1.00 51.89  ? 601 ASP A OD2 1 
ATOM   341  N N   . LYS A 1 48  ? -24.312 3.501   -4.895  1.00 25.07  ? 602 LYS A N   1 
ATOM   342  C CA  . LYS A 1 48  ? -25.005 4.730   -4.667  1.00 25.89  ? 602 LYS A CA  1 
ATOM   343  C C   . LYS A 1 48  ? -26.426 4.644   -5.233  1.00 28.42  ? 602 LYS A C   1 
ATOM   344  O O   . LYS A 1 48  ? -27.386 5.103   -4.626  1.00 23.88  ? 602 LYS A O   1 
ATOM   345  C CB  . LYS A 1 48  ? -24.238 5.840   -5.325  1.00 28.37  ? 602 LYS A CB  1 
ATOM   346  C CG  . LYS A 1 48  ? -24.705 7.254   -5.005  1.00 32.57  ? 602 LYS A CG  1 
ATOM   347  C CD  . LYS A 1 48  ? -23.499 8.148   -5.346  1.00 36.35  ? 602 LYS A CD  1 
ATOM   348  C CE  . LYS A 1 48  ? -23.622 9.558   -4.873  1.00 37.52  ? 602 LYS A CE  1 
ATOM   349  N NZ  . LYS A 1 48  ? -24.852 10.111  -5.450  1.00 41.11  ? 602 LYS A NZ  1 
ATOM   350  N N   . SER A 1 49  ? -26.557 4.086   -6.427  1.00 28.31  ? 603 SER A N   1 
ATOM   351  C CA  . SER A 1 49  ? -27.877 3.957   -7.027  1.00 30.70  ? 603 SER A CA  1 
ATOM   352  C C   . SER A 1 49  ? -28.787 3.008   -6.210  1.00 27.16  ? 603 SER A C   1 
ATOM   353  O O   . SER A 1 49  ? -29.963 3.280   -6.074  1.00 23.00  ? 603 SER A O   1 
ATOM   354  C CB  . SER A 1 49  ? -27.774 3.478   -8.485  1.00 34.45  ? 603 SER A CB  1 
ATOM   355  O OG  . SER A 1 49  ? -27.232 4.532   -9.294  1.00 37.14  ? 603 SER A OG  1 
ATOM   356  N N   . GLU A 1 50  ? -28.233 1.931   -5.675  1.00 25.34  ? 604 GLU A N   1 
ATOM   357  C CA  . GLU A 1 50  ? -28.991 1.047   -4.796  1.00 28.72  ? 604 GLU A CA  1 
ATOM   358  C C   . GLU A 1 50  ? -29.499 1.827   -3.579  1.00 29.42  ? 604 GLU A C   1 
ATOM   359  O O   . GLU A 1 50  ? -30.682 1.719   -3.222  1.00 24.43  ? 604 GLU A O   1 
ATOM   360  C CB  . GLU A 1 50  ? -28.172 -0.141  -4.295  1.00 32.31  ? 604 GLU A CB  1 
ATOM   361  C CG  . GLU A 1 50  ? -28.181 -1.421  -5.133  1.00 37.89  ? 604 GLU A CG  1 
ATOM   362  C CD  . GLU A 1 50  ? -27.036 -2.358  -4.715  1.00 43.52  ? 604 GLU A CD  1 
ATOM   363  O OE1 . GLU A 1 50  ? -26.757 -2.444  -3.490  1.00 55.01  ? 604 GLU A OE1 1 
ATOM   364  O OE2 . GLU A 1 50  ? -26.392 -2.997  -5.571  1.00 41.16  ? 604 GLU A OE2 1 
ATOM   365  N N   . LEU A 1 51  ? -28.609 2.619   -2.966  1.00 26.81  ? 605 LEU A N   1 
ATOM   366  C CA  . LEU A 1 51  ? -28.981 3.370   -1.775  1.00 27.15  ? 605 LEU A CA  1 
ATOM   367  C C   . LEU A 1 51  ? -30.110 4.318   -2.072  1.00 27.67  ? 605 LEU A C   1 
ATOM   368  O O   . LEU A 1 51  ? -31.124 4.285   -1.391  1.00 24.73  ? 605 LEU A O   1 
ATOM   369  C CB  . LEU A 1 51  ? -27.788 4.100   -1.174  1.00 24.35  ? 605 LEU A CB  1 
ATOM   370  C CG  . LEU A 1 51  ? -28.023 5.166   -0.123  1.00 25.97  ? 605 LEU A CG  1 
ATOM   371  C CD1 . LEU A 1 51  ? -28.764 4.650   1.121   1.00 27.03  ? 605 LEU A CD1 1 
ATOM   372  C CD2 . LEU A 1 51  ? -26.669 5.808   0.213   1.00 24.79  ? 605 LEU A CD2 1 
ATOM   373  N N   . LEU A 1 52  ? -29.928 5.147   -3.096  1.00 27.98  ? 606 LEU A N   1 
ATOM   374  C CA  . LEU A 1 52  ? -30.925 6.165   -3.432  1.00 32.95  ? 606 LEU A CA  1 
ATOM   375  C C   . LEU A 1 52  ? -32.301 5.616   -3.807  1.00 32.97  ? 606 LEU A C   1 
ATOM   376  O O   . LEU A 1 52  ? -33.308 6.227   -3.525  1.00 29.91  ? 606 LEU A O   1 
ATOM   377  C CB  . LEU A 1 52  ? -30.487 7.064   -4.570  1.00 33.08  ? 606 LEU A CB  1 
ATOM   378  C CG  . LEU A 1 52  ? -29.190 7.808   -4.321  1.00 37.88  ? 606 LEU A CG  1 
ATOM   379  C CD1 . LEU A 1 52  ? -28.707 8.317   -5.678  1.00 37.70  ? 606 LEU A CD1 1 
ATOM   380  C CD2 . LEU A 1 52  ? -29.349 8.922   -3.297  1.00 36.88  ? 606 LEU A CD2 1 
ATOM   381  N N   . TYR A 1 53  ? -32.324 4.516   -4.515  1.00 36.19  ? 607 TYR A N   1 
ATOM   382  C CA  . TYR A 1 53  ? -33.590 3.946   -4.935  1.00 40.15  ? 607 TYR A CA  1 
ATOM   383  C C   . TYR A 1 53  ? -34.322 3.208   -3.823  1.00 34.98  ? 607 TYR A C   1 
ATOM   384  O O   . TYR A 1 53  ? -35.551 3.175   -3.849  1.00 34.08  ? 607 TYR A O   1 
ATOM   385  C CB  . TYR A 1 53  ? -33.436 3.089   -6.205  1.00 41.10  ? 607 TYR A CB  1 
ATOM   386  C CG  . TYR A 1 53  ? -33.559 4.008   -7.394  1.00 49.82  ? 607 TYR A CG  1 
ATOM   387  C CD1 . TYR A 1 53  ? -32.530 4.911   -7.708  1.00 51.62  ? 607 TYR A CD1 1 
ATOM   388  C CD2 . TYR A 1 53  ? -34.736 4.051   -8.166  1.00 57.85  ? 607 TYR A CD2 1 
ATOM   389  C CE1 . TYR A 1 53  ? -32.647 5.798   -8.757  1.00 50.87  ? 607 TYR A CE1 1 
ATOM   390  C CE2 . TYR A 1 53  ? -34.854 4.935   -9.236  1.00 56.41  ? 607 TYR A CE2 1 
ATOM   391  C CZ  . TYR A 1 53  ? -33.803 5.800   -9.516  1.00 56.07  ? 607 TYR A CZ  1 
ATOM   392  O OH  . TYR A 1 53  ? -33.890 6.673   -10.561 1.00 65.37  ? 607 TYR A OH  1 
ATOM   393  N N   . LYS A 1 54  ? -33.588 2.620   -2.880  1.00 31.41  ? 608 LYS A N   1 
ATOM   394  C CA  . LYS A 1 54  ? -34.212 2.046   -1.692  1.00 29.39  ? 608 LYS A CA  1 
ATOM   395  C C   . LYS A 1 54  ? -34.780 3.069   -0.764  1.00 29.13  ? 608 LYS A C   1 
ATOM   396  O O   . LYS A 1 54  ? -35.831 2.834   -0.220  1.00 28.15  ? 608 LYS A O   1 
ATOM   397  C CB  . LYS A 1 54  ? -33.280 1.159   -0.932  1.00 30.65  ? 608 LYS A CB  1 
ATOM   398  C CG  . LYS A 1 54  ? -32.863 -0.076  -1.705  1.00 33.80  ? 608 LYS A CG  1 
ATOM   399  C CD  . LYS A 1 54  ? -31.934 -0.907  -0.831  1.00 36.64  ? 608 LYS A CD  1 
ATOM   400  C CE  . LYS A 1 54  ? -31.808 -2.339  -1.321  1.00 37.82  ? 608 LYS A CE  1 
ATOM   401  N NZ  . LYS A 1 54  ? -30.854 -3.038  -0.418  1.00 40.86  ? 608 LYS A NZ  1 
ATOM   402  N N   . VAL A 1 55  ? -34.119 4.206   -0.549  1.00 31.03  ? 609 VAL A N   1 
ATOM   403  C CA  . VAL A 1 55  ? -34.724 5.203   0.351   1.00 34.05  ? 609 VAL A CA  1 
ATOM   404  C C   . VAL A 1 55  ? -35.913 5.881   -0.347  1.00 37.02  ? 609 VAL A C   1 
ATOM   405  O O   . VAL A 1 55  ? -36.935 6.151   0.265   1.00 34.97  ? 609 VAL A O   1 
ATOM   406  C CB  . VAL A 1 55  ? -33.744 6.277   0.876   1.00 32.70  ? 609 VAL A CB  1 
ATOM   407  C CG1 . VAL A 1 55  ? -32.590 5.627   1.600   1.00 35.01  ? 609 VAL A CG1 1 
ATOM   408  C CG2 . VAL A 1 55  ? -33.244 7.138   -0.251  1.00 35.10  ? 609 VAL A CG2 1 
ATOM   409  N N   . ASP A 1 56  ? -35.777 6.145   -1.629  1.00 39.73  ? 610 ASP A N   1 
ATOM   410  C CA  . ASP A 1 56  ? -36.868 6.733   -2.370  1.00 46.43  ? 610 ASP A CA  1 
ATOM   411  C C   . ASP A 1 56  ? -38.151 5.900   -2.263  1.00 44.77  ? 610 ASP A C   1 
ATOM   412  O O   . ASP A 1 56  ? -39.216 6.473   -2.062  1.00 46.58  ? 610 ASP A O   1 
ATOM   413  C CB  . ASP A 1 56  ? -36.489 6.927   -3.836  1.00 52.40  ? 610 ASP A CB  1 
ATOM   414  C CG  . ASP A 1 56  ? -37.300 8.023   -4.490  1.00 58.23  ? 610 ASP A CG  1 
ATOM   415  O OD1 . ASP A 1 56  ? -37.354 9.129   -3.881  1.00 60.00  ? 610 ASP A OD1 1 
ATOM   416  O OD2 . ASP A 1 56  ? -37.870 7.774   -5.585  1.00 53.90  ? 610 ASP A OD2 1 
ATOM   417  N N   . ALA A 1 57  ? -38.030 4.568   -2.403  1.00 38.43  ? 611 ALA A N   1 
ATOM   418  C CA  . ALA A 1 57  ? -39.142 3.607   -2.202  1.00 36.85  ? 611 ALA A CA  1 
ATOM   419  C C   . ALA A 1 57  ? -39.906 3.767   -0.887  1.00 38.54  ? 611 ALA A C   1 
ATOM   420  O O   . ALA A 1 57  ? -41.008 3.228   -0.761  1.00 41.43  ? 611 ALA A O   1 
ATOM   421  C CB  . ALA A 1 57  ? -38.627 2.169   -2.245  1.00 33.74  ? 611 ALA A CB  1 
ATOM   422  N N   . LEU A 1 58  ? -39.298 4.391   0.121   1.00 32.95  ? 612 LEU A N   1 
ATOM   423  C CA  . LEU A 1 58  ? -39.968 4.553   1.384   1.00 31.99  ? 612 LEU A CA  1 
ATOM   424  C C   . LEU A 1 58  ? -41.090 5.544   1.115   1.00 34.86  ? 612 LEU A C   1 
ATOM   425  O O   . LEU A 1 58  ? -40.855 6.605   0.548   1.00 34.79  ? 612 LEU A O   1 
ATOM   426  C CB  . LEU A 1 58  ? -39.016 5.036   2.459   1.00 29.35  ? 612 LEU A CB  1 
ATOM   427  C CG  . LEU A 1 58  ? -37.849 4.128   2.746   1.00 29.07  ? 612 LEU A CG  1 
ATOM   428  C CD1 . LEU A 1 58  ? -36.824 4.852   3.590   1.00 28.25  ? 612 LEU A CD1 1 
ATOM   429  C CD2 . LEU A 1 58  ? -38.316 2.867   3.463   1.00 32.84  ? 612 LEU A CD2 1 
ATOM   430  N N   . SER A 1 59  ? -42.325 5.161   1.411   1.00 36.47  ? 613 SER A N   1 
ATOM   431  C CA  . SER A 1 59  ? -43.482 6.000   0.969   1.00 40.02  ? 613 SER A CA  1 
ATOM   432  C C   . SER A 1 59  ? -43.532 7.362   1.647   1.00 35.49  ? 613 SER A C   1 
ATOM   433  O O   . SER A 1 59  ? -44.034 8.308   1.068   1.00 38.38  ? 613 SER A O   1 
ATOM   434  C CB  . SER A 1 59  ? -44.817 5.275   1.191   1.00 41.05  ? 613 SER A CB  1 
ATOM   435  O OG  . SER A 1 59  ? -44.878 4.736   2.507   1.00 40.32  ? 613 SER A OG  1 
ATOM   436  N N   . PHE A 1 60  ? -42.973 7.469   2.859   1.00 34.62  ? 614 PHE A N   1 
ATOM   437  C CA  . PHE A 1 60  ? -42.939 8.759   3.606   1.00 34.06  ? 614 PHE A CA  1 
ATOM   438  C C   . PHE A 1 60  ? -41.812 9.742   3.186   1.00 33.08  ? 614 PHE A C   1 
ATOM   439  O O   . PHE A 1 60  ? -41.739 10.878  3.670   1.00 37.67  ? 614 PHE A O   1 
ATOM   440  C CB  . PHE A 1 60  ? -42.884 8.482   5.117   1.00 33.28  ? 614 PHE A CB  1 
ATOM   441  C CG  . PHE A 1 60  ? -41.757 7.574   5.537   1.00 33.00  ? 614 PHE A CG  1 
ATOM   442  C CD1 . PHE A 1 60  ? -40.495 8.077   5.758   1.00 33.69  ? 614 PHE A CD1 1 
ATOM   443  C CD2 . PHE A 1 60  ? -41.965 6.226   5.720   1.00 33.62  ? 614 PHE A CD2 1 
ATOM   444  C CE1 . PHE A 1 60  ? -39.463 7.255   6.147   1.00 34.99  ? 614 PHE A CE1 1 
ATOM   445  C CE2 . PHE A 1 60  ? -40.931 5.383   6.082   1.00 34.44  ? 614 PHE A CE2 1 
ATOM   446  C CZ  . PHE A 1 60  ? -39.680 5.896   6.313   1.00 33.71  ? 614 PHE A CZ  1 
ATOM   447  N N   . VAL A 1 61  ? -40.939 9.304   2.279   1.00 31.49  ? 615 VAL A N   1 
ATOM   448  C CA  . VAL A 1 61  ? -39.827 10.112  1.800   1.00 31.80  ? 615 VAL A CA  1 
ATOM   449  C C   . VAL A 1 61  ? -40.254 10.677  0.457   1.00 32.60  ? 615 VAL A C   1 
ATOM   450  O O   . VAL A 1 61  ? -40.490 9.913   -0.509  1.00 32.47  ? 615 VAL A O   1 
ATOM   451  C CB  . VAL A 1 61  ? -38.514 9.299   1.688   1.00 29.34  ? 615 VAL A CB  1 
ATOM   452  C CG1 . VAL A 1 61  ? -37.454 10.088  0.941   1.00 28.31  ? 615 VAL A CG1 1 
ATOM   453  C CG2 . VAL A 1 61  ? -38.002 8.930   3.089   1.00 28.37  ? 615 VAL A CG2 1 
ATOM   454  N N   . LYS A 1 62  ? -40.373 12.002  0.435   1.00 30.40  ? 616 LYS A N   1 
ATOM   455  C CA  . LYS A 1 62  ? -40.838 12.753  -0.713  1.00 34.56  ? 616 LYS A CA  1 
ATOM   456  C C   . LYS A 1 62  ? -39.691 13.250  -1.508  1.00 38.21  ? 616 LYS A C   1 
ATOM   457  O O   . LYS A 1 62  ? -39.791 13.271  -2.751  1.00 43.04  ? 616 LYS A O   1 
ATOM   458  C CB  . LYS A 1 62  ? -41.665 13.946  -0.283  1.00 37.85  ? 616 LYS A CB  1 
ATOM   459  C CG  . LYS A 1 62  ? -42.860 13.591  0.589   1.00 43.06  ? 616 LYS A CG  1 
ATOM   460  C CD  . LYS A 1 62  ? -43.790 12.618  -0.127  1.00 48.09  ? 616 LYS A CD  1 
ATOM   461  C CE  . LYS A 1 62  ? -44.794 11.988  0.832   1.00 51.11  ? 616 LYS A CE  1 
ATOM   462  N NZ  . LYS A 1 62  ? -45.201 10.669  0.283   1.00 51.20  ? 616 LYS A NZ  1 
ATOM   463  N N   . SER A 1 63  ? -38.611 13.666  -0.836  1.00 31.85  ? 617 SER A N   1 
ATOM   464  C CA  . SER A 1 63  ? -37.398 13.997  -1.577  1.00 32.40  ? 617 SER A CA  1 
ATOM   465  C C   . SER A 1 63  ? -36.114 13.569  -0.864  1.00 28.24  ? 617 SER A C   1 
ATOM   466  O O   . SER A 1 63  ? -36.102 13.348  0.353   1.00 23.74  ? 617 SER A O   1 
ATOM   467  C CB  . SER A 1 63  ? -37.351 15.494  -1.861  1.00 34.23  ? 617 SER A CB  1 
ATOM   468  O OG  . SER A 1 63  ? -37.076 16.198  -0.680  1.00 37.61  ? 617 SER A OG  1 
ATOM   469  N N   . VAL A 1 64  ? -35.064 13.430  -1.662  1.00 26.86  ? 618 VAL A N   1 
ATOM   470  C CA  . VAL A 1 64  ? -33.756 13.032  -1.185  1.00 29.26  ? 618 VAL A CA  1 
ATOM   471  C C   . VAL A 1 64  ? -32.698 14.110  -1.545  1.00 28.70  ? 618 VAL A C   1 
ATOM   472  O O   . VAL A 1 64  ? -32.577 14.484  -2.691  1.00 25.66  ? 618 VAL A O   1 
ATOM   473  C CB  . VAL A 1 64  ? -33.379 11.678  -1.763  1.00 30.96  ? 618 VAL A CB  1 
ATOM   474  C CG1 . VAL A 1 64  ? -31.990 11.281  -1.280  1.00 31.71  ? 618 VAL A CG1 1 
ATOM   475  C CG2 . VAL A 1 64  ? -34.426 10.604  -1.340  1.00 32.05  ? 618 VAL A CG2 1 
ATOM   476  N N   . ASP A 1 65  ? -32.012 14.643  -0.543  1.00 26.00  ? 619 ASP A N   1 
ATOM   477  C CA  . ASP A 1 65  ? -30.906 15.525  -0.759  1.00 26.64  ? 619 ASP A CA  1 
ATOM   478  C C   . ASP A 1 65  ? -29.616 14.674  -0.589  1.00 25.08  ? 619 ASP A C   1 
ATOM   479  O O   . ASP A 1 65  ? -29.172 14.344  0.509   1.00 23.81  ? 619 ASP A O   1 
ATOM   480  C CB  . ASP A 1 65  ? -30.970 16.729  0.215   1.00 28.72  ? 619 ASP A CB  1 
ATOM   481  C CG  . ASP A 1 65  ? -29.875 17.778  -0.076  1.00 32.03  ? 619 ASP A CG  1 
ATOM   482  O OD1 . ASP A 1 65  ? -28.708 17.411  -0.296  1.00 32.75  ? 619 ASP A OD1 1 
ATOM   483  O OD2 . ASP A 1 65  ? -30.164 18.978  -0.125  1.00 35.07  ? 619 ASP A OD2 1 
ATOM   484  N N   . ASP A 1 66  ? -28.991 14.363  -1.704  1.00 27.62  ? 620 ASP A N   1 
ATOM   485  C CA  . ASP A 1 66  ? -27.940 13.335  -1.756  1.00 30.11  ? 620 ASP A CA  1 
ATOM   486  C C   . ASP A 1 66  ? -26.553 13.933  -1.721  1.00 29.32  ? 620 ASP A C   1 
ATOM   487  O O   . ASP A 1 66  ? -26.124 14.527  -2.714  1.00 28.35  ? 620 ASP A O   1 
ATOM   488  C CB  . ASP A 1 66  ? -28.110 12.513  -3.047  1.00 30.96  ? 620 ASP A CB  1 
ATOM   489  C CG  . ASP A 1 66  ? -26.870 11.721  -3.396  1.00 33.77  ? 620 ASP A CG  1 
ATOM   490  O OD1 . ASP A 1 66  ? -26.065 11.472  -2.508  1.00 32.82  ? 620 ASP A OD1 1 
ATOM   491  O OD2 . ASP A 1 66  ? -26.681 11.366  -4.582  1.00 44.62  ? 620 ASP A OD2 1 
ATOM   492  N N   . ASN A 1 67  ? -25.855 13.773  -0.602  1.00 28.63  ? 621 ASN A N   1 
ATOM   493  C CA  . ASN A 1 67  ? -24.473 14.264  -0.454  1.00 27.13  ? 621 ASN A CA  1 
ATOM   494  C C   . ASN A 1 67  ? -23.484 13.119  -0.147  1.00 25.20  ? 621 ASN A C   1 
ATOM   495  O O   . ASN A 1 67  ? -22.542 13.212  0.659   1.00 24.92  ? 621 ASN A O   1 
ATOM   496  C CB  . ASN A 1 67  ? -24.466 15.303  0.627   1.00 27.46  ? 621 ASN A CB  1 
ATOM   497  C CG  . ASN A 1 67  ? -25.383 16.458  0.306   1.00 32.95  ? 621 ASN A CG  1 
ATOM   498  O OD1 . ASN A 1 67  ? -24.956 17.430  -0.324  1.00 41.96  ? 621 ASN A OD1 1 
ATOM   499  N ND2 . ASN A 1 67  ? -26.626 16.391  0.752   1.00 30.12  ? 621 ASN A ND2 1 
ATOM   500  N N   . VAL A 1 68  ? -23.730 11.999  -0.782  1.00 23.42  ? 622 VAL A N   1 
ATOM   501  C CA  . VAL A 1 68  ? -22.955 10.819  -0.526  1.00 24.54  ? 622 VAL A CA  1 
ATOM   502  C C   . VAL A 1 68  ? -21.812 10.783  -1.552  1.00 20.83  ? 622 VAL A C   1 
ATOM   503  O O   . VAL A 1 68  ? -22.049 10.920  -2.725  1.00 21.43  ? 622 VAL A O   1 
ATOM   504  C CB  . VAL A 1 68  ? -23.837 9.566   -0.685  1.00 25.15  ? 622 VAL A CB  1 
ATOM   505  C CG1 . VAL A 1 68  ? -22.999 8.311   -0.522  1.00 25.97  ? 622 VAL A CG1 1 
ATOM   506  C CG2 . VAL A 1 68  ? -24.948 9.563   0.331   1.00 25.97  ? 622 VAL A CG2 1 
ATOM   507  N N   . ILE A 1 69  ? -20.612 10.589  -1.079  1.00 20.49  ? 623 ILE A N   1 
ATOM   508  C CA  . ILE A 1 69  ? -19.396 10.427  -1.872  1.00 21.83  ? 623 ILE A CA  1 
ATOM   509  C C   . ILE A 1 69  ? -19.257 9.016   -2.488  1.00 23.16  ? 623 ILE A C   1 
ATOM   510  O O   . ILE A 1 69  ? -19.361 7.981   -1.791  1.00 22.38  ? 623 ILE A O   1 
ATOM   511  C CB  . ILE A 1 69  ? -18.174 10.657  -0.961  1.00 23.51  ? 623 ILE A CB  1 
ATOM   512  C CG1 . ILE A 1 69  ? -18.240 12.047  -0.242  1.00 24.50  ? 623 ILE A CG1 1 
ATOM   513  C CG2 . ILE A 1 69  ? -16.890 10.490  -1.718  1.00 22.65  ? 623 ILE A CG2 1 
ATOM   514  C CD1 . ILE A 1 69  ? -18.606 13.211  -1.158  1.00 26.20  ? 623 ILE A CD1 1 
ATOM   515  N N   . ASP A 1 70  ? -19.009 8.984   -3.792  1.00 20.93  ? 624 ASP A N   1 
ATOM   516  C CA  . ASP A 1 70  ? -18.629 7.782   -4.510  1.00 21.22  ? 624 ASP A CA  1 
ATOM   517  C C   . ASP A 1 70  ? -17.089 7.624   -4.376  1.00 20.09  ? 624 ASP A C   1 
ATOM   518  O O   . ASP A 1 70  ? -16.289 8.315   -5.008  1.00 20.34  ? 624 ASP A O   1 
ATOM   519  C CB  . ASP A 1 70  ? -19.084 7.942   -5.954  1.00 21.33  ? 624 ASP A CB  1 
ATOM   520  C CG  . ASP A 1 70  ? -18.529 6.872   -6.895  1.00 22.42  ? 624 ASP A CG  1 
ATOM   521  O OD1 . ASP A 1 70  ? -17.687 6.084   -6.453  1.00 22.84  ? 624 ASP A OD1 1 
ATOM   522  O OD2 . ASP A 1 70  ? -18.979 6.820   -8.079  1.00 24.20  ? 624 ASP A OD2 1 
ATOM   523  N N   . ASP A 1 71  ? -16.658 6.766   -3.488  1.00 19.82  ? 625 ASP A N   1 
ATOM   524  C CA  . ASP A 1 71  ? -15.235 6.648   -3.205  1.00 20.31  ? 625 ASP A CA  1 
ATOM   525  C C   . ASP A 1 71  ? -14.424 6.241   -4.438  1.00 23.01  ? 625 ASP A C   1 
ATOM   526  O O   . ASP A 1 71  ? -13.262 6.657   -4.569  1.00 22.09  ? 625 ASP A O   1 
ATOM   527  C CB  . ASP A 1 71  ? -14.991 5.694   -2.055  1.00 20.11  ? 625 ASP A CB  1 
ATOM   528  C CG  . ASP A 1 71  ? -15.410 6.260   -0.708  1.00 20.23  ? 625 ASP A CG  1 
ATOM   529  O OD1 . ASP A 1 71  ? -15.651 7.474   -0.582  1.00 21.98  ? 625 ASP A OD1 1 
ATOM   530  O OD2 . ASP A 1 71  ? -15.460 5.492   0.268   1.00 20.14  ? 625 ASP A OD2 1 
ATOM   531  N N   . GLU A 1 72  ? -15.032 5.474   -5.353  1.00 20.55  ? 626 GLU A N   1 
ATOM   532  C CA  . GLU A 1 72  ? -14.328 5.022   -6.583  1.00 20.70  ? 626 GLU A CA  1 
ATOM   533  C C   . GLU A 1 72  ? -13.924 6.195   -7.493  1.00 21.20  ? 626 GLU A C   1 
ATOM   534  O O   . GLU A 1 72  ? -12.841 6.194   -8.041  1.00 20.86  ? 626 GLU A O   1 
ATOM   535  C CB  . GLU A 1 72  ? -15.205 4.028   -7.363  1.00 20.24  ? 626 GLU A CB  1 
ATOM   536  C CG  . GLU A 1 72  ? -14.547 3.246   -8.452  1.00 20.09  ? 626 GLU A CG  1 
ATOM   537  C CD  . GLU A 1 72  ? -15.537 2.359   -9.255  1.00 20.96  ? 626 GLU A CD  1 
ATOM   538  O OE1 . GLU A 1 72  ? -16.521 2.850   -9.946  1.00 19.18  ? 626 GLU A OE1 1 
ATOM   539  O OE2 . GLU A 1 72  ? -15.310 1.142   -9.170  1.00 19.21  ? 626 GLU A OE2 1 
ATOM   540  N N   . ALA A 1 73  ? -14.828 7.147   -7.683  1.00 20.03  ? 627 ALA A N   1 
ATOM   541  C CA  . ALA A 1 73  ? -14.568 8.359   -8.457  1.00 20.04  ? 627 ALA A CA  1 
ATOM   542  C C   . ALA A 1 73  ? -13.433 9.087   -7.780  1.00 17.97  ? 627 ALA A C   1 
ATOM   543  O O   . ALA A 1 73  ? -12.567 9.570   -8.439  1.00 17.83  ? 627 ALA A O   1 
ATOM   544  C CB  . ALA A 1 73  ? -15.807 9.277   -8.531  1.00 19.02  ? 627 ALA A CB  1 
ATOM   545  N N   . VAL A 1 74  ? -13.453 9.136   -6.453  1.00 17.27  ? 628 VAL A N   1 
ATOM   546  C CA  . VAL A 1 74  ? -12.382 9.768   -5.660  1.00 15.13  ? 628 VAL A CA  1 
ATOM   547  C C   . VAL A 1 74  ? -11.000 9.204   -5.844  1.00 14.97  ? 628 VAL A C   1 
ATOM   548  O O   . VAL A 1 74  ? -10.090 9.949   -6.261  1.00 13.07  ? 628 VAL A O   1 
ATOM   549  C CB  . VAL A 1 74  ? -12.698 9.861   -4.179  1.00 15.54  ? 628 VAL A CB  1 
ATOM   550  C CG1 . VAL A 1 74  ? -11.542 10.517  -3.445  1.00 16.55  ? 628 VAL A CG1 1 
ATOM   551  C CG2 . VAL A 1 74  ? -14.007 10.674  -3.933  1.00 15.94  ? 628 VAL A CG2 1 
ATOM   552  N N   . TRP A 1 75  ? -10.801 7.911   -5.636  1.00 15.83  ? 629 TRP A N   1 
ATOM   553  C CA  . TRP A 1 75  ? -9.446  7.380   -5.852  1.00 16.99  ? 629 TRP A CA  1 
ATOM   554  C C   . TRP A 1 75  ? -9.053  7.244   -7.295  1.00 19.22  ? 629 TRP A C   1 
ATOM   555  O O   . TRP A 1 75  ? -7.855  7.308   -7.594  1.00 18.99  ? 629 TRP A O   1 
ATOM   556  C CB  . TRP A 1 75  ? -9.122  6.101   -5.027  1.00 18.25  ? 629 TRP A CB  1 
ATOM   557  C CG  . TRP A 1 75  ? -9.991  4.926   -5.226  1.00 17.74  ? 629 TRP A CG  1 
ATOM   558  C CD1 . TRP A 1 75  ? -11.003 4.532   -4.418  1.00 17.58  ? 629 TRP A CD1 1 
ATOM   559  C CD2 . TRP A 1 75  ? -9.903  3.956   -6.286  1.00 18.33  ? 629 TRP A CD2 1 
ATOM   560  N NE1 . TRP A 1 75  ? -11.607 3.383   -4.930  1.00 18.60  ? 629 TRP A NE1 1 
ATOM   561  C CE2 . TRP A 1 75  ? -10.944 3.008   -6.077  1.00 19.11  ? 629 TRP A CE2 1 
ATOM   562  C CE3 . TRP A 1 75  ? -9.099  3.826   -7.408  1.00 18.37  ? 629 TRP A CE3 1 
ATOM   563  C CZ2 . TRP A 1 75  ? -11.171 1.905   -6.959  1.00 19.33  ? 629 TRP A CZ2 1 
ATOM   564  C CZ3 . TRP A 1 75  ? -9.329  2.716   -8.315  1.00 19.93  ? 629 TRP A CZ3 1 
ATOM   565  C CH2 . TRP A 1 75  ? -10.353 1.760   -8.041  1.00 18.78  ? 629 TRP A CH2 1 
ATOM   566  N N   . GLN A 1 76  ? -10.018 7.015   -8.217  1.00 19.43  ? 630 GLN A N   1 
ATOM   567  C CA  . GLN A 1 76  ? -9.659  6.978   -9.634  1.00 19.50  ? 630 GLN A CA  1 
ATOM   568  C C   . GLN A 1 76  ? -9.135  8.384   -10.114 1.00 19.47  ? 630 GLN A C   1 
ATOM   569  O O   . GLN A 1 76  ? -8.197  8.465   -10.890 1.00 17.42  ? 630 GLN A O   1 
ATOM   570  C CB  . GLN A 1 76  ? -10.847 6.563   -10.488 1.00 19.91  ? 630 GLN A CB  1 
ATOM   571  C CG  . GLN A 1 76  ? -11.077 5.054   -10.480 1.00 20.87  ? 630 GLN A CG  1 
ATOM   572  C CD  . GLN A 1 76  ? -12.321 4.670   -11.267 1.00 24.45  ? 630 GLN A CD  1 
ATOM   573  O OE1 . GLN A 1 76  ? -13.220 5.510   -11.486 1.00 27.05  ? 630 GLN A OE1 1 
ATOM   574  N NE2 . GLN A 1 76  ? -12.424 3.369   -11.637 1.00 24.81  ? 630 GLN A NE2 1 
ATOM   575  N N   . GLU A 1 77  ? -9.839  9.433   -9.705  1.00 19.56  ? 631 GLU A N   1 
ATOM   576  C CA  . GLU A 1 77  ? -9.462  10.805  -9.978  1.00 23.88  ? 631 GLU A CA  1 
ATOM   577  C C   . GLU A 1 77  ? -8.034  11.027  -9.459  1.00 21.61  ? 631 GLU A C   1 
ATOM   578  O O   . GLU A 1 77  ? -7.197  11.451  -10.185 1.00 23.43  ? 631 GLU A O   1 
ATOM   579  C CB  . GLU A 1 77  ? -10.461 11.766  -9.327  1.00 29.47  ? 631 GLU A CB  1 
ATOM   580  C CG  . GLU A 1 77  ? -10.074 13.247  -9.397  1.00 40.34  ? 631 GLU A CG  1 
ATOM   581  C CD  . GLU A 1 77  ? -10.228 14.026  -8.073  1.00 54.66  ? 631 GLU A CD  1 
ATOM   582  O OE1 . GLU A 1 77  ? -11.304 13.926  -7.404  1.00 57.42  ? 631 GLU A OE1 1 
ATOM   583  O OE2 . GLU A 1 77  ? -9.262  14.766  -7.696  1.00 67.14  ? 631 GLU A OE2 1 
ATOM   584  N N   . MET A 1 78  ? -7.747  10.672  -8.228  1.00 20.61  ? 632 MET A N   1 
ATOM   585  C CA  . MET A 1 78  ? -6.418  10.881  -7.659  1.00 22.56  ? 632 MET A CA  1 
ATOM   586  C C   . MET A 1 78  ? -5.322  10.115  -8.426  1.00 21.00  ? 632 MET A C   1 
ATOM   587  O O   . MET A 1 78  ? -4.231  10.633  -8.631  1.00 16.97  ? 632 MET A O   1 
ATOM   588  C CB  . MET A 1 78  ? -6.439  10.521  -6.137  1.00 24.47  ? 632 MET A CB  1 
ATOM   589  C CG  . MET A 1 78  ? -5.204  10.916  -5.279  1.00 32.21  ? 632 MET A CG  1 
ATOM   590  S SD  . MET A 1 78  ? -4.626  12.697  -5.145  1.00 36.76  ? 632 MET A SD  1 
ATOM   591  C CE  . MET A 1 78  ? -6.150  13.578  -5.388  1.00 37.36  ? 632 MET A CE  1 
ATOM   592  N N   . ASN A 1 79  ? -5.632  8.891   -8.874  1.00 20.26  ? 633 ASN A N   1 
ATOM   593  C CA  . ASN A 1 79  ? -4.698  8.073   -9.632  1.00 19.46  ? 633 ASN A CA  1 
ATOM   594  C C   . ASN A 1 79  ? -4.411  8.690   -10.940 1.00 20.10  ? 633 ASN A C   1 
ATOM   595  O O   . ASN A 1 79  ? -3.298  8.542   -11.432 1.00 18.74  ? 633 ASN A O   1 
ATOM   596  C CB  . ASN A 1 79  ? -5.235  6.640   -9.883  1.00 19.41  ? 633 ASN A CB  1 
ATOM   597  C CG  . ASN A 1 79  ? -5.215  5.813   -8.627  1.00 21.02  ? 633 ASN A CG  1 
ATOM   598  O OD1 . ASN A 1 79  ? -4.535  6.200   -7.669  1.00 19.44  ? 633 ASN A OD1 1 
ATOM   599  N ND2 . ASN A 1 79  ? -5.999  4.675   -8.588  1.00 19.91  ? 633 ASN A ND2 1 
ATOM   600  N N   . ILE A 1 80  ? -5.414  9.350   -11.534 1.00 19.85  ? 634 ILE A N   1 
ATOM   601  C CA  . ILE A 1 80  ? -5.169  10.087  -12.784 1.00 21.24  ? 634 ILE A CA  1 
ATOM   602  C C   . ILE A 1 80  ? -4.142  11.220  -12.487 1.00 24.05  ? 634 ILE A C   1 
ATOM   603  O O   . ILE A 1 80  ? -3.203  11.407  -13.264 1.00 26.10  ? 634 ILE A O   1 
ATOM   604  C CB  . ILE A 1 80  ? -6.468  10.615  -13.432 1.00 19.41  ? 634 ILE A CB  1 
ATOM   605  C CG1 . ILE A 1 80  ? -7.295  9.478   -14.020 1.00 19.41  ? 634 ILE A CG1 1 
ATOM   606  C CG2 . ILE A 1 80  ? -6.173  11.634  -14.513 1.00 21.15  ? 634 ILE A CG2 1 
ATOM   607  C CD1 . ILE A 1 80  ? -8.702  9.906   -14.455 1.00 18.18  ? 634 ILE A CD1 1 
ATOM   608  N N   . LEU A 1 81  ? -4.270  11.939  -11.364 1.00 24.28  ? 635 LEU A N   1 
ATOM   609  C CA  . LEU A 1 81  ? -3.317  13.050  -11.090 1.00 27.12  ? 635 LEU A CA  1 
ATOM   610  C C   . LEU A 1 81  ? -1.926  12.531  -10.843 1.00 25.84  ? 635 LEU A C   1 
ATOM   611  O O   . LEU A 1 81  ? -0.959  13.151  -11.250 1.00 23.42  ? 635 LEU A O   1 
ATOM   612  C CB  . LEU A 1 81  ? -3.702  13.876  -9.881  1.00 28.26  ? 635 LEU A CB  1 
ATOM   613  C CG  . LEU A 1 81  ? -5.033  14.609  -9.992  1.00 33.04  ? 635 LEU A CG  1 
ATOM   614  C CD1 . LEU A 1 81  ? -5.370  15.338  -8.685  1.00 33.77  ? 635 LEU A CD1 1 
ATOM   615  C CD2 . LEU A 1 81  ? -4.975  15.557  -11.192 1.00 31.00  ? 635 LEU A CD2 1 
ATOM   616  N N   . LEU A 1 82  ? -1.820  11.429  -10.112 1.00 25.49  ? 636 LEU A N   1 
ATOM   617  C CA  . LEU A 1 82  ? -0.508  10.917  -9.757  1.00 25.76  ? 636 LEU A CA  1 
ATOM   618  C C   . LEU A 1 82  ? 0.231   10.402  -11.000 1.00 27.78  ? 636 LEU A C   1 
ATOM   619  O O   . LEU A 1 82  ? 1.448   10.566  -11.099 1.00 24.59  ? 636 LEU A O   1 
ATOM   620  C CB  . LEU A 1 82  ? -0.625  9.831   -8.728  1.00 26.00  ? 636 LEU A CB  1 
ATOM   621  C CG  . LEU A 1 82  ? -1.125  10.250  -7.346  1.00 26.66  ? 636 LEU A CG  1 
ATOM   622  C CD1 . LEU A 1 82  ? -1.620  9.007   -6.620  1.00 25.74  ? 636 LEU A CD1 1 
ATOM   623  C CD2 . LEU A 1 82  ? -0.029  10.967  -6.556  1.00 26.23  ? 636 LEU A CD2 1 
ATOM   624  N N   . SER A 1 83  ? -0.540  9.843   -11.944 1.00 30.16  ? 637 SER A N   1 
ATOM   625  C CA  . SER A 1 83  ? -0.066  9.211   -13.191 1.00 31.93  ? 637 SER A CA  1 
ATOM   626  C C   . SER A 1 83  ? 0.643   10.215  -14.068 1.00 31.34  ? 637 SER A C   1 
ATOM   627  O O   . SER A 1 83  ? 1.515   9.865   -14.768 1.00 33.48  ? 637 SER A O   1 
ATOM   628  C CB  . SER A 1 83  ? -1.247  8.622   -14.008 1.00 33.55  ? 637 SER A CB  1 
ATOM   629  O OG  . SER A 1 83  ? -2.021  9.629   -14.770 1.00 36.76  ? 637 SER A OG  1 
ATOM   630  N N   . LYS A 1 84  ? 0.195   11.459  -14.045 1.00 37.25  ? 638 LYS A N   1 
ATOM   631  C CA  . LYS A 1 84  ? 0.755   12.562  -14.810 1.00 37.45  ? 638 LYS A CA  1 
ATOM   632  C C   . LYS A 1 84  ? 1.943   13.217  -14.140 1.00 40.11  ? 638 LYS A C   1 
ATOM   633  O O   . LYS A 1 84  ? 2.533   14.132  -14.682 1.00 43.12  ? 638 LYS A O   1 
ATOM   634  C CB  . LYS A 1 84  ? -0.334  13.620  -14.963 1.00 39.36  ? 638 LYS A CB  1 
ATOM   635  C CG  . LYS A 1 84  ? -1.370  13.210  -15.988 1.00 42.78  ? 638 LYS A CG  1 
ATOM   636  C CD  . LYS A 1 84  ? -2.608  14.088  -16.023 1.00 47.95  ? 638 LYS A CD  1 
ATOM   637  C CE  . LYS A 1 84  ? -3.478  13.689  -17.222 1.00 58.14  ? 638 LYS A CE  1 
ATOM   638  N NZ  . LYS A 1 84  ? -3.523  12.208  -17.513 1.00 62.14  ? 638 LYS A NZ  1 
ATOM   639  N N   . ASN A 1 85  ? 2.267   12.780  -12.939 1.00 41.25  ? 639 ASN A N   1 
ATOM   640  C CA  . ASN A 1 85  ? 3.365   13.346  -12.181 1.00 43.49  ? 639 ASN A CA  1 
ATOM   641  C C   . ASN A 1 85  ? 4.614   12.448  -12.218 1.00 43.29  ? 639 ASN A C   1 
ATOM   642  O O   . ASN A 1 85  ? 4.639   11.389  -11.632 1.00 42.58  ? 639 ASN A O   1 
ATOM   643  C CB  . ASN A 1 85  ? 2.893   13.541  -10.748 1.00 41.45  ? 639 ASN A CB  1 
ATOM   644  C CG  . ASN A 1 85  ? 3.753   14.493  -9.996  1.00 45.23  ? 639 ASN A CG  1 
ATOM   645  O OD1 . ASN A 1 85  ? 4.875   14.153  -9.584  1.00 46.85  ? 639 ASN A OD1 1 
ATOM   646  N ND2 . ASN A 1 85  ? 3.246   15.701  -9.800  1.00 44.29  ? 639 ASN A ND2 1 
ATOM   647  N N   . PRO A 1 86  ? 5.683   12.886  -12.882 1.00 54.56  ? 640 PRO A N   1 
ATOM   648  C CA  . PRO A 1 86  ? 6.835   11.957  -13.006 1.00 53.12  ? 640 PRO A CA  1 
ATOM   649  C C   . PRO A 1 86  ? 7.429   11.527  -11.645 1.00 49.29  ? 640 PRO A C   1 
ATOM   650  O O   . PRO A 1 86  ? 7.833   10.351  -11.445 1.00 39.84  ? 640 PRO A O   1 
ATOM   651  C CB  . PRO A 1 86  ? 7.848   12.778  -13.808 1.00 59.49  ? 640 PRO A CB  1 
ATOM   652  C CG  . PRO A 1 86  ? 7.545   14.222  -13.434 1.00 61.55  ? 640 PRO A CG  1 
ATOM   653  C CD  . PRO A 1 86  ? 6.051   14.292  -13.179 1.00 59.03  ? 640 PRO A CD  1 
ATOM   654  N N   . GLU A 1 87  ? 7.460   12.468  -10.709 1.00 46.41  ? 641 GLU A N   1 
ATOM   655  C CA  . GLU A 1 87  ? 7.862   12.167  -9.332  1.00 51.43  ? 641 GLU A CA  1 
ATOM   656  C C   . GLU A 1 87  ? 7.048   10.983  -8.701  1.00 46.66  ? 641 GLU A C   1 
ATOM   657  O O   . GLU A 1 87  ? 7.611   10.167  -7.982  1.00 48.21  ? 641 GLU A O   1 
ATOM   658  C CB  . GLU A 1 87  ? 7.788   13.468  -8.502  1.00 55.79  ? 641 GLU A CB  1 
ATOM   659  C CG  . GLU A 1 87  ? 8.337   13.420  -7.075  1.00 70.69  ? 641 GLU A CG  1 
ATOM   660  C CD  . GLU A 1 87  ? 9.844   13.631  -6.948  1.00 80.86  ? 641 GLU A CD  1 
ATOM   661  O OE1 . GLU A 1 87  ? 10.564  13.534  -7.969  1.00 89.39  ? 641 GLU A OE1 1 
ATOM   662  O OE2 . GLU A 1 87  ? 10.317  13.875  -5.808  1.00 82.89  ? 641 GLU A OE2 1 
ATOM   663  N N   . PHE A 1 88  ? 5.744   10.853  -8.997  1.00 44.25  ? 642 PHE A N   1 
ATOM   664  C CA  . PHE A 1 88  ? 4.882   9.893   -8.260  1.00 42.69  ? 642 PHE A CA  1 
ATOM   665  C C   . PHE A 1 88  ? 4.219   8.786   -9.048  1.00 43.21  ? 642 PHE A C   1 
ATOM   666  O O   . PHE A 1 88  ? 3.382   8.109   -8.513  1.00 38.25  ? 642 PHE A O   1 
ATOM   667  C CB  . PHE A 1 88  ? 3.787   10.631  -7.488  1.00 36.33  ? 642 PHE A CB  1 
ATOM   668  C CG  . PHE A 1 88  ? 4.300   11.752  -6.668  1.00 35.12  ? 642 PHE A CG  1 
ATOM   669  C CD1 . PHE A 1 88  ? 5.311   11.541  -5.750  1.00 36.76  ? 642 PHE A CD1 1 
ATOM   670  C CD2 . PHE A 1 88  ? 3.781   13.004  -6.802  1.00 34.23  ? 642 PHE A CD2 1 
ATOM   671  C CE1 . PHE A 1 88  ? 5.806   12.574  -4.992  1.00 37.56  ? 642 PHE A CE1 1 
ATOM   672  C CE2 . PHE A 1 88  ? 4.276   14.052  -6.055  1.00 33.64  ? 642 PHE A CE2 1 
ATOM   673  C CZ  . PHE A 1 88  ? 5.293   13.834  -5.153  1.00 35.98  ? 642 PHE A CZ  1 
ATOM   674  N N   . LYS A 1 89  ? 4.606   8.554   -10.285 1.00 52.16  ? 643 LYS A N   1 
ATOM   675  C CA  . LYS A 1 89  ? 3.784   7.690   -11.118 1.00 57.41  ? 643 LYS A CA  1 
ATOM   676  C C   . LYS A 1 89  ? 3.711   6.195   -10.636 1.00 52.66  ? 643 LYS A C   1 
ATOM   677  O O   . LYS A 1 89  ? 2.704   5.535   -10.934 1.00 52.63  ? 643 LYS A O   1 
ATOM   678  C CB  . LYS A 1 89  ? 4.115   7.860   -12.616 1.00 63.37  ? 643 LYS A CB  1 
ATOM   679  C CG  . LYS A 1 89  ? 5.558   7.567   -13.025 1.00 69.46  ? 643 LYS A CG  1 
ATOM   680  C CD  . LYS A 1 89  ? 5.612   7.101   -14.479 1.00 72.34  ? 643 LYS A CD  1 
ATOM   681  C CE  . LYS A 1 89  ? 6.965   7.334   -15.132 1.00 74.74  ? 643 LYS A CE  1 
ATOM   682  N NZ  . LYS A 1 89  ? 7.054   8.718   -15.674 1.00 76.07  ? 643 LYS A NZ  1 
ATOM   683  N N   . GLY A 1 90  ? 4.696   5.690   -9.871  1.00 42.74  ? 644 GLY A N   1 
ATOM   684  C CA  . GLY A 1 90  ? 4.569   4.344   -9.240  1.00 39.86  ? 644 GLY A CA  1 
ATOM   685  C C   . GLY A 1 90  ? 3.617   4.256   -7.989  1.00 39.85  ? 644 GLY A C   1 
ATOM   686  O O   . GLY A 1 90  ? 3.442   3.204   -7.389  1.00 37.91  ? 644 GLY A O   1 
ATOM   687  N N   . ILE A 1 91  ? 3.014   5.374   -7.613  1.00 31.69  ? 645 ILE A N   1 
ATOM   688  C CA  . ILE A 1 91  ? 2.131   5.503   -6.463  1.00 32.06  ? 645 ILE A CA  1 
ATOM   689  C C   . ILE A 1 91  ? 0.648   5.419   -6.923  1.00 29.68  ? 645 ILE A C   1 
ATOM   690  O O   . ILE A 1 91  ? 0.236   6.126   -7.843  1.00 26.99  ? 645 ILE A O   1 
ATOM   691  C CB  . ILE A 1 91  ? 2.357   6.902   -5.823  1.00 29.88  ? 645 ILE A CB  1 
ATOM   692  C CG1 . ILE A 1 91  ? 3.845   7.156   -5.494  1.00 29.16  ? 645 ILE A CG1 1 
ATOM   693  C CG2 . ILE A 1 91  ? 1.437   7.135   -4.616  1.00 31.55  ? 645 ILE A CG2 1 
ATOM   694  C CD1 . ILE A 1 91  ? 4.433   6.149   -4.525  1.00 32.86  ? 645 ILE A CD1 1 
ATOM   695  N N   . SER A 1 92  ? -0.157  4.613   -6.235  1.00 28.73  ? 646 SER A N   1 
ATOM   696  C CA  . SER A 1 92  ? -1.591  4.601   -6.459  1.00 26.26  ? 646 SER A CA  1 
ATOM   697  C C   . SER A 1 92  ? -2.427  4.552   -5.188  1.00 25.29  ? 646 SER A C   1 
ATOM   698  O O   . SER A 1 92  ? -1.940  4.218   -4.127  1.00 24.24  ? 646 SER A O   1 
ATOM   699  C CB  . SER A 1 92  ? -1.965  3.442   -7.348  1.00 27.96  ? 646 SER A CB  1 
ATOM   700  O OG  . SER A 1 92  ? -1.548  2.246   -6.796  1.00 28.93  ? 646 SER A OG  1 
ATOM   701  N N   . MET A 1 93  ? -3.704  4.888   -5.344  1.00 21.35  ? 647 MET A N   1 
ATOM   702  C CA  . MET A 1 93  ? -4.654  4.969   -4.266  1.00 23.70  ? 647 MET A CA  1 
ATOM   703  C C   . MET A 1 93  ? -5.845  4.029   -4.557  1.00 24.89  ? 647 MET A C   1 
ATOM   704  O O   . MET A 1 93  ? -6.299  3.905   -5.722  1.00 25.27  ? 647 MET A O   1 
ATOM   705  C CB  . MET A 1 93  ? -5.169  6.396   -4.094  1.00 24.56  ? 647 MET A CB  1 
ATOM   706  C CG  . MET A 1 93  ? -6.208  6.563   -2.974  1.00 27.40  ? 647 MET A CG  1 
ATOM   707  S SD  . MET A 1 93  ? -6.680  8.285   -2.689  1.00 29.57  ? 647 MET A SD  1 
ATOM   708  C CE  . MET A 1 93  ? -5.221  8.765   -1.781  1.00 26.05  ? 647 MET A CE  1 
ATOM   709  N N   . GLN A 1 94  ? -6.304  3.409   -3.483  1.00 24.79  ? 648 GLN A N   1 
ATOM   710  C CA  . GLN A 1 94  ? -7.420  2.479   -3.446  1.00 30.58  ? 648 GLN A CA  1 
ATOM   711  C C   . GLN A 1 94  ? -8.220  2.775   -2.172  1.00 25.60  ? 648 GLN A C   1 
ATOM   712  O O   . GLN A 1 94  ? -7.877  3.662   -1.403  1.00 21.92  ? 648 GLN A O   1 
ATOM   713  C CB  . GLN A 1 94  ? -6.957  0.992   -3.428  1.00 31.93  ? 648 GLN A CB  1 
ATOM   714  C CG  . GLN A 1 94  ? -6.145  0.529   -4.644  1.00 44.18  ? 648 GLN A CG  1 
ATOM   715  C CD  . GLN A 1 94  ? -6.864  0.574   -6.032  1.00 49.30  ? 648 GLN A CD  1 
ATOM   716  O OE1 . GLN A 1 94  ? -7.959  -0.008  -6.208  1.00 60.19  ? 648 GLN A OE1 1 
ATOM   717  N NE2 . GLN A 1 94  ? -6.203  1.219   -7.049  1.00 44.07  ? 648 GLN A NE2 1 
ATOM   718  N N   . SER A 1 95  ? -9.298  2.026   -2.010  1.00 22.56  ? 649 SER A N   1 
ATOM   719  C CA  . SER A 1 95  ? -10.157 2.078   -0.873  1.00 23.90  ? 649 SER A CA  1 
ATOM   720  C C   . SER A 1 95  ? -10.683 0.675   -0.580  1.00 26.57  ? 649 SER A C   1 
ATOM   721  O O   . SER A 1 95  ? -11.495 0.182   -1.361  1.00 24.30  ? 649 SER A O   1 
ATOM   722  C CB  . SER A 1 95  ? -11.376 2.917   -1.177  1.00 22.51  ? 649 SER A CB  1 
ATOM   723  O OG  . SER A 1 95  ? -12.256 2.824   -0.051  1.00 22.64  ? 649 SER A OG  1 
ATOM   724  N N   . PRO A 1 96  ? -10.251 0.054   0.543   1.00 26.28  ? 650 PRO A N   1 
ATOM   725  C CA  . PRO A 1 96  ? -10.725 -1.302  0.817   1.00 27.81  ? 650 PRO A CA  1 
ATOM   726  C C   . PRO A 1 96  ? -12.120 -1.261  1.477   1.00 30.49  ? 650 PRO A C   1 
ATOM   727  O O   . PRO A 1 96  ? -12.792 -2.259  1.591   1.00 28.96  ? 650 PRO A O   1 
ATOM   728  C CB  . PRO A 1 96  ? -9.678  -1.839  1.779   1.00 25.83  ? 650 PRO A CB  1 
ATOM   729  C CG  . PRO A 1 96  ? -9.232  -0.615  2.498   1.00 27.29  ? 650 PRO A CG  1 
ATOM   730  C CD  . PRO A 1 96  ? -9.156  0.439   1.443   1.00 26.32  ? 650 PRO A CD  1 
ATOM   731  N N   . GLU A 1 97  ? -12.556 -0.098  1.911   1.00 31.44  ? 651 GLU A N   1 
ATOM   732  C CA  . GLU A 1 97  ? -13.951 0.026   2.308   1.00 31.21  ? 651 GLU A CA  1 
ATOM   733  C C   . GLU A 1 97  ? -14.412 1.470   2.413   1.00 27.88  ? 651 GLU A C   1 
ATOM   734  O O   . GLU A 1 97  ? -13.590 2.373   2.521   1.00 27.33  ? 651 GLU A O   1 
ATOM   735  C CB  . GLU A 1 97  ? -14.227 -0.719  3.595   1.00 33.27  ? 651 GLU A CB  1 
ATOM   736  C CG  . GLU A 1 97  ? -13.191 -0.557  4.672   1.00 38.19  ? 651 GLU A CG  1 
ATOM   737  C CD  . GLU A 1 97  ? -13.765 -0.839  6.026   1.00 44.00  ? 651 GLU A CD  1 
ATOM   738  O OE1 . GLU A 1 97  ? -14.965 -0.558  6.207   1.00 53.43  ? 651 GLU A OE1 1 
ATOM   739  O OE2 . GLU A 1 97  ? -13.036 -1.342  6.906   1.00 50.03  ? 651 GLU A OE2 1 
ATOM   740  N N   . PRO A 1 98  ? -15.737 1.672   2.370   1.00 27.99  ? 652 PRO A N   1 
ATOM   741  C CA  . PRO A 1 98  ? -16.326 2.995   2.384   1.00 25.10  ? 652 PRO A CA  1 
ATOM   742  C C   . PRO A 1 98  ? -15.650 3.874   3.451   1.00 22.64  ? 652 PRO A C   1 
ATOM   743  O O   . PRO A 1 98  ? -15.486 3.460   4.583   1.00 22.17  ? 652 PRO A O   1 
ATOM   744  C CB  . PRO A 1 98  ? -17.795 2.702   2.705   1.00 27.00  ? 652 PRO A CB  1 
ATOM   745  C CG  . PRO A 1 98  ? -18.027 1.372   1.977   1.00 26.69  ? 652 PRO A CG  1 
ATOM   746  C CD  . PRO A 1 98  ? -16.772 0.602   2.231   1.00 26.51  ? 652 PRO A CD  1 
ATOM   747  N N   . GLY A 1 99  ? -15.153 5.042   3.043   1.00 20.10  ? 653 GLY A N   1 
ATOM   748  C CA  . GLY A 1 99  ? -14.549 5.943   3.976   1.00 19.02  ? 653 GLY A CA  1 
ATOM   749  C C   . GLY A 1 99  ? -13.120 5.638   4.389   1.00 19.72  ? 653 GLY A C   1 
ATOM   750  O O   . GLY A 1 99  ? -12.588 6.373   5.193   1.00 21.96  ? 653 GLY A O   1 
ATOM   751  N N   . ILE A 1 100 ? -12.477 4.631   3.822   1.00 19.99  ? 654 ILE A N   1 
ATOM   752  C CA  . ILE A 1 100 ? -11.059 4.353   4.115   1.00 23.19  ? 654 ILE A CA  1 
ATOM   753  C C   . ILE A 1 100 ? -10.300 4.390   2.792   1.00 21.45  ? 654 ILE A C   1 
ATOM   754  O O   . ILE A 1 100 ? -10.643 3.618   1.873   1.00 16.62  ? 654 ILE A O   1 
ATOM   755  C CB  . ILE A 1 100 ? -10.797 2.934   4.696   1.00 28.17  ? 654 ILE A CB  1 
ATOM   756  C CG1 . ILE A 1 100 ? -11.646 2.601   5.938   1.00 32.87  ? 654 ILE A CG1 1 
ATOM   757  C CG2 . ILE A 1 100 ? -9.341  2.783   5.075   1.00 30.20  ? 654 ILE A CG2 1 
ATOM   758  C CD1 . ILE A 1 100 ? -11.455 3.529   7.117   1.00 31.62  ? 654 ILE A CD1 1 
ATOM   759  N N   . PHE A 1 101 ? -9.281  5.273   2.708   1.00 18.89  ? 655 PHE A N   1 
ATOM   760  C CA  . PHE A 1 101 ? -8.401  5.354   1.536   1.00 17.52  ? 655 PHE A CA  1 
ATOM   761  C C   . PHE A 1 101 ? -6.971  4.900   1.911   1.00 20.50  ? 655 PHE A C   1 
ATOM   762  O O   . PHE A 1 101 ? -6.471  5.233   2.995   1.00 20.65  ? 655 PHE A O   1 
ATOM   763  C CB  . PHE A 1 101 ? -8.360  6.782   0.954   1.00 16.21  ? 655 PHE A CB  1 
ATOM   764  C CG  . PHE A 1 101 ? -9.690  7.239   0.425   1.00 15.31  ? 655 PHE A CG  1 
ATOM   765  C CD1 . PHE A 1 101 ? -10.122 6.851   -0.826  1.00 15.13  ? 655 PHE A CD1 1 
ATOM   766  C CD2 . PHE A 1 101 ? -10.537 7.925   1.207   1.00 13.80  ? 655 PHE A CD2 1 
ATOM   767  C CE1 . PHE A 1 101 ? -11.344 7.210   -1.301  1.00 14.32  ? 655 PHE A CE1 1 
ATOM   768  C CE2 . PHE A 1 101 ? -11.744 8.332   0.725   1.00 13.99  ? 655 PHE A CE2 1 
ATOM   769  C CZ  . PHE A 1 101 ? -12.150 7.958   -0.519  1.00 14.22  ? 655 PHE A CZ  1 
ATOM   770  N N   . VAL A 1 102 ? -6.330  4.168   0.984   1.00 19.82  ? 656 VAL A N   1 
ATOM   771  C CA  . VAL A 1 102 ? -5.021  3.571   1.172   1.00 21.06  ? 656 VAL A CA  1 
ATOM   772  C C   . VAL A 1 102 ? -4.134  3.975   0.003   1.00 21.02  ? 656 VAL A C   1 
ATOM   773  O O   . VAL A 1 102 ? -4.524  3.809   -1.148  1.00 18.41  ? 656 VAL A O   1 
ATOM   774  C CB  . VAL A 1 102 ? -5.102  2.038   1.192   1.00 22.04  ? 656 VAL A CB  1 
ATOM   775  C CG1 . VAL A 1 102 ? -3.706  1.430   1.318   1.00 22.76  ? 656 VAL A CG1 1 
ATOM   776  C CG2 . VAL A 1 102 ? -5.979  1.558   2.354   1.00 23.92  ? 656 VAL A CG2 1 
ATOM   777  N N   . ILE A 1 103 ? -2.971  4.542   0.304   1.00 22.80  ? 657 ILE A N   1 
ATOM   778  C CA  . ILE A 1 103 ? -2.023  5.007   -0.709  1.00 23.69  ? 657 ILE A CA  1 
ATOM   779  C C   . ILE A 1 103 ? -0.811  4.061   -0.618  1.00 23.23  ? 657 ILE A C   1 
ATOM   780  O O   . ILE A 1 103 ? -0.272  3.835   0.482   1.00 22.27  ? 657 ILE A O   1 
ATOM   781  C CB  . ILE A 1 103 ? -1.630  6.514   -0.505  1.00 26.83  ? 657 ILE A CB  1 
ATOM   782  C CG1 . ILE A 1 103 ? -0.647  7.002   -1.570  1.00 28.74  ? 657 ILE A CG1 1 
ATOM   783  C CG2 . ILE A 1 103 ? -0.975  6.786   0.831   1.00 25.75  ? 657 ILE A CG2 1 
ATOM   784  C CD1 . ILE A 1 103 ? -1.355  7.543   -2.773  1.00 32.39  ? 657 ILE A CD1 1 
ATOM   785  N N   . SER A 1 104 ? -0.356  3.533   -1.763  1.00 20.91  ? 658 SER A N   1 
ATOM   786  C CA  . SER A 1 104 ? 0.654   2.468   -1.737  1.00 21.84  ? 658 SER A CA  1 
ATOM   787  C C   . SER A 1 104 ? 1.591   2.604   -2.897  1.00 20.04  ? 658 SER A C   1 
ATOM   788  O O   . SER A 1 104 ? 1.281   3.301   -3.839  1.00 18.32  ? 658 SER A O   1 
ATOM   789  C CB  . SER A 1 104 ? -0.024  1.080   -1.746  1.00 21.35  ? 658 SER A CB  1 
ATOM   790  O OG  . SER A 1 104 ? -0.700  0.938   -2.967  1.00 22.08  ? 658 SER A OG  1 
ATOM   791  N N   . GLY A 1 105 ? 2.714   1.891   -2.811  1.00 21.76  ? 659 GLY A N   1 
ATOM   792  C CA  . GLY A 1 105 ? 3.807   1.885   -3.799  1.00 22.02  ? 659 GLY A CA  1 
ATOM   793  C C   . GLY A 1 105 ? 5.164   2.165   -3.146  1.00 25.03  ? 659 GLY A C   1 
ATOM   794  O O   . GLY A 1 105 ? 5.272   2.140   -1.922  1.00 26.11  ? 659 GLY A O   1 
ATOM   795  N N   . TYR A 1 106 ? 6.177   2.478   -3.966  1.00 25.98  ? 660 TYR A N   1 
ATOM   796  C CA  . TYR A 1 106 ? 7.559   2.740   -3.537  1.00 27.93  ? 660 TYR A CA  1 
ATOM   797  C C   . TYR A 1 106 ? 7.975   4.154   -3.866  1.00 26.89  ? 660 TYR A C   1 
ATOM   798  O O   . TYR A 1 106 ? 7.600   4.633   -4.887  1.00 31.43  ? 660 TYR A O   1 
ATOM   799  C CB  . TYR A 1 106 ? 8.542   1.776   -4.274  1.00 28.28  ? 660 TYR A CB  1 
ATOM   800  C CG  . TYR A 1 106 ? 8.296   0.350   -3.912  1.00 26.76  ? 660 TYR A CG  1 
ATOM   801  C CD1 . TYR A 1 106 ? 8.778   -0.164  -2.725  1.00 26.58  ? 660 TYR A CD1 1 
ATOM   802  C CD2 . TYR A 1 106 ? 7.519   -0.469  -4.723  1.00 25.90  ? 660 TYR A CD2 1 
ATOM   803  C CE1 . TYR A 1 106 ? 8.496   -1.468  -2.352  1.00 27.96  ? 660 TYR A CE1 1 
ATOM   804  C CE2 . TYR A 1 106 ? 7.260   -1.777  -4.367  1.00 27.12  ? 660 TYR A CE2 1 
ATOM   805  C CZ  . TYR A 1 106 ? 7.756   -2.268  -3.193  1.00 26.94  ? 660 TYR A CZ  1 
ATOM   806  O OH  . TYR A 1 106 ? 7.482   -3.565  -2.838  1.00 29.78  ? 660 TYR A OH  1 
ATOM   807  N N   . LEU A 1 107 ? 8.725   4.803   -2.993  1.00 29.81  ? 661 LEU A N   1 
ATOM   808  C CA  . LEU A 1 107 ? 9.455   6.049   -3.283  1.00 37.10  ? 661 LEU A CA  1 
ATOM   809  C C   . LEU A 1 107 ? 10.908  5.757   -2.912  1.00 41.22  ? 661 LEU A C   1 
ATOM   810  O O   . LEU A 1 107 ? 11.189  4.790   -2.201  1.00 39.31  ? 661 LEU A O   1 
ATOM   811  C CB  . LEU A 1 107 ? 8.945   7.273   -2.462  1.00 38.15  ? 661 LEU A CB  1 
ATOM   812  C CG  . LEU A 1 107 ? 7.516   7.728   -2.817  1.00 40.22  ? 661 LEU A CG  1 
ATOM   813  C CD1 . LEU A 1 107 ? 6.903   8.720   -1.862  1.00 41.66  ? 661 LEU A CD1 1 
ATOM   814  C CD2 . LEU A 1 107 ? 7.506   8.291   -4.223  1.00 42.57  ? 661 LEU A CD2 1 
ATOM   815  N N   . LYS A 1 108 ? 11.813  6.592   -3.403  1.00 45.48  ? 662 LYS A N   1 
ATOM   816  C CA  . LYS A 1 108 ? 13.239  6.333   -3.325  1.00 46.52  ? 662 LYS A CA  1 
ATOM   817  C C   . LYS A 1 108 ? 13.720  6.755   -1.973  1.00 45.20  ? 662 LYS A C   1 
ATOM   818  O O   . LYS A 1 108 ? 14.376  5.978   -1.328  1.00 42.99  ? 662 LYS A O   1 
ATOM   819  C CB  . LYS A 1 108 ? 13.993  7.083   -4.424  1.00 51.86  ? 662 LYS A CB  1 
ATOM   820  C CG  . LYS A 1 108 ? 15.472  6.760   -4.517  1.00 62.17  ? 662 LYS A CG  1 
ATOM   821  C CD  . LYS A 1 108 ? 15.758  5.656   -5.527  1.00 71.46  ? 662 LYS A CD  1 
ATOM   822  C CE  . LYS A 1 108 ? 17.194  5.140   -5.401  1.00 76.70  ? 662 LYS A CE  1 
ATOM   823  N NZ  . LYS A 1 108 ? 17.383  3.813   -6.063  1.00 79.41  ? 662 LYS A NZ  1 
ATOM   824  N N   . THR A 1 109 ? 13.353  7.964   -1.534  1.00 44.70  ? 663 THR A N   1 
ATOM   825  C CA  . THR A 1 109 ? 13.866  8.561   -0.294  1.00 47.00  ? 663 THR A CA  1 
ATOM   826  C C   . THR A 1 109 ? 12.801  9.222   0.574   1.00 44.53  ? 663 THR A C   1 
ATOM   827  O O   . THR A 1 109 ? 11.695  9.463   0.100   1.00 45.98  ? 663 THR A O   1 
ATOM   828  C CB  . THR A 1 109 ? 14.883  9.681   -0.634  1.00 50.98  ? 663 THR A CB  1 
ATOM   829  O OG1 . THR A 1 109 ? 14.275  10.625  -1.536  1.00 49.04  ? 663 THR A OG1 1 
ATOM   830  C CG2 . THR A 1 109 ? 16.140  9.087   -1.259  1.00 47.80  ? 663 THR A CG2 1 
ATOM   831  N N   . GLU A 1 110 ? 13.158  9.570   1.814   1.00 44.07  ? 664 GLU A N   1 
ATOM   832  C CA  . GLU A 1 110 ? 12.270  10.347  2.720   1.00 51.01  ? 664 GLU A CA  1 
ATOM   833  C C   . GLU A 1 110 ? 11.881  11.730  2.182   1.00 51.07  ? 664 GLU A C   1 
ATOM   834  O O   . GLU A 1 110 ? 10.865  12.305  2.602   1.00 40.96  ? 664 GLU A O   1 
ATOM   835  C CB  . GLU A 1 110 ? 12.894  10.566  4.116   1.00 53.59  ? 664 GLU A CB  1 
ATOM   836  C CG  . GLU A 1 110 ? 12.938  9.352   5.022   1.00 61.30  ? 664 GLU A CG  1 
ATOM   837  C CD  . GLU A 1 110 ? 14.359  8.882   5.355   1.00 73.20  ? 664 GLU A CD  1 
ATOM   838  O OE1 . GLU A 1 110 ? 15.311  9.711   5.397   1.00 78.08  ? 664 GLU A OE1 1 
ATOM   839  O OE2 . GLU A 1 110 ? 14.532  7.666   5.603   1.00 72.70  ? 664 GLU A OE2 1 
ATOM   840  N N   . GLU A 1 111 ? 12.721  12.279  1.300   1.00 56.86  ? 665 GLU A N   1 
ATOM   841  C CA  . GLU A 1 111 ? 12.477  13.592  0.707   1.00 58.39  ? 665 GLU A CA  1 
ATOM   842  C C   . GLU A 1 111 ? 11.320  13.506  -0.306  1.00 55.22  ? 665 GLU A C   1 
ATOM   843  O O   . GLU A 1 111 ? 10.435  14.357  -0.325  1.00 56.04  ? 665 GLU A O   1 
ATOM   844  C CB  . GLU A 1 111 ? 13.746  14.133  0.053   1.00 60.95  ? 665 GLU A CB  1 
ATOM   845  C CG  . GLU A 1 111 ? 14.862  14.494  1.049   1.00 68.60  ? 665 GLU A CG  1 
ATOM   846  C CD  . GLU A 1 111 ? 15.889  13.371  1.292   1.00 72.13  ? 665 GLU A CD  1 
ATOM   847  O OE1 . GLU A 1 111 ? 16.646  13.028  0.356   1.00 68.99  ? 665 GLU A OE1 1 
ATOM   848  O OE2 . GLU A 1 111 ? 15.962  12.835  2.426   1.00 74.34  ? 665 GLU A OE2 1 
ATOM   849  N N   . GLN A 1 112 ? 11.338  12.471  -1.137  1.00 51.63  ? 666 GLN A N   1 
ATOM   850  C CA  . GLN A 1 112 ? 10.204  12.157  -1.998  1.00 49.52  ? 666 GLN A CA  1 
ATOM   851  C C   . GLN A 1 112 ? 8.922   11.837  -1.211  1.00 42.14  ? 666 GLN A C   1 
ATOM   852  O O   . GLN A 1 112 ? 7.820   12.196  -1.645  1.00 36.39  ? 666 GLN A O   1 
ATOM   853  C CB  . GLN A 1 112 ? 10.516  10.987  -2.882  1.00 50.95  ? 666 GLN A CB  1 
ATOM   854  C CG  . GLN A 1 112 ? 11.590  11.233  -3.901  1.00 53.16  ? 666 GLN A CG  1 
ATOM   855  C CD  . GLN A 1 112 ? 11.438  10.248  -5.033  1.00 57.34  ? 666 GLN A CD  1 
ATOM   856  O OE1 . GLN A 1 112 ? 11.895  9.116   -4.939  1.00 52.33  ? 666 GLN A OE1 1 
ATOM   857  N NE2 . GLN A 1 112 ? 10.744  10.662  -6.101  1.00 64.34  ? 666 GLN A NE2 1 
ATOM   858  N N   . ALA A 1 113 ? 9.071   11.184  -0.072  1.00 34.46  ? 667 ALA A N   1 
ATOM   859  C CA  . ALA A 1 113 ? 7.934   10.992  0.838   1.00 37.39  ? 667 ALA A CA  1 
ATOM   860  C C   . ALA A 1 113 ? 7.335   12.303  1.321   1.00 37.38  ? 667 ALA A C   1 
ATOM   861  O O   . ALA A 1 113 ? 6.116   12.432  1.397   1.00 33.73  ? 667 ALA A O   1 
ATOM   862  C CB  . ALA A 1 113 ? 8.309   10.116  2.030   1.00 34.28  ? 667 ALA A CB  1 
ATOM   863  N N   . ALA A 1 114 ? 8.186   13.267  1.664   1.00 37.21  ? 668 ALA A N   1 
ATOM   864  C CA  . ALA A 1 114 ? 7.717   14.603  2.041   1.00 41.90  ? 668 ALA A CA  1 
ATOM   865  C C   . ALA A 1 114 ? 7.085   15.389  0.875   1.00 37.96  ? 668 ALA A C   1 
ATOM   866  O O   . ALA A 1 114 ? 6.117   16.129  1.080   1.00 40.87  ? 668 ALA A O   1 
ATOM   867  C CB  . ALA A 1 114 ? 8.847   15.416  2.664   1.00 43.29  ? 668 ALA A CB  1 
ATOM   868  N N   . CYS A 1 115 ? 7.632   15.251  -0.327  1.00 37.37  ? 669 CYS A N   1 
ATOM   869  C CA  A CYS A 1 115 ? 7.042   15.846  -1.536  0.50 38.05  ? 669 CYS A CA  1 
ATOM   870  C CA  B CYS A 1 115 ? 7.028   15.895  -1.486  0.50 36.56  ? 669 CYS A CA  1 
ATOM   871  C C   . CYS A 1 115 ? 5.596   15.322  -1.778  1.00 35.33  ? 669 CYS A C   1 
ATOM   872  O O   . CYS A 1 115 ? 4.685   16.071  -2.147  1.00 32.51  ? 669 CYS A O   1 
ATOM   873  C CB  A CYS A 1 115 ? 7.931   15.534  -2.740  0.50 39.52  ? 669 CYS A CB  1 
ATOM   874  C CB  B CYS A 1 115 ? 7.971   15.825  -2.688  0.50 36.26  ? 669 CYS A CB  1 
ATOM   875  S SG  A CYS A 1 115 ? 7.582   16.419  -4.292  0.50 46.76  ? 669 CYS A SG  1 
ATOM   876  S SG  B CYS A 1 115 ? 9.432   16.925  -2.596  0.50 37.86  ? 669 CYS A SG  1 
ATOM   877  N N   . LEU A 1 116 ? 5.387   14.019  -1.564  1.00 31.95  ? 670 LEU A N   1 
ATOM   878  C CA  . LEU A 1 116 ? 4.084   13.374  -1.785  1.00 30.54  ? 670 LEU A CA  1 
ATOM   879  C C   . LEU A 1 116 ? 3.073   13.915  -0.772  1.00 31.51  ? 670 LEU A C   1 
ATOM   880  O O   . LEU A 1 116 ? 1.956   14.252  -1.160  1.00 29.49  ? 670 LEU A O   1 
ATOM   881  C CB  . LEU A 1 116 ? 4.191   11.851  -1.733  1.00 29.27  ? 670 LEU A CB  1 
ATOM   882  C CG  . LEU A 1 116 ? 2.861   11.088  -1.991  1.00 30.32  ? 670 LEU A CG  1 
ATOM   883  C CD1 . LEU A 1 116 ? 2.356   11.241  -3.432  1.00 28.24  ? 670 LEU A CD1 1 
ATOM   884  C CD2 . LEU A 1 116 ? 2.982   9.632   -1.616  1.00 25.59  ? 670 LEU A CD2 1 
ATOM   885  N N   . ALA A 1 117 ? 3.480   14.057  0.496   1.00 31.20  ? 671 ALA A N   1 
ATOM   886  C CA  . ALA A 1 117 ? 2.590   14.525  1.553   1.00 31.84  ? 671 ALA A CA  1 
ATOM   887  C C   . ALA A 1 117 ? 2.103   15.950  1.261   1.00 36.66  ? 671 ALA A C   1 
ATOM   888  O O   . ALA A 1 117 ? 0.885   16.226  1.355   1.00 33.24  ? 671 ALA A O   1 
ATOM   889  C CB  . ALA A 1 117 ? 3.292   14.471  2.894   1.00 31.54  ? 671 ALA A CB  1 
ATOM   890  N N   . ASP A 1 118 ? 3.049   16.830  0.863   1.00 35.81  ? 672 ASP A N   1 
ATOM   891  C CA  . ASP A 1 118 ? 2.716   18.181  0.376   1.00 33.24  ? 672 ASP A CA  1 
ATOM   892  C C   . ASP A 1 118 ? 1.730   18.109  -0.777  1.00 29.95  ? 672 ASP A C   1 
ATOM   893  O O   . ASP A 1 118 ? 0.758   18.854  -0.813  1.00 32.06  ? 672 ASP A O   1 
ATOM   894  C CB  . ASP A 1 118 ? 3.934   18.921  -0.213  1.00 35.52  ? 672 ASP A CB  1 
ATOM   895  C CG  . ASP A 1 118 ? 5.041   19.155  0.787   1.00 42.39  ? 672 ASP A CG  1 
ATOM   896  O OD1 . ASP A 1 118 ? 4.761   19.129  2.023   1.00 39.84  ? 672 ASP A OD1 1 
ATOM   897  O OD2 . ASP A 1 118 ? 6.201   19.388  0.304   1.00 46.11  ? 672 ASP A OD2 1 
ATOM   898  N N   . TYR A 1 119 ? 2.046   17.280  -1.762  1.00 25.86  ? 673 TYR A N   1 
ATOM   899  C CA  . TYR A 1 119 ? 1.189   17.138  -2.927  1.00 25.90  ? 673 TYR A CA  1 
ATOM   900  C C   . TYR A 1 119 ? -0.266  16.766  -2.501  1.00 26.84  ? 673 TYR A C   1 
ATOM   901  O O   . TYR A 1 119 ? -1.250  17.394  -2.935  1.00 22.72  ? 673 TYR A O   1 
ATOM   902  C CB  . TYR A 1 119 ? 1.795   16.114  -3.866  1.00 24.65  ? 673 TYR A CB  1 
ATOM   903  C CG  . TYR A 1 119 ? 1.088   16.024  -5.151  1.00 26.23  ? 673 TYR A CG  1 
ATOM   904  C CD1 . TYR A 1 119 ? 1.315   16.958  -6.154  1.00 27.97  ? 673 TYR A CD1 1 
ATOM   905  C CD2 . TYR A 1 119 ? 0.158   15.015  -5.383  1.00 27.22  ? 673 TYR A CD2 1 
ATOM   906  C CE1 . TYR A 1 119 ? 0.617   16.902  -7.355  1.00 29.78  ? 673 TYR A CE1 1 
ATOM   907  C CE2 . TYR A 1 119 ? -0.545  14.971  -6.571  1.00 29.66  ? 673 TYR A CE2 1 
ATOM   908  C CZ  . TYR A 1 119 ? -0.313  15.900  -7.548  1.00 32.27  ? 673 TYR A CZ  1 
ATOM   909  O OH  . TYR A 1 119 ? -1.037  15.822  -8.720  1.00 37.70  ? 673 TYR A OH  1 
ATOM   910  N N   . LEU A 1 120 ? -0.394  15.742  -1.649  1.00 28.34  ? 674 LEU A N   1 
ATOM   911  C CA  . LEU A 1 120 ? -1.706  15.228  -1.225  1.00 25.50  ? 674 LEU A CA  1 
ATOM   912  C C   . LEU A 1 120 ? -2.424  16.282  -0.402  1.00 27.32  ? 674 LEU A C   1 
ATOM   913  O O   . LEU A 1 120 ? -3.670  16.396  -0.434  1.00 21.32  ? 674 LEU A O   1 
ATOM   914  C CB  . LEU A 1 120 ? -1.524  13.973  -0.383  1.00 26.52  ? 674 LEU A CB  1 
ATOM   915  C CG  . LEU A 1 120 ? -1.029  12.720  -1.111  1.00 26.69  ? 674 LEU A CG  1 
ATOM   916  C CD1 . LEU A 1 120 ? -0.573  11.668  -0.137  1.00 26.37  ? 674 LEU A CD1 1 
ATOM   917  C CD2 . LEU A 1 120 ? -2.121  12.143  -2.005  1.00 27.79  ? 674 LEU A CD2 1 
ATOM   918  N N   . ASN A 1 121 ? -1.618  17.093  0.307   1.00 30.04  ? 675 ASN A N   1 
ATOM   919  C CA  . ASN A 1 121 ? -2.154  18.262  1.019   1.00 32.15  ? 675 ASN A CA  1 
ATOM   920  C C   . ASN A 1 121 ? -2.876  19.243  0.166   1.00 31.15  ? 675 ASN A C   1 
ATOM   921  O O   . ASN A 1 121 ? -3.887  19.769  0.587   1.00 29.64  ? 675 ASN A O   1 
ATOM   922  C CB  . ASN A 1 121 ? -1.076  19.037  1.753   1.00 40.38  ? 675 ASN A CB  1 
ATOM   923  C CG  . ASN A 1 121 ? -1.207  18.902  3.233   1.00 46.09  ? 675 ASN A CG  1 
ATOM   924  O OD1 . ASN A 1 121 ? -2.164  19.420  3.864   1.00 51.24  ? 675 ASN A OD1 1 
ATOM   925  N ND2 . ASN A 1 121 ? -0.268  18.183  3.809   1.00 49.91  ? 675 ASN A ND2 1 
ATOM   926  N N   . LEU A 1 122 ? -2.329  19.488  -1.022  1.00 30.51  ? 676 LEU A N   1 
ATOM   927  C CA  . LEU A 1 122 ? -2.885  20.438  -1.968  1.00 30.13  ? 676 LEU A CA  1 
ATOM   928  C C   . LEU A 1 122 ? -4.022  19.865  -2.839  1.00 28.89  ? 676 LEU A C   1 
ATOM   929  O O   . LEU A 1 122 ? -4.826  20.614  -3.313  1.00 27.60  ? 676 LEU A O   1 
ATOM   930  C CB  . LEU A 1 122 ? -1.745  20.950  -2.837  1.00 30.24  ? 676 LEU A CB  1 
ATOM   931  C CG  . LEU A 1 122 ? -0.794  21.940  -2.138  1.00 31.66  ? 676 LEU A CG  1 
ATOM   932  C CD1 . LEU A 1 122 ? 0.388   22.227  -3.035  1.00 32.03  ? 676 LEU A CD1 1 
ATOM   933  C CD2 . LEU A 1 122 ? -1.516  23.230  -1.769  1.00 32.44  ? 676 LEU A CD2 1 
ATOM   934  N N   . HIS A 1 123 ? -4.093  18.535  -2.998  1.00 30.77  ? 677 HIS A N   1 
ATOM   935  C CA  . HIS A 1 123 ? -4.976  17.883  -3.986  1.00 29.74  ? 677 HIS A CA  1 
ATOM   936  C C   . HIS A 1 123 ? -6.030  16.935  -3.436  1.00 29.11  ? 677 HIS A C   1 
ATOM   937  O O   . HIS A 1 123 ? -7.013  16.728  -4.095  1.00 32.42  ? 677 HIS A O   1 
ATOM   938  C CB  . HIS A 1 123 ? -4.126  17.139  -5.043  1.00 29.22  ? 677 HIS A CB  1 
ATOM   939  C CG  . HIS A 1 123 ? -3.262  18.059  -5.852  1.00 29.45  ? 677 HIS A CG  1 
ATOM   940  N ND1 . HIS A 1 123 ? -3.749  18.790  -6.915  1.00 26.79  ? 677 HIS A ND1 1 
ATOM   941  C CD2 . HIS A 1 123 ? -1.969  18.441  -5.692  1.00 31.36  ? 677 HIS A CD2 1 
ATOM   942  C CE1 . HIS A 1 123 ? -2.783  19.550  -7.395  1.00 27.72  ? 677 HIS A CE1 1 
ATOM   943  N NE2 . HIS A 1 123 ? -1.698  19.371  -6.664  1.00 29.91  ? 677 HIS A NE2 1 
ATOM   944  N N   . PHE A 1 124 ? -5.843  16.362  -2.249  1.00 27.48  ? 678 PHE A N   1 
ATOM   945  C CA  . PHE A 1 124 ? -6.731  15.324  -1.755  1.00 25.67  ? 678 PHE A CA  1 
ATOM   946  C C   . PHE A 1 124 ? -7.692  15.861  -0.684  1.00 26.97  ? 678 PHE A C   1 
ATOM   947  O O   . PHE A 1 124 ? -7.244  16.427  0.277   1.00 27.53  ? 678 PHE A O   1 
ATOM   948  C CB  . PHE A 1 124 ? -5.921  14.157  -1.185  1.00 23.64  ? 678 PHE A CB  1 
ATOM   949  C CG  . PHE A 1 124 ? -6.740  12.907  -0.965  1.00 19.65  ? 678 PHE A CG  1 
ATOM   950  C CD1 . PHE A 1 124 ? -7.529  12.413  -1.951  1.00 19.98  ? 678 PHE A CD1 1 
ATOM   951  C CD2 . PHE A 1 124 ? -6.753  12.272  0.245   1.00 19.12  ? 678 PHE A CD2 1 
ATOM   952  C CE1 . PHE A 1 124 ? -8.303  11.260  -1.770  1.00 18.64  ? 678 PHE A CE1 1 
ATOM   953  C CE2 . PHE A 1 124 ? -7.517  11.129  0.440   1.00 19.34  ? 678 PHE A CE2 1 
ATOM   954  C CZ  . PHE A 1 124 ? -8.272  10.610  -0.579  1.00 17.65  ? 678 PHE A CZ  1 
ATOM   955  N N   . ASN A 1 125 ? -8.995  15.606  -0.843  1.00 27.99  ? 679 ASN A N   1 
ATOM   956  C CA  . ASN A 1 125 ? -10.027 16.075  0.092   1.00 28.19  ? 679 ASN A CA  1 
ATOM   957  C C   . ASN A 1 125 ? -10.326 15.208  1.292   1.00 25.37  ? 679 ASN A C   1 
ATOM   958  O O   . ASN A 1 125 ? -11.185 15.551  2.079   1.00 26.94  ? 679 ASN A O   1 
ATOM   959  C CB  . ASN A 1 125 ? -11.363 16.294  -0.622  1.00 32.95  ? 679 ASN A CB  1 
ATOM   960  C CG  . ASN A 1 125 ? -11.373 17.530  -1.484  1.00 38.86  ? 679 ASN A CG  1 
ATOM   961  O OD1 . ASN A 1 125 ? -10.864 18.589  -1.094  1.00 47.64  ? 679 ASN A OD1 1 
ATOM   962  N ND2 . ASN A 1 125 ? -11.962 17.409  -2.677  1.00 42.56  ? 679 ASN A ND2 1 
ATOM   963  N N   . TYR A 1 126 ? -9.659  14.076  1.457   1.00 22.83  ? 680 TYR A N   1 
ATOM   964  C CA  . TYR A 1 126 ? -9.958  13.183  2.571   1.00 19.09  ? 680 TYR A CA  1 
ATOM   965  C C   . TYR A 1 126 ? -8.763  12.655  3.323   1.00 18.31  ? 680 TYR A C   1 
ATOM   966  O O   . TYR A 1 126 ? -8.688  11.470  3.598   1.00 17.30  ? 680 TYR A O   1 
ATOM   967  C CB  . TYR A 1 126 ? -10.806 12.022  2.045   1.00 17.81  ? 680 TYR A CB  1 
ATOM   968  C CG  . TYR A 1 126 ? -12.086 12.498  1.367   1.00 16.35  ? 680 TYR A CG  1 
ATOM   969  C CD1 . TYR A 1 126 ? -13.180 12.854  2.099   1.00 15.35  ? 680 TYR A CD1 1 
ATOM   970  C CD2 . TYR A 1 126 ? -12.193 12.522  -0.014  1.00 18.40  ? 680 TYR A CD2 1 
ATOM   971  C CE1 . TYR A 1 126 ? -14.360 13.282  1.496   1.00 15.27  ? 680 TYR A CE1 1 
ATOM   972  C CE2 . TYR A 1 126 ? -13.371 12.921  -0.639  1.00 18.86  ? 680 TYR A CE2 1 
ATOM   973  C CZ  . TYR A 1 126 ? -14.440 13.306  0.134   1.00 17.65  ? 680 TYR A CZ  1 
ATOM   974  O OH  . TYR A 1 126 ? -15.542 13.759  -0.512  1.00 19.60  ? 680 TYR A OH  1 
ATOM   975  N N   . LEU A 1 127 ? -7.819  13.518  3.627   1.00 18.10  ? 681 LEU A N   1 
ATOM   976  C CA  . LEU A 1 127 ? -6.601  13.172  4.383   1.00 19.61  ? 681 LEU A CA  1 
ATOM   977  C C   . LEU A 1 127 ? -6.836  12.525  5.701   1.00 17.82  ? 681 LEU A C   1 
ATOM   978  O O   . LEU A 1 127 ? -6.046  11.716  6.117   1.00 19.80  ? 681 LEU A O   1 
ATOM   979  C CB  . LEU A 1 127 ? -5.758  14.450  4.674   1.00 22.21  ? 681 LEU A CB  1 
ATOM   980  C CG  . LEU A 1 127 ? -5.043  15.017  3.419   1.00 23.82  ? 681 LEU A CG  1 
ATOM   981  C CD1 . LEU A 1 127 ? -4.563  16.441  3.662   1.00 27.46  ? 681 LEU A CD1 1 
ATOM   982  C CD2 . LEU A 1 127 ? -3.861  14.143  3.036   1.00 22.10  ? 681 LEU A CD2 1 
ATOM   983  N N   . SER A 1 128 ? -7.861  12.928  6.435   1.00 18.12  ? 682 SER A N   1 
ATOM   984  C CA  . SER A 1 128 ? -8.081  12.319  7.746   1.00 18.57  ? 682 SER A CA  1 
ATOM   985  C C   . SER A 1 128 ? -8.521  10.866  7.603   1.00 18.75  ? 682 SER A C   1 
ATOM   986  O O   . SER A 1 128 ? -8.483  10.171  8.554   1.00 19.91  ? 682 SER A O   1 
ATOM   987  C CB  . SER A 1 128 ? -9.114  13.095  8.588   1.00 19.67  ? 682 SER A CB  1 
ATOM   988  O OG  . SER A 1 128 ? -10.266 13.450  7.852   1.00 21.57  ? 682 SER A OG  1 
ATOM   989  N N   . LEU A 1 129 ? -8.902  10.405  6.414   1.00 18.16  ? 683 LEU A N   1 
ATOM   990  C CA  . LEU A 1 129 ? -9.400  9.033   6.193   1.00 18.27  ? 683 LEU A CA  1 
ATOM   991  C C   . LEU A 1 129 ? -8.314  8.245   5.471   1.00 20.22  ? 683 LEU A C   1 
ATOM   992  O O   . LEU A 1 129 ? -8.554  7.104   5.067   1.00 18.99  ? 683 LEU A O   1 
ATOM   993  C CB  . LEU A 1 129 ? -10.662 9.062   5.290   1.00 17.32  ? 683 LEU A CB  1 
ATOM   994  C CG  . LEU A 1 129 ? -11.848 9.943   5.767   1.00 16.31  ? 683 LEU A CG  1 
ATOM   995  C CD1 . LEU A 1 129 ? -13.099 9.809   4.905   1.00 16.10  ? 683 LEU A CD1 1 
ATOM   996  C CD2 . LEU A 1 129 ? -12.162 9.648   7.208   1.00 16.36  ? 683 LEU A CD2 1 
ATOM   997  N N   . LEU A 1 130 ? -7.137  8.848   5.279   1.00 19.47  ? 684 LEU A N   1 
ATOM   998  C CA  . LEU A 1 130 ? -6.077  8.201   4.468   1.00 21.66  ? 684 LEU A CA  1 
ATOM   999  C C   . LEU A 1 130 ? -5.070  7.390   5.257   1.00 24.46  ? 684 LEU A C   1 
ATOM   1000 O O   . LEU A 1 130 ? -4.424  7.923   6.173   1.00 26.35  ? 684 LEU A O   1 
ATOM   1001 C CB  . LEU A 1 130 ? -5.293  9.276   3.706   1.00 21.19  ? 684 LEU A CB  1 
ATOM   1002 C CG  . LEU A 1 130 ? -4.152  8.919   2.735   1.00 20.37  ? 684 LEU A CG  1 
ATOM   1003 C CD1 . LEU A 1 130 ? -4.675  8.025   1.638   1.00 16.92  ? 684 LEU A CD1 1 
ATOM   1004 C CD2 . LEU A 1 130 ? -3.566  10.240  2.149   1.00 20.21  ? 684 LEU A CD2 1 
ATOM   1005 N N   . ASP A 1 131 ? -4.897  6.121   4.872   1.00 26.90  ? 685 ASP A N   1 
ATOM   1006 C CA  . ASP A 1 131 ? -3.871  5.241   5.445   1.00 28.26  ? 685 ASP A CA  1 
ATOM   1007 C C   . ASP A 1 131 ? -2.641  5.179   4.524   1.00 29.65  ? 685 ASP A C   1 
ATOM   1008 O O   . ASP A 1 131 ? -2.735  4.823   3.340   1.00 23.95  ? 685 ASP A O   1 
ATOM   1009 C CB  . ASP A 1 131 ? -4.432  3.805   5.610   1.00 31.66  ? 685 ASP A CB  1 
ATOM   1010 C CG  . ASP A 1 131 ? -3.456  2.854   6.319   1.00 39.01  ? 685 ASP A CG  1 
ATOM   1011 O OD1 . ASP A 1 131 ? -2.579  3.318   7.083   1.00 46.91  ? 685 ASP A OD1 1 
ATOM   1012 O OD2 . ASP A 1 131 ? -3.564  1.623   6.147   1.00 45.74  ? 685 ASP A OD2 1 
ATOM   1013 N N   . ASN A 1 132 ? -1.470  5.443   5.070   1.00 31.26  ? 686 ASN A N   1 
ATOM   1014 C CA  . ASN A 1 132 ? -0.304  5.503   4.247   1.00 33.80  ? 686 ASN A CA  1 
ATOM   1015 C C   . ASN A 1 132 ? 0.518   4.246   4.312   1.00 30.93  ? 686 ASN A C   1 
ATOM   1016 O O   . ASN A 1 132 ? 1.067   3.959   5.342   1.00 34.25  ? 686 ASN A O   1 
ATOM   1017 C CB  . ASN A 1 132 ? 0.593   6.659   4.622   1.00 38.68  ? 686 ASN A CB  1 
ATOM   1018 C CG  . ASN A 1 132 ? 1.963   6.484   4.038   1.00 43.65  ? 686 ASN A CG  1 
ATOM   1019 O OD1 . ASN A 1 132 ? 2.116   6.329   2.819   1.00 37.36  ? 686 ASN A OD1 1 
ATOM   1020 N ND2 . ASN A 1 132 ? 2.959   6.417   4.899   1.00 47.95  ? 686 ASN A ND2 1 
ATOM   1021 N N   . LYS A 1 133 ? 0.641   3.540   3.183   1.00 27.60  ? 687 LYS A N   1 
ATOM   1022 C CA  . LYS A 1 133 ? 1.395   2.322   3.095   1.00 27.40  ? 687 LYS A CA  1 
ATOM   1023 C C   . LYS A 1 133 ? 2.551   2.393   2.119   1.00 25.74  ? 687 LYS A C   1 
ATOM   1024 O O   . LYS A 1 133 ? 3.145   1.393   1.774   1.00 27.79  ? 687 LYS A O   1 
ATOM   1025 C CB  . LYS A 1 133 ? 0.470   1.162   2.716   1.00 31.07  ? 687 LYS A CB  1 
ATOM   1026 C CG  . LYS A 1 133 ? -0.562  0.880   3.776   1.00 36.75  ? 687 LYS A CG  1 
ATOM   1027 C CD  . LYS A 1 133 ? -0.984  -0.584  3.681   1.00 46.62  ? 687 LYS A CD  1 
ATOM   1028 C CE  . LYS A 1 133 ? -1.896  -1.006  4.821   1.00 53.27  ? 687 LYS A CE  1 
ATOM   1029 N NZ  . LYS A 1 133 ? -3.304  -1.114  4.342   1.00 59.15  ? 687 LYS A NZ  1 
ATOM   1030 N N   . VAL A 1 134 ? 2.942   3.583   1.719   1.00 27.34  ? 688 VAL A N   1 
ATOM   1031 C CA  . VAL A 1 134 ? 4.030   3.705   0.800   1.00 26.34  ? 688 VAL A CA  1 
ATOM   1032 C C   . VAL A 1 134 ? 5.323   3.189   1.443   1.00 29.30  ? 688 VAL A C   1 
ATOM   1033 O O   . VAL A 1 134 ? 5.590   3.466   2.617   1.00 30.75  ? 688 VAL A O   1 
ATOM   1034 C CB  . VAL A 1 134 ? 4.171   5.180   0.344   1.00 26.66  ? 688 VAL A CB  1 
ATOM   1035 C CG1 . VAL A 1 134 ? 5.440   5.367   -0.470  1.00 26.40  ? 688 VAL A CG1 1 
ATOM   1036 C CG2 . VAL A 1 134 ? 2.954   5.560   -0.486  1.00 27.42  ? 688 VAL A CG2 1 
ATOM   1037 N N   . ILE A 1 135 ? 6.124   2.460   0.670   1.00 30.89  ? 689 ILE A N   1 
ATOM   1038 C CA  . ILE A 1 135 ? 7.404   1.927   1.139   1.00 30.65  ? 689 ILE A CA  1 
ATOM   1039 C C   . ILE A 1 135 ? 8.568   2.905   0.747   1.00 31.71  ? 689 ILE A C   1 
ATOM   1040 O O   . ILE A 1 135 ? 8.684   3.281   -0.419  1.00 26.56  ? 689 ILE A O   1 
ATOM   1041 C CB  . ILE A 1 135 ? 7.661   0.541   0.510   1.00 31.45  ? 689 ILE A CB  1 
ATOM   1042 C CG1 . ILE A 1 135 ? 6.472   -0.440  0.674   1.00 32.21  ? 689 ILE A CG1 1 
ATOM   1043 C CG2 . ILE A 1 135 ? 8.939   -0.097  1.073   1.00 35.48  ? 689 ILE A CG2 1 
ATOM   1044 C CD1 . ILE A 1 135 ? 6.344   -1.056  2.026   1.00 33.00  ? 689 ILE A CD1 1 
ATOM   1045 N N   . ILE A 1 136 ? 9.445   3.297   1.687   1.00 32.31  ? 690 ILE A N   1 
ATOM   1046 C CA  . ILE A 1 136 ? 10.622  4.156   1.321   1.00 33.53  ? 690 ILE A CA  1 
ATOM   1047 C C   . ILE A 1 136 ? 11.869  3.279   1.062   1.00 32.87  ? 690 ILE A C   1 
ATOM   1048 O O   . ILE A 1 136 ? 12.329  2.574   1.947   1.00 29.95  ? 690 ILE A O   1 
ATOM   1049 C CB  . ILE A 1 136 ? 10.961  5.212   2.402   1.00 33.94  ? 690 ILE A CB  1 
ATOM   1050 C CG1 . ILE A 1 136 ? 9.718   6.024   2.818   1.00 35.39  ? 690 ILE A CG1 1 
ATOM   1051 C CG2 . ILE A 1 136 ? 12.065  6.153   1.923   1.00 31.03  ? 690 ILE A CG2 1 
ATOM   1052 C CD1 . ILE A 1 136 ? 8.950   6.621   1.656   1.00 39.54  ? 690 ILE A CD1 1 
ATOM   1053 N N   . GLU A 1 137 ? 12.398  3.312   -0.144  1.00 32.25  ? 691 GLU A N   1 
ATOM   1054 C CA  . GLU A 1 137 ? 13.533  2.445   -0.503  1.00 36.62  ? 691 GLU A CA  1 
ATOM   1055 C C   . GLU A 1 137 ? 14.785  2.634   0.367   1.00 34.29  ? 691 GLU A C   1 
ATOM   1056 O O   . GLU A 1 137 ? 15.333  1.668   0.859   1.00 32.24  ? 691 GLU A O   1 
ATOM   1057 C CB  . GLU A 1 137 ? 13.868  2.553   -1.997  1.00 37.34  ? 691 GLU A CB  1 
ATOM   1058 C CG  . GLU A 1 137 ? 12.885  1.777   -2.875  1.00 40.00  ? 691 GLU A CG  1 
ATOM   1059 C CD  . GLU A 1 137 ? 12.909  2.173   -4.352  1.00 43.00  ? 691 GLU A CD  1 
ATOM   1060 O OE1 . GLU A 1 137 ? 13.739  3.032   -4.759  1.00 38.03  ? 691 GLU A OE1 1 
ATOM   1061 O OE2 . GLU A 1 137 ? 12.099  1.590   -5.118  1.00 40.90  ? 691 GLU A OE2 1 
ATOM   1062 N N   . SER A 1 138 ? 15.189  3.874   0.614   1.00 37.68  ? 692 SER A N   1 
ATOM   1063 C CA  . SER A 1 138 ? 16.295  4.144   1.523   1.00 37.81  ? 692 SER A CA  1 
ATOM   1064 C C   . SER A 1 138 ? 16.086  3.480   2.897   1.00 38.40  ? 692 SER A C   1 
ATOM   1065 O O   . SER A 1 138 ? 17.037  3.018   3.495   1.00 41.01  ? 692 SER A O   1 
ATOM   1066 C CB  . SER A 1 138 ? 16.543  5.653   1.682   1.00 40.57  ? 692 SER A CB  1 
ATOM   1067 O OG  . SER A 1 138 ? 15.552  6.271   2.486   1.00 40.20  ? 692 SER A OG  1 
ATOM   1068 N N   . GLN A 1 139 ? 14.854  3.394   3.388   1.00 39.24  ? 693 GLN A N   1 
ATOM   1069 C CA  . GLN A 1 139 ? 14.609  2.730   4.682   1.00 35.41  ? 693 GLN A CA  1 
ATOM   1070 C C   . GLN A 1 139 ? 14.747  1.209   4.632   1.00 34.89  ? 693 GLN A C   1 
ATOM   1071 O O   . GLN A 1 139 ? 15.254  0.583   5.574   1.00 33.50  ? 693 GLN A O   1 
ATOM   1072 C CB  . GLN A 1 139 ? 13.243  3.123   5.263   1.00 34.85  ? 693 GLN A CB  1 
ATOM   1073 C CG  . GLN A 1 139 ? 13.249  4.542   5.802   1.00 39.29  ? 693 GLN A CG  1 
ATOM   1074 C CD  . GLN A 1 139 ? 11.854  5.120   6.079   1.00 45.82  ? 693 GLN A CD  1 
ATOM   1075 O OE1 . GLN A 1 139 ? 10.854  4.389   6.183   1.00 45.49  ? 693 GLN A OE1 1 
ATOM   1076 N NE2 . GLN A 1 139 ? 11.786  6.456   6.194   1.00 46.09  ? 693 GLN A NE2 1 
ATOM   1077 N N   . VAL A 1 140 ? 14.299  0.607   3.548   1.00 32.13  ? 694 VAL A N   1 
ATOM   1078 C CA  . VAL A 1 140 ? 14.316  -0.849  3.432   1.00 31.06  ? 694 VAL A CA  1 
ATOM   1079 C C   . VAL A 1 140 ? 15.748  -1.322  3.295   1.00 34.61  ? 694 VAL A C   1 
ATOM   1080 O O   . VAL A 1 140 ? 16.083  -2.408  3.737   1.00 28.94  ? 694 VAL A O   1 
ATOM   1081 C CB  . VAL A 1 140 ? 13.557  -1.329  2.205   1.00 29.07  ? 694 VAL A CB  1 
ATOM   1082 C CG1 . VAL A 1 140 ? 13.620  -2.851  2.096   1.00 29.06  ? 694 VAL A CG1 1 
ATOM   1083 C CG2 . VAL A 1 140 ? 12.103  -0.879  2.306   1.00 28.26  ? 694 VAL A CG2 1 
ATOM   1084 N N   . MET A 1 141 ? 16.580  -0.470  2.713   1.00 34.15  ? 695 MET A N   1 
ATOM   1085 C CA  . MET A 1 141 ? 17.946  -0.805  2.451   1.00 39.93  ? 695 MET A CA  1 
ATOM   1086 C C   . MET A 1 141 ? 18.767  -0.796  3.760   1.00 38.82  ? 695 MET A C   1 
ATOM   1087 O O   . MET A 1 141 ? 19.541  -1.703  3.961   1.00 37.86  ? 695 MET A O   1 
ATOM   1088 C CB  . MET A 1 141 ? 18.542  0.153   1.394   1.00 43.20  ? 695 MET A CB  1 
ATOM   1089 C CG  . MET A 1 141 ? 19.345  -0.576  0.326   1.00 45.60  ? 695 MET A CG  1 
ATOM   1090 S SD  . MET A 1 141 ? 20.348  0.539   -0.657  1.00 57.66  ? 695 MET A SD  1 
ATOM   1091 C CE  . MET A 1 141 ? 19.214  1.077   -1.952  1.00 57.53  ? 695 MET A CE  1 
ATOM   1092 N N   . LYS A 1 142 ? 18.619  0.226   4.615   1.00 42.03  ? 696 LYS A N   1 
ATOM   1093 C CA  . LYS A 1 142 ? 19.109  0.169   6.050   1.00 43.15  ? 696 LYS A CA  1 
ATOM   1094 C C   . LYS A 1 142 ? 18.628  -1.128  6.767   1.00 34.68  ? 696 LYS A C   1 
ATOM   1095 O O   . LYS A 1 142 ? 19.376  -1.838  7.425   1.00 31.87  ? 696 LYS A O   1 
ATOM   1096 C CB  . LYS A 1 142 ? 18.690  1.442   6.826   1.00 46.44  ? 696 LYS A CB  1 
ATOM   1097 C CG  . LYS A 1 142 ? 18.511  1.326   8.362   1.00 56.31  ? 696 LYS A CG  1 
ATOM   1098 C CD  . LYS A 1 142 ? 19.809  1.486   9.183   1.00 60.13  ? 696 LYS A CD  1 
ATOM   1099 C CE  . LYS A 1 142 ? 19.588  1.737   10.691  1.00 58.81  ? 696 LYS A CE  1 
ATOM   1100 N NZ  . LYS A 1 142 ? 19.562  0.505   11.533  1.00 56.98  ? 696 LYS A NZ  1 
ATOM   1101 N N   . ALA A 1 143 ? 17.386  -1.496  6.601   1.00 32.12  ? 697 ALA A N   1 
ATOM   1102 C CA  . ALA A 1 143 ? 16.949  -2.714  7.300   1.00 31.06  ? 697 ALA A CA  1 
ATOM   1103 C C   . ALA A 1 143 ? 17.766  -3.916  6.800   1.00 32.95  ? 697 ALA A C   1 
ATOM   1104 O O   . ALA A 1 143 ? 18.272  -4.678  7.611   1.00 33.63  ? 697 ALA A O   1 
ATOM   1105 C CB  . ALA A 1 143 ? 15.480  -2.951  7.130   1.00 28.79  ? 697 ALA A CB  1 
ATOM   1106 N N   . LEU A 1 144 ? 17.901  -4.055  5.466   1.00 30.42  ? 698 LEU A N   1 
ATOM   1107 C CA  . LEU A 1 144 ? 18.617  -5.161  4.824   1.00 29.27  ? 698 LEU A CA  1 
ATOM   1108 C C   . LEU A 1 144 ? 20.108  -5.194  5.197   1.00 27.57  ? 698 LEU A C   1 
ATOM   1109 O O   . LEU A 1 144 ? 20.618  -6.206  5.539   1.00 25.00  ? 698 LEU A O   1 
ATOM   1110 C CB  . LEU A 1 144 ? 18.507  -5.029  3.289   1.00 31.91  ? 698 LEU A CB  1 
ATOM   1111 C CG  . LEU A 1 144 ? 17.127  -5.179  2.594   1.00 33.16  ? 698 LEU A CG  1 
ATOM   1112 C CD1 . LEU A 1 144 ? 17.134  -4.687  1.149   1.00 36.05  ? 698 LEU A CD1 1 
ATOM   1113 C CD2 . LEU A 1 144 ? 16.618  -6.608  2.647   1.00 35.03  ? 698 LEU A CD2 1 
ATOM   1114 N N   . ALA A 1 145 ? 20.782  -4.064  5.023   1.00 27.60  ? 699 ALA A N   1 
ATOM   1115 C CA  . ALA A 1 145 ? 22.143  -3.888  5.352   1.00 28.29  ? 699 ALA A CA  1 
ATOM   1116 C C   . ALA A 1 145 ? 22.370  -4.196  6.829   1.00 32.32  ? 699 ALA A C   1 
ATOM   1117 O O   . ALA A 1 145 ? 23.319  -4.871  7.141   1.00 36.80  ? 699 ALA A O   1 
ATOM   1118 C CB  . ALA A 1 145 ? 22.571  -2.471  5.033   1.00 28.22  ? 699 ALA A CB  1 
ATOM   1119 N N   . GLY A 1 146 ? 21.486  -3.761  7.722   1.00 30.92  ? 700 GLY A N   1 
ATOM   1120 C CA  . GLY A 1 146 ? 21.584  -4.142  9.130   1.00 31.91  ? 700 GLY A CA  1 
ATOM   1121 C C   . GLY A 1 146 ? 21.409  -5.635  9.419   1.00 33.91  ? 700 GLY A C   1 
ATOM   1122 O O   . GLY A 1 146 ? 22.120  -6.176  10.270  1.00 37.01  ? 700 GLY A O   1 
ATOM   1123 N N   . HIS A 1 147 ? 20.488  -6.321  8.755   1.00 30.05  ? 701 HIS A N   1 
ATOM   1124 C CA  A HIS A 1 147 ? 20.404  -7.784  8.850   0.50 33.34  ? 701 HIS A CA  1 
ATOM   1125 C CA  B HIS A 1 147 ? 20.420  -7.781  8.924   0.50 32.67  ? 701 HIS A CA  1 
ATOM   1126 C C   . HIS A 1 147 ? 21.697  -8.489  8.364   1.00 34.61  ? 701 HIS A C   1 
ATOM   1127 O O   . HIS A 1 147 ? 22.137  -9.467  8.933   1.00 31.60  ? 701 HIS A O   1 
ATOM   1128 C CB  A HIS A 1 147 ? 19.252  -8.304  8.008   0.50 34.35  ? 701 HIS A CB  1 
ATOM   1129 C CB  B HIS A 1 147 ? 19.153  -8.366  8.305   0.50 33.11  ? 701 HIS A CB  1 
ATOM   1130 C CG  A HIS A 1 147 ? 17.904  -7.965  8.554   0.50 37.23  ? 701 HIS A CG  1 
ATOM   1131 C CG  B HIS A 1 147 ? 18.822  -9.760  8.766   0.50 33.10  ? 701 HIS A CG  1 
ATOM   1132 N ND1 A HIS A 1 147 ? 17.246  -6.790  8.242   0.50 33.87  ? 701 HIS A ND1 1 
ATOM   1133 N ND1 B HIS A 1 147 ? 18.418  -10.048 10.053  0.50 37.54  ? 701 HIS A ND1 1 
ATOM   1134 C CD2 A HIS A 1 147 ? 17.080  -8.655  9.381   0.50 36.03  ? 701 HIS A CD2 1 
ATOM   1135 C CD2 B HIS A 1 147 ? 18.813  -10.940 8.104   0.50 34.24  ? 701 HIS A CD2 1 
ATOM   1136 C CE1 A HIS A 1 147 ? 16.084  -6.769  8.873   0.50 36.18  ? 701 HIS A CE1 1 
ATOM   1137 C CE1 B HIS A 1 147 ? 18.184  -11.347 10.167  0.50 36.97  ? 701 HIS A CE1 1 
ATOM   1138 N NE2 A HIS A 1 147 ? 15.963  -7.882  9.575   0.50 34.76  ? 701 HIS A NE2 1 
ATOM   1139 N NE2 B HIS A 1 147 ? 18.418  -11.912 8.997   0.50 36.67  ? 701 HIS A NE2 1 
ATOM   1140 N N   . LEU A 1 148 ? 22.306  -7.988  7.292   1.00 31.61  ? 702 LEU A N   1 
ATOM   1141 C CA  . LEU A 1 148 ? 23.494  -8.655  6.774   1.00 37.19  ? 702 LEU A CA  1 
ATOM   1142 C C   . LEU A 1 148 ? 24.682  -8.485  7.768   1.00 36.73  ? 702 LEU A C   1 
ATOM   1143 O O   . LEU A 1 148 ? 25.398  -9.414  8.036   1.00 32.62  ? 702 LEU A O   1 
ATOM   1144 C CB  . LEU A 1 148 ? 23.894  -8.120  5.389   1.00 37.20  ? 702 LEU A CB  1 
ATOM   1145 C CG  . LEU A 1 148 ? 22.922  -8.444  4.252   1.00 40.31  ? 702 LEU A CG  1 
ATOM   1146 C CD1 . LEU A 1 148 ? 23.264  -7.563  3.042   1.00 39.24  ? 702 LEU A CD1 1 
ATOM   1147 C CD2 . LEU A 1 148 ? 22.936  -9.929  3.923   1.00 38.13  ? 702 LEU A CD2 1 
ATOM   1148 N N   . VAL A 1 149 ? 24.839  -7.285  8.296   1.00 34.97  ? 703 VAL A N   1 
ATOM   1149 C CA  . VAL A 1 149 ? 25.824  -7.004  9.304   1.00 38.84  ? 703 VAL A CA  1 
ATOM   1150 C C   . VAL A 1 149 ? 25.582  -7.817  10.586  1.00 41.52  ? 703 VAL A C   1 
ATOM   1151 O O   . VAL A 1 149 ? 26.497  -8.446  11.086  1.00 41.16  ? 703 VAL A O   1 
ATOM   1152 C CB  . VAL A 1 149 ? 25.854  -5.525  9.653   1.00 38.35  ? 703 VAL A CB  1 
ATOM   1153 C CG1 . VAL A 1 149 ? 26.881  -5.284  10.743  1.00 42.72  ? 703 VAL A CG1 1 
ATOM   1154 C CG2 . VAL A 1 149 ? 26.188  -4.699  8.428   1.00 35.83  ? 703 VAL A CG2 1 
ATOM   1155 N N   . GLN A 1 150 ? 24.357  -7.841  11.099  1.00 39.96  ? 704 GLN A N   1 
ATOM   1156 C CA  . GLN A 1 150 ? 24.050  -8.664  12.273  1.00 38.76  ? 704 GLN A CA  1 
ATOM   1157 C C   . GLN A 1 150 ? 24.567  -10.120 12.101  1.00 41.19  ? 704 GLN A C   1 
ATOM   1158 O O   . GLN A 1 150 ? 25.110  -10.756 13.032  1.00 38.89  ? 704 GLN A O   1 
ATOM   1159 C CB  . GLN A 1 150 ? 22.537  -8.696  12.527  1.00 38.67  ? 704 GLN A CB  1 
ATOM   1160 C CG  . GLN A 1 150 ? 22.101  -9.653  13.614  1.00 39.11  ? 704 GLN A CG  1 
ATOM   1161 C CD  . GLN A 1 150 ? 20.699  -9.380  14.125  1.00 40.87  ? 704 GLN A CD  1 
ATOM   1162 O OE1 . GLN A 1 150 ? 20.526  -9.041  15.298  1.00 45.79  ? 704 GLN A OE1 1 
ATOM   1163 N NE2 . GLN A 1 150 ? 19.694  -9.552  13.264  1.00 37.69  ? 704 GLN A NE2 1 
ATOM   1164 N N   . SER A 1 151 ? 24.369  -10.636 10.903  1.00 39.13  ? 705 SER A N   1 
ATOM   1165 C CA  . SER A 1 151 ? 24.564  -12.030 10.627  1.00 38.18  ? 705 SER A CA  1 
ATOM   1166 C C   . SER A 1 151 ? 26.016  -12.422 10.287  1.00 34.05  ? 705 SER A C   1 
ATOM   1167 O O   . SER A 1 151 ? 26.289  -13.586 10.154  1.00 36.18  ? 705 SER A O   1 
ATOM   1168 C CB  . SER A 1 151 ? 23.627  -12.445 9.505   1.00 40.52  ? 705 SER A CB  1 
ATOM   1169 O OG  . SER A 1 151 ? 22.436  -12.983 10.056  1.00 47.08  ? 705 SER A OG  1 
ATOM   1170 N N   . GLY A 1 152 ? 26.915  -11.467 10.170  1.00 34.33  ? 706 GLY A N   1 
ATOM   1171 C CA  . GLY A 1 152 ? 28.293  -11.725 9.782   1.00 40.88  ? 706 GLY A CA  1 
ATOM   1172 C C   . GLY A 1 152 ? 28.611  -11.508 8.289   1.00 46.52  ? 706 GLY A C   1 
ATOM   1173 O O   . GLY A 1 152 ? 29.610  -12.057 7.793   1.00 41.83  ? 706 GLY A O   1 
ATOM   1174 N N   . PHE A 1 153 ? 27.806  -10.683 7.585   1.00 38.21  ? 707 PHE A N   1 
ATOM   1175 C CA  . PHE A 1 153 ? 27.902  -10.551 6.132   1.00 33.98  ? 707 PHE A CA  1 
ATOM   1176 C C   . PHE A 1 153 ? 28.001  -9.112  5.676   1.00 35.17  ? 707 PHE A C   1 
ATOM   1177 O O   . PHE A 1 153 ? 27.299  -8.678  4.763   1.00 32.22  ? 707 PHE A O   1 
ATOM   1178 C CB  . PHE A 1 153 ? 26.723  -11.269 5.457   1.00 32.84  ? 707 PHE A CB  1 
ATOM   1179 C CG  . PHE A 1 153 ? 26.788  -12.784 5.566   1.00 31.32  ? 707 PHE A CG  1 
ATOM   1180 C CD1 . PHE A 1 153 ? 27.841  -13.492 4.992   1.00 33.30  ? 707 PHE A CD1 1 
ATOM   1181 C CD2 . PHE A 1 153 ? 25.773  -13.515 6.209   1.00 34.29  ? 707 PHE A CD2 1 
ATOM   1182 C CE1 . PHE A 1 153 ? 27.895  -14.905 5.091   1.00 33.41  ? 707 PHE A CE1 1 
ATOM   1183 C CE2 . PHE A 1 153 ? 25.824  -14.917 6.315   1.00 33.54  ? 707 PHE A CE2 1 
ATOM   1184 C CZ  . PHE A 1 153 ? 26.889  -15.615 5.731   1.00 31.73  ? 707 PHE A CZ  1 
ATOM   1185 N N   . ALA A 1 154 ? 28.949  -8.385  6.251   1.00 36.81  ? 708 ALA A N   1 
ATOM   1186 C CA  . ALA A 1 154 ? 29.094  -6.956  5.991   1.00 40.56  ? 708 ALA A CA  1 
ATOM   1187 C C   . ALA A 1 154 ? 29.836  -6.301  4.783   1.00 42.03  ? 708 ALA A C   1 
ATOM   1188 O O   . ALA A 1 154 ? 29.495  -5.156  4.533   1.00 49.31  ? 708 ALA A O   1 
ATOM   1189 C CB  . ALA A 1 154 ? 29.627  -6.297  7.268   1.00 36.53  ? 708 ALA A CB  1 
ATOM   1190 N N   . ASN A 1 155 ? 30.791  -6.831  3.996   1.00 50.73  ? 709 ASN A N   1 
ATOM   1191 C CA  . ASN A 1 155 ? 30.892  -8.130  3.342   1.00 51.36  ? 709 ASN A CA  1 
ATOM   1192 C C   . ASN A 1 155 ? 29.953  -8.119  2.061   1.00 52.44  ? 709 ASN A C   1 
ATOM   1193 O O   . ASN A 1 155 ? 30.355  -7.625  0.995   1.00 54.45  ? 709 ASN A O   1 
ATOM   1194 C CB  . ASN A 1 155 ? 30.682  -9.276  4.334   1.00 48.97  ? 709 ASN A CB  1 
ATOM   1195 C CG  . ASN A 1 155 ? 31.271  -10.577 3.864   1.00 56.15  ? 709 ASN A CG  1 
ATOM   1196 O OD1 . ASN A 1 155 ? 31.858  -10.654 2.785   1.00 50.42  ? 709 ASN A OD1 1 
ATOM   1197 N ND2 . ASN A 1 155 ? 31.096  -11.632 4.667   1.00 64.17  ? 709 ASN A ND2 1 
ATOM   1198 N N   . VAL A 1 156 ? 28.719  -8.607  2.182   1.00 43.95  ? 710 VAL A N   1 
ATOM   1199 C CA  . VAL A 1 156 ? 27.696  -8.540  1.127   1.00 40.13  ? 710 VAL A CA  1 
ATOM   1200 C C   . VAL A 1 156 ? 26.961  -7.202  1.079   1.00 42.39  ? 710 VAL A C   1 
ATOM   1201 O O   . VAL A 1 156 ? 26.527  -6.658  2.130   1.00 42.55  ? 710 VAL A O   1 
ATOM   1202 C CB  . VAL A 1 156 ? 26.664  -9.634  1.355   1.00 37.27  ? 710 VAL A CB  1 
ATOM   1203 C CG1 . VAL A 1 156 ? 25.540  -9.606  0.310   1.00 35.85  ? 710 VAL A CG1 1 
ATOM   1204 C CG2 . VAL A 1 156 ? 27.375  -10.970 1.387   1.00 36.86  ? 710 VAL A CG2 1 
ATOM   1205 N N   . HIS A 1 157 ? 26.812  -6.688  -0.144  1.00 39.22  ? 711 HIS A N   1 
ATOM   1206 C CA  . HIS A 1 157 ? 26.237  -5.377  -0.391  1.00 41.82  ? 711 HIS A CA  1 
ATOM   1207 C C   . HIS A 1 157 ? 24.860  -5.519  -0.982  1.00 39.80  ? 711 HIS A C   1 
ATOM   1208 O O   . HIS A 1 157 ? 24.580  -6.483  -1.647  1.00 42.34  ? 711 HIS A O   1 
ATOM   1209 C CB  . HIS A 1 157 ? 27.161  -4.554  -1.279  1.00 42.74  ? 711 HIS A CB  1 
ATOM   1210 C CG  . HIS A 1 157 ? 28.427  -4.171  -0.583  1.00 54.29  ? 711 HIS A CG  1 
ATOM   1211 N ND1 . HIS A 1 157 ? 29.419  -5.085  -0.283  1.00 60.01  ? 711 HIS A ND1 1 
ATOM   1212 C CD2 . HIS A 1 157 ? 28.829  -2.992  -0.050  1.00 54.02  ? 711 HIS A CD2 1 
ATOM   1213 C CE1 . HIS A 1 157 ? 30.396  -4.473  0.366   1.00 59.86  ? 711 HIS A CE1 1 
ATOM   1214 N NE2 . HIS A 1 157 ? 30.058  -3.204  0.525   1.00 57.38  ? 711 HIS A NE2 1 
ATOM   1215 N N   . VAL A 1 158 ? 23.980  -4.566  -0.715  1.00 41.97  ? 712 VAL A N   1 
ATOM   1216 C CA  . VAL A 1 158 ? 22.597  -4.688  -1.193  1.00 43.22  ? 712 VAL A CA  1 
ATOM   1217 C C   . VAL A 1 158 ? 22.120  -3.405  -1.873  1.00 39.73  ? 712 VAL A C   1 
ATOM   1218 O O   . VAL A 1 158 ? 22.488  -2.299  -1.468  1.00 37.31  ? 712 VAL A O   1 
ATOM   1219 C CB  . VAL A 1 158 ? 21.646  -5.118  -0.056  1.00 45.61  ? 712 VAL A CB  1 
ATOM   1220 C CG1 . VAL A 1 158 ? 21.595  -4.070  1.053   1.00 49.45  ? 712 VAL A CG1 1 
ATOM   1221 C CG2 . VAL A 1 158 ? 20.264  -5.393  -0.600  1.00 47.87  ? 712 VAL A CG2 1 
ATOM   1222 N N   . SER A 1 159 ? 21.377  -3.563  -2.965  1.00 37.29  ? 713 SER A N   1 
ATOM   1223 C CA  . SER A 1 159 ? 20.559  -2.464  -3.485  1.00 36.11  ? 713 SER A CA  1 
ATOM   1224 C C   . SER A 1 159 ? 19.093  -2.856  -3.468  1.00 32.23  ? 713 SER A C   1 
ATOM   1225 O O   . SER A 1 159 ? 18.738  -4.034  -3.490  1.00 35.31  ? 713 SER A O   1 
ATOM   1226 C CB  . SER A 1 159 ? 21.005  -2.004  -4.878  1.00 37.78  ? 713 SER A CB  1 
ATOM   1227 O OG  . SER A 1 159 ? 20.660  -2.936  -5.875  1.00 37.17  ? 713 SER A OG  1 
ATOM   1228 N N   . PHE A 1 160 ? 18.234  -1.858  -3.444  1.00 31.62  ? 714 PHE A N   1 
ATOM   1229 C CA  . PHE A 1 160 ? 16.787  -2.096  -3.358  1.00 32.49  ? 714 PHE A CA  1 
ATOM   1230 C C   . PHE A 1 160 ? 15.977  -1.081  -4.160  1.00 34.04  ? 714 PHE A C   1 
ATOM   1231 O O   . PHE A 1 160 ? 16.059  0.126   -3.903  1.00 37.19  ? 714 PHE A O   1 
ATOM   1232 C CB  . PHE A 1 160 ? 16.305  -2.061  -1.929  1.00 31.01  ? 714 PHE A CB  1 
ATOM   1233 C CG  . PHE A 1 160 ? 14.858  -2.368  -1.804  1.00 32.57  ? 714 PHE A CG  1 
ATOM   1234 C CD1 . PHE A 1 160 ? 14.412  -3.679  -1.928  1.00 28.50  ? 714 PHE A CD1 1 
ATOM   1235 C CD2 . PHE A 1 160 ? 13.925  -1.344  -1.605  1.00 32.68  ? 714 PHE A CD2 1 
ATOM   1236 C CE1 . PHE A 1 160 ? 13.077  -3.966  -1.858  1.00 29.90  ? 714 PHE A CE1 1 
ATOM   1237 C CE2 . PHE A 1 160 ? 12.578  -1.645  -1.512  1.00 32.46  ? 714 PHE A CE2 1 
ATOM   1238 C CZ  . PHE A 1 160 ? 12.160  -2.964  -1.635  1.00 30.81  ? 714 PHE A CZ  1 
ATOM   1239 N N   . THR A 1 161 ? 15.245  -1.559  -5.153  1.00 34.58  ? 715 THR A N   1 
ATOM   1240 C CA  . THR A 1 161 ? 14.323  -0.699  -5.905  1.00 39.78  ? 715 THR A CA  1 
ATOM   1241 C C   . THR A 1 161 ? 13.095  -1.506  -6.330  1.00 37.03  ? 715 THR A C   1 
ATOM   1242 O O   . THR A 1 161 ? 13.234  -2.613  -6.824  1.00 33.14  ? 715 THR A O   1 
ATOM   1243 C CB  . THR A 1 161 ? 14.929  -0.045  -7.182  1.00 41.80  ? 715 THR A CB  1 
ATOM   1244 O OG1 . THR A 1 161 ? 14.841  -0.949  -8.265  1.00 42.33  ? 715 THR A OG1 1 
ATOM   1245 C CG2 . THR A 1 161 ? 16.398  0.360   -7.024  1.00 46.70  ? 715 THR A CG2 1 
ATOM   1246 N N   . ASN A 1 162 ? 11.914  -0.938  -6.061  1.00 40.33  ? 716 ASN A N   1 
ATOM   1247 C CA  . ASN A 1 162 ? 10.656  -1.407  -6.552  1.00 36.89  ? 716 ASN A CA  1 
ATOM   1248 C C   . ASN A 1 162 ? 10.339  -2.817  -6.122  1.00 40.60  ? 716 ASN A C   1 
ATOM   1249 O O   . ASN A 1 162 ? 9.801   -3.592  -6.916  1.00 39.06  ? 716 ASN A O   1 
ATOM   1250 C CB  . ASN A 1 162 ? 10.570  -1.280  -8.063  1.00 42.66  ? 716 ASN A CB  1 
ATOM   1251 C CG  . ASN A 1 162 ? 9.133   -1.092  -8.537  1.00 54.63  ? 716 ASN A CG  1 
ATOM   1252 O OD1 . ASN A 1 162 ? 8.417   -0.180  -8.075  1.00 57.48  ? 716 ASN A OD1 1 
ATOM   1253 N ND2 . ASN A 1 162 ? 8.685   -1.970  -9.425  1.00 61.83  ? 716 ASN A ND2 1 
ATOM   1254 N N   . GLY A 1 163 ? 10.645  -3.135  -4.853  1.00 39.33  ? 717 GLY A N   1 
ATOM   1255 C CA  . GLY A 1 163 ? 10.316  -4.444  -4.249  1.00 35.43  ? 717 GLY A CA  1 
ATOM   1256 C C   . GLY A 1 163 ? 11.395  -5.486  -4.518  1.00 34.73  ? 717 GLY A C   1 
ATOM   1257 O O   . GLY A 1 163 ? 11.278  -6.652  -4.073  1.00 29.00  ? 717 GLY A O   1 
ATOM   1258 N N   . GLU A 1 164 ? 12.427  -5.069  -5.264  1.00 29.92  ? 718 GLU A N   1 
ATOM   1259 C CA  . GLU A 1 164 ? 13.521  -5.972  -5.658  1.00 32.68  ? 718 GLU A CA  1 
ATOM   1260 C C   . GLU A 1 164 ? 14.870  -5.660  -4.973  1.00 27.69  ? 718 GLU A C   1 
ATOM   1261 O O   . GLU A 1 164 ? 15.450  -4.553  -5.108  1.00 23.42  ? 718 GLU A O   1 
ATOM   1262 C CB  . GLU A 1 164 ? 13.675  -5.979  -7.186  1.00 38.05  ? 718 GLU A CB  1 
ATOM   1263 C CG  . GLU A 1 164 ? 14.541  -7.124  -7.671  1.00 41.59  ? 718 GLU A CG  1 
ATOM   1264 C CD  . GLU A 1 164 ? 14.765  -7.118  -9.165  1.00 46.42  ? 718 GLU A CD  1 
ATOM   1265 O OE1 . GLU A 1 164 ? 15.641  -6.353  -9.674  1.00 46.93  ? 718 GLU A OE1 1 
ATOM   1266 O OE2 . GLU A 1 164 ? 14.055  -7.901  -9.811  1.00 52.10  ? 718 GLU A OE2 1 
ATOM   1267 N N   . ALA A 1 165 ? 15.288  -6.612  -4.154  1.00 27.38  ? 719 ALA A N   1 
ATOM   1268 C CA  . ALA A 1 165 ? 16.602  -6.607  -3.504  1.00 29.08  ? 719 ALA A CA  1 
ATOM   1269 C C   . ALA A 1 165 ? 17.691  -7.329  -4.344  1.00 28.27  ? 719 ALA A C   1 
ATOM   1270 O O   . ALA A 1 165 ? 17.537  -8.522  -4.632  1.00 28.90  ? 719 ALA A O   1 
ATOM   1271 C CB  . ALA A 1 165 ? 16.482  -7.316  -2.166  1.00 27.42  ? 719 ALA A CB  1 
ATOM   1272 N N   . VAL A 1 166 ? 18.799  -6.644  -4.608  1.00 27.36  ? 720 VAL A N   1 
ATOM   1273 C CA  . VAL A 1 166 ? 19.956  -7.216  -5.320  1.00 30.15  ? 720 VAL A CA  1 
ATOM   1274 C C   . VAL A 1 166 ? 21.197  -7.354  -4.399  1.00 32.17  ? 720 VAL A C   1 
ATOM   1275 O O   . VAL A 1 166 ? 21.679  -6.379  -3.811  1.00 29.13  ? 720 VAL A O   1 
ATOM   1276 C CB  . VAL A 1 166 ? 20.370  -6.391  -6.584  1.00 30.32  ? 720 VAL A CB  1 
ATOM   1277 C CG1 . VAL A 1 166 ? 21.458  -7.104  -7.354  1.00 32.98  ? 720 VAL A CG1 1 
ATOM   1278 C CG2 . VAL A 1 166 ? 19.222  -6.172  -7.572  1.00 30.91  ? 720 VAL A CG2 1 
ATOM   1279 N N   . LEU A 1 167 ? 21.722  -8.575  -4.319  1.00 32.09  ? 721 LEU A N   1 
ATOM   1280 C CA  . LEU A 1 167 ? 22.907  -8.884  -3.528  1.00 31.13  ? 721 LEU A CA  1 
ATOM   1281 C C   . LEU A 1 167 ? 24.140  -9.165  -4.396  1.00 31.89  ? 721 LEU A C   1 
ATOM   1282 O O   . LEU A 1 167 ? 24.092  -9.946  -5.352  1.00 29.21  ? 721 LEU A O   1 
ATOM   1283 C CB  . LEU A 1 167 ? 22.638  -10.097 -2.666  1.00 29.88  ? 721 LEU A CB  1 
ATOM   1284 C CG  . LEU A 1 167 ? 21.352  -10.019 -1.853  1.00 31.36  ? 721 LEU A CG  1 
ATOM   1285 C CD1 . LEU A 1 167 ? 21.099  -11.362 -1.212  1.00 32.61  ? 721 LEU A CD1 1 
ATOM   1286 C CD2 . LEU A 1 167 ? 21.407  -8.898  -0.820  1.00 32.24  ? 721 LEU A CD2 1 
ATOM   1287 N N   . THR A 1 168 ? 25.244  -8.550  -4.008  1.00 29.85  ? 722 THR A N   1 
ATOM   1288 C CA  . THR A 1 168 ? 26.534  -8.772  -4.637  1.00 32.32  ? 722 THR A CA  1 
ATOM   1289 C C   . THR A 1 168 ? 27.626  -8.869  -3.579  1.00 35.22  ? 722 THR A C   1 
ATOM   1290 O O   . THR A 1 168 ? 27.455  -8.426  -2.452  1.00 33.18  ? 722 THR A O   1 
ATOM   1291 C CB  . THR A 1 168 ? 26.892  -7.570  -5.488  1.00 32.33  ? 722 THR A CB  1 
ATOM   1292 O OG1 . THR A 1 168 ? 26.700  -6.388  -4.688  1.00 30.91  ? 722 THR A OG1 1 
ATOM   1293 C CG2 . THR A 1 168 ? 25.989  -7.533  -6.740  1.00 34.00  ? 722 THR A CG2 1 
ATOM   1294 N N   . GLY A 1 169 ? 28.773  -9.409  -3.964  1.00 35.44  ? 723 GLY A N   1 
ATOM   1295 C CA  . GLY A 1 169 ? 29.897  -9.505  -3.055  1.00 32.14  ? 723 GLY A CA  1 
ATOM   1296 C C   . GLY A 1 169 ? 30.403  -10.906 -3.091  1.00 32.62  ? 723 GLY A C   1 
ATOM   1297 O O   . GLY A 1 169 ? 30.163  -11.642 -4.064  1.00 35.05  ? 723 GLY A O   1 
ATOM   1298 N N   . TYR A 1 170 ? 31.106  -11.272 -2.023  1.00 33.00  ? 724 TYR A N   1 
ATOM   1299 C CA  . TYR A 1 170 ? 31.784  -12.570 -1.927  1.00 35.08  ? 724 TYR A CA  1 
ATOM   1300 C C   . TYR A 1 170 ? 31.572  -13.194 -0.553  1.00 31.66  ? 724 TYR A C   1 
ATOM   1301 O O   . TYR A 1 170 ? 31.604  -12.497 0.414   1.00 38.16  ? 724 TYR A O   1 
ATOM   1302 C CB  . TYR A 1 170 ? 33.280  -12.380 -2.133  1.00 32.27  ? 724 TYR A CB  1 
ATOM   1303 C CG  . TYR A 1 170 ? 33.703  -11.763 -3.440  1.00 28.46  ? 724 TYR A CG  1 
ATOM   1304 C CD1 . TYR A 1 170 ? 33.945  -12.552 -4.563  1.00 30.87  ? 724 TYR A CD1 1 
ATOM   1305 C CD2 . TYR A 1 170 ? 33.936  -10.416 -3.525  1.00 28.42  ? 724 TYR A CD2 1 
ATOM   1306 C CE1 . TYR A 1 170 ? 34.365  -11.997 -5.758  1.00 31.12  ? 724 TYR A CE1 1 
ATOM   1307 C CE2 . TYR A 1 170 ? 34.343  -9.837  -4.707  1.00 30.43  ? 724 TYR A CE2 1 
ATOM   1308 C CZ  . TYR A 1 170 ? 34.565  -10.615 -5.820  1.00 31.61  ? 724 TYR A CZ  1 
ATOM   1309 O OH  . TYR A 1 170 ? 34.966  -9.995  -6.981  1.00 31.67  ? 724 TYR A OH  1 
ATOM   1310 N N   . ILE A 1 171 ? 31.339  -14.489 -0.478  1.00 34.43  ? 725 ILE A N   1 
ATOM   1311 C CA  . ILE A 1 171 ? 31.331  -15.205 0.813   1.00 38.76  ? 725 ILE A CA  1 
ATOM   1312 C C   . ILE A 1 171 ? 32.318  -16.386 0.844   1.00 39.57  ? 725 ILE A C   1 
ATOM   1313 O O   . ILE A 1 171 ? 32.678  -16.941 -0.212  1.00 39.59  ? 725 ILE A O   1 
ATOM   1314 C CB  . ILE A 1 171 ? 29.939  -15.724 1.248   1.00 37.78  ? 725 ILE A CB  1 
ATOM   1315 C CG1 . ILE A 1 171 ? 29.360  -16.719 0.256   1.00 36.53  ? 725 ILE A CG1 1 
ATOM   1316 C CG2 . ILE A 1 171 ? 28.991  -14.571 1.518   1.00 42.20  ? 725 ILE A CG2 1 
ATOM   1317 C CD1 . ILE A 1 171 ? 28.231  -17.553 0.816   1.00 35.08  ? 725 ILE A CD1 1 
ATOM   1318 N N   . ASN A 1 172 ? 32.710  -16.749 2.069   1.00 39.26  ? 726 ASN A N   1 
ATOM   1319 C CA  A ASN A 1 172 ? 33.632  -17.842 2.368   0.50 40.57  ? 726 ASN A CA  1 
ATOM   1320 C CA  B ASN A 1 172 ? 33.650  -17.848 2.293   0.50 39.65  ? 726 ASN A CA  1 
ATOM   1321 C C   . ASN A 1 172 ? 32.886  -19.127 2.112   1.00 41.89  ? 726 ASN A C   1 
ATOM   1322 O O   . ASN A 1 172 ? 31.734  -19.200 2.493   1.00 38.47  ? 726 ASN A O   1 
ATOM   1323 C CB  A ASN A 1 172 ? 34.023  -17.728 3.851   0.50 42.28  ? 726 ASN A CB  1 
ATOM   1324 C CB  B ASN A 1 172 ? 34.266  -17.796 3.694   0.50 40.33  ? 726 ASN A CB  1 
ATOM   1325 C CG  A ASN A 1 172 ? 35.112  -18.690 4.261   0.50 42.93  ? 726 ASN A CG  1 
ATOM   1326 C CG  B ASN A 1 172 ? 35.267  -16.670 3.853   0.50 39.81  ? 726 ASN A CG  1 
ATOM   1327 O OD1 A ASN A 1 172 ? 34.893  -19.899 4.353   0.50 45.42  ? 726 ASN A OD1 1 
ATOM   1328 O OD1 B ASN A 1 172 ? 35.166  -15.867 4.789   0.50 41.93  ? 726 ASN A OD1 1 
ATOM   1329 N ND2 A ASN A 1 172 ? 36.288  -18.149 4.549   0.50 42.10  ? 726 ASN A ND2 1 
ATOM   1330 N ND2 B ASN A 1 172 ? 36.235  -16.596 2.938   0.50 36.03  ? 726 ASN A ND2 1 
ATOM   1331 N N   . ASN A 1 173 ? 33.528  -20.134 1.515   1.00 47.30  ? 727 ASN A N   1 
ATOM   1332 C CA  . ASN A 1 173 ? 32.790  -21.356 1.092   1.00 57.64  ? 727 ASN A CA  1 
ATOM   1333 C C   . ASN A 1 173 ? 32.112  -22.083 2.239   1.00 58.27  ? 727 ASN A C   1 
ATOM   1334 O O   . ASN A 1 173 ? 30.984  -22.553 2.105   1.00 64.52  ? 727 ASN A O   1 
ATOM   1335 C CB  . ASN A 1 173 ? 33.679  -22.364 0.360   1.00 64.91  ? 727 ASN A CB  1 
ATOM   1336 C CG  . ASN A 1 173 ? 32.889  -23.240 -0.606  1.00 64.63  ? 727 ASN A CG  1 
ATOM   1337 O OD1 . ASN A 1 173 ? 32.392  -24.303 -0.238  1.00 61.07  ? 727 ASN A OD1 1 
ATOM   1338 N ND2 . ASN A 1 173 ? 32.766  -22.788 -1.843  1.00 67.87  ? 727 ASN A ND2 1 
ATOM   1339 N N   . LYS A 1 174 ? 32.799  -22.152 3.371   1.00 55.70  ? 728 LYS A N   1 
ATOM   1340 C CA  . LYS A 1 174 ? 32.195  -22.657 4.593   1.00 59.06  ? 728 LYS A CA  1 
ATOM   1341 C C   . LYS A 1 174 ? 30.800  -22.077 4.831   1.00 57.71  ? 728 LYS A C   1 
ATOM   1342 O O   . LYS A 1 174 ? 29.903  -22.818 5.222   1.00 56.51  ? 728 LYS A O   1 
ATOM   1343 C CB  . LYS A 1 174 ? 33.093  -22.363 5.801   1.00 64.06  ? 728 LYS A CB  1 
ATOM   1344 C CG  . LYS A 1 174 ? 34.386  -23.175 5.808   1.00 69.42  ? 728 LYS A CG  1 
ATOM   1345 C CD  . LYS A 1 174 ? 35.357  -22.780 6.919   1.00 75.03  ? 728 LYS A CD  1 
ATOM   1346 C CE  . LYS A 1 174 ? 36.310  -21.647 6.527   1.00 77.52  ? 728 LYS A CE  1 
ATOM   1347 N NZ  . LYS A 1 174 ? 35.831  -20.310 6.976   1.00 78.22  ? 728 LYS A NZ  1 
ATOM   1348 N N   . ASP A 1 175 ? 30.608  -20.783 4.537   1.00 51.76  ? 729 ASP A N   1 
ATOM   1349 C CA  . ASP A 1 175 ? 29.380  -20.018 4.922   1.00 47.90  ? 729 ASP A CA  1 
ATOM   1350 C C   . ASP A 1 175 ? 28.125  -20.206 4.057   1.00 48.14  ? 729 ASP A C   1 
ATOM   1351 O O   . ASP A 1 175 ? 27.152  -19.498 4.257   1.00 49.55  ? 729 ASP A O   1 
ATOM   1352 C CB  . ASP A 1 175 ? 29.692  -18.506 5.013   1.00 46.20  ? 729 ASP A CB  1 
ATOM   1353 C CG  . ASP A 1 175 ? 30.624  -18.150 6.183   1.00 50.49  ? 729 ASP A CG  1 
ATOM   1354 O OD1 . ASP A 1 175 ? 30.875  -18.981 7.075   1.00 49.27  ? 729 ASP A OD1 1 
ATOM   1355 O OD2 . ASP A 1 175 ? 31.101  -17.003 6.235   1.00 57.42  ? 729 ASP A OD2 1 
ATOM   1356 N N   . ALA A 1 176 ? 28.117  -21.156 3.122   1.00 47.39  ? 730 ALA A N   1 
ATOM   1357 C CA  . ALA A 1 176 ? 27.004  -21.286 2.180   1.00 44.82  ? 730 ALA A CA  1 
ATOM   1358 C C   . ALA A 1 176 ? 25.628  -21.494 2.835   1.00 47.93  ? 730 ALA A C   1 
ATOM   1359 O O   . ALA A 1 176 ? 24.681  -20.801 2.499   1.00 46.88  ? 730 ALA A O   1 
ATOM   1360 C CB  . ALA A 1 176 ? 27.277  -22.405 1.177   1.00 44.58  ? 730 ALA A CB  1 
ATOM   1361 N N   . ASP A 1 177 ? 25.510  -22.466 3.739   1.00 57.28  ? 731 ASP A N   1 
ATOM   1362 C CA  . ASP A 1 177 ? 24.222  -22.772 4.409   1.00 57.47  ? 731 ASP A CA  1 
ATOM   1363 C C   . ASP A 1 177 ? 23.724  -21.690 5.391   1.00 53.23  ? 731 ASP A C   1 
ATOM   1364 O O   . ASP A 1 177 ? 22.526  -21.452 5.498   1.00 51.38  ? 731 ASP A O   1 
ATOM   1365 C CB  . ASP A 1 177 ? 24.304  -24.128 5.116   1.00 63.61  ? 731 ASP A CB  1 
ATOM   1366 C CG  . ASP A 1 177 ? 24.286  -25.300 4.134   1.00 67.29  ? 731 ASP A CG  1 
ATOM   1367 O OD1 . ASP A 1 177 ? 23.816  -25.132 2.994   1.00 66.78  ? 731 ASP A OD1 1 
ATOM   1368 O OD2 . ASP A 1 177 ? 24.752  -26.395 4.494   1.00 76.26  ? 731 ASP A OD2 1 
ATOM   1369 N N   . LYS A 1 178 ? 24.637  -21.036 6.096   1.00 47.35  ? 732 LYS A N   1 
ATOM   1370 C CA  . LYS A 1 178 ? 24.274  -19.885 6.911   1.00 49.24  ? 732 LYS A CA  1 
ATOM   1371 C C   . LYS A 1 178 ? 23.717  -18.746 6.044   1.00 49.19  ? 732 LYS A C   1 
ATOM   1372 O O   . LYS A 1 178 ? 22.727  -18.109 6.403   1.00 47.80  ? 732 LYS A O   1 
ATOM   1373 C CB  . LYS A 1 178 ? 25.486  -19.398 7.707   1.00 48.45  ? 732 LYS A CB  1 
ATOM   1374 C CG  . LYS A 1 178 ? 25.255  -18.126 8.523   1.00 48.53  ? 732 LYS A CG  1 
ATOM   1375 C CD  . LYS A 1 178 ? 26.120  -18.086 9.775   1.00 48.87  ? 732 LYS A CD  1 
ATOM   1376 C CE  . LYS A 1 178 ? 26.525  -16.679 10.205  1.00 52.82  ? 732 LYS A CE  1 
ATOM   1377 N NZ  . LYS A 1 178 ? 27.915  -16.337 9.732   1.00 53.73  ? 732 LYS A NZ  1 
ATOM   1378 N N   . PHE A 1 179 ? 24.365  -18.501 4.908   1.00 46.85  ? 733 PHE A N   1 
ATOM   1379 C CA  . PHE A 1 179 ? 23.952  -17.445 3.982   1.00 47.15  ? 733 PHE A CA  1 
ATOM   1380 C C   . PHE A 1 179 ? 22.585  -17.689 3.322   1.00 45.11  ? 733 PHE A C   1 
ATOM   1381 O O   . PHE A 1 179 ? 21.773  -16.782 3.235   1.00 45.22  ? 733 PHE A O   1 
ATOM   1382 C CB  . PHE A 1 179 ? 25.006  -17.219 2.897   1.00 45.22  ? 733 PHE A CB  1 
ATOM   1383 C CG  . PHE A 1 179 ? 24.723  -16.009 2.045   1.00 44.74  ? 733 PHE A CG  1 
ATOM   1384 C CD1 . PHE A 1 179 ? 24.770  -14.734 2.597   1.00 43.94  ? 733 PHE A CD1 1 
ATOM   1385 C CD2 . PHE A 1 179 ? 24.391  -16.144 0.694   1.00 44.79  ? 733 PHE A CD2 1 
ATOM   1386 C CE1 . PHE A 1 179 ? 24.513  -13.611 1.817   1.00 44.56  ? 733 PHE A CE1 1 
ATOM   1387 C CE2 . PHE A 1 179 ? 24.123  -15.019 -0.094  1.00 43.51  ? 733 PHE A CE2 1 
ATOM   1388 C CZ  . PHE A 1 179 ? 24.188  -13.757 0.468   1.00 41.53  ? 733 PHE A CZ  1 
ATOM   1389 N N   . ARG A 1 180 ? 22.356  -18.904 2.842   1.00 47.66  ? 734 ARG A N   1 
ATOM   1390 C CA  . ARG A 1 180 ? 21.046  -19.346 2.355   1.00 51.15  ? 734 ARG A CA  1 
ATOM   1391 C C   . ARG A 1 180 ? 19.927  -19.042 3.359   1.00 52.12  ? 734 ARG A C   1 
ATOM   1392 O O   . ARG A 1 180 ? 18.822  -18.662 2.996   1.00 51.53  ? 734 ARG A O   1 
ATOM   1393 C CB  . ARG A 1 180 ? 21.118  -20.847 2.124   1.00 57.74  ? 734 ARG A CB  1 
ATOM   1394 C CG  . ARG A 1 180 ? 19.867  -21.495 1.557   1.00 66.33  ? 734 ARG A CG  1 
ATOM   1395 C CD  . ARG A 1 180 ? 20.203  -22.777 0.792   1.00 73.87  ? 734 ARG A CD  1 
ATOM   1396 N NE  . ARG A 1 180 ? 21.340  -22.591 -0.140  1.00 78.11  ? 734 ARG A NE  1 
ATOM   1397 C CZ  . ARG A 1 180 ? 22.522  -23.224 -0.086  1.00 73.28  ? 734 ARG A CZ  1 
ATOM   1398 N NH1 . ARG A 1 180 ? 22.777  -24.136 0.848   1.00 74.40  ? 734 ARG A NH1 1 
ATOM   1399 N NH2 . ARG A 1 180 ? 23.465  -22.947 -0.986  1.00 66.70  ? 734 ARG A NH2 1 
ATOM   1400 N N   . THR A 1 181 ? 20.233  -19.242 4.633   1.00 54.60  ? 735 THR A N   1 
ATOM   1401 C CA  . THR A 1 181 ? 19.317  -18.945 5.731   1.00 51.77  ? 735 THR A CA  1 
ATOM   1402 C C   . THR A 1 181 ? 19.111  -17.432 5.852   1.00 52.55  ? 735 THR A C   1 
ATOM   1403 O O   . THR A 1 181 ? 17.979  -16.960 5.906   1.00 56.24  ? 735 THR A O   1 
ATOM   1404 C CB  . THR A 1 181 ? 19.865  -19.581 7.039   1.00 51.28  ? 735 THR A CB  1 
ATOM   1405 O OG1 . THR A 1 181 ? 19.755  -21.004 6.917   1.00 52.68  ? 735 THR A OG1 1 
ATOM   1406 C CG2 . THR A 1 181 ? 19.127  -19.111 8.296   1.00 49.45  ? 735 THR A CG2 1 
ATOM   1407 N N   . VAL A 1 182 ? 20.202  -16.672 5.872   1.00 46.41  ? 736 VAL A N   1 
ATOM   1408 C CA  . VAL A 1 182 ? 20.105  -15.235 5.913   1.00 45.56  ? 736 VAL A CA  1 
ATOM   1409 C C   . VAL A 1 182 ? 19.292  -14.684 4.729   1.00 48.93  ? 736 VAL A C   1 
ATOM   1410 O O   . VAL A 1 182 ? 18.532  -13.715 4.894   1.00 48.75  ? 736 VAL A O   1 
ATOM   1411 C CB  . VAL A 1 182 ? 21.490  -14.592 5.933   1.00 43.40  ? 736 VAL A CB  1 
ATOM   1412 C CG1 . VAL A 1 182 ? 21.421  -13.097 5.651   1.00 43.46  ? 736 VAL A CG1 1 
ATOM   1413 C CG2 . VAL A 1 182 ? 22.149  -14.852 7.275   1.00 47.15  ? 736 VAL A CG2 1 
ATOM   1414 N N   . VAL A 1 183 ? 19.444  -15.276 3.550   1.00 44.91  ? 737 VAL A N   1 
ATOM   1415 C CA  . VAL A 1 183 ? 18.666  -14.822 2.404   1.00 45.54  ? 737 VAL A CA  1 
ATOM   1416 C C   . VAL A 1 183 ? 17.171  -15.123 2.564   1.00 44.79  ? 737 VAL A C   1 
ATOM   1417 O O   . VAL A 1 183 ? 16.358  -14.281 2.247   1.00 41.51  ? 737 VAL A O   1 
ATOM   1418 C CB  . VAL A 1 183 ? 19.242  -15.340 1.077   1.00 47.04  ? 737 VAL A CB  1 
ATOM   1419 C CG1 . VAL A 1 183 ? 18.283  -15.117 -0.084  1.00 45.72  ? 737 VAL A CG1 1 
ATOM   1420 C CG2 . VAL A 1 183 ? 20.570  -14.628 0.800   1.00 49.77  ? 737 VAL A CG2 1 
ATOM   1421 N N   . GLN A 1 184 ? 16.801  -16.301 3.056   1.00 53.24  ? 738 GLN A N   1 
ATOM   1422 C CA  . GLN A 1 184 ? 15.384  -16.598 3.328   1.00 58.15  ? 738 GLN A CA  1 
ATOM   1423 C C   . GLN A 1 184 ? 14.741  -15.504 4.173   1.00 57.17  ? 738 GLN A C   1 
ATOM   1424 O O   . GLN A 1 184 ? 13.659  -15.015 3.866   1.00 56.76  ? 738 GLN A O   1 
ATOM   1425 C CB  . GLN A 1 184 ? 15.229  -17.937 4.055   1.00 63.61  ? 738 GLN A CB  1 
ATOM   1426 C CG  . GLN A 1 184 ? 15.312  -19.134 3.135   1.00 70.68  ? 738 GLN A CG  1 
ATOM   1427 C CD  . GLN A 1 184 ? 14.336  -19.011 1.982   1.00 80.06  ? 738 GLN A CD  1 
ATOM   1428 O OE1 . GLN A 1 184 ? 13.164  -18.666 2.179   1.00 85.76  ? 738 GLN A OE1 1 
ATOM   1429 N NE2 . GLN A 1 184 ? 14.815  -19.265 0.766   1.00 80.00  ? 738 GLN A NE2 1 
ATOM   1430 N N   . GLU A 1 185 ? 15.441  -15.116 5.225   1.00 56.79  ? 739 GLU A N   1 
ATOM   1431 C CA  . GLU A 1 185 ? 14.945  -14.148 6.188   1.00 57.84  ? 739 GLU A CA  1 
ATOM   1432 C C   . GLU A 1 185 ? 14.818  -12.732 5.601   1.00 57.67  ? 739 GLU A C   1 
ATOM   1433 O O   . GLU A 1 185 ? 13.887  -12.003 5.956   1.00 59.31  ? 739 GLU A O   1 
ATOM   1434 C CB  . GLU A 1 185 ? 15.843  -14.158 7.442   1.00 59.42  ? 739 GLU A CB  1 
ATOM   1435 C CG  . GLU A 1 185 ? 15.839  -15.503 8.181   1.00 64.50  ? 739 GLU A CG  1 
ATOM   1436 C CD  . GLU A 1 185 ? 16.910  -15.632 9.268   1.00 68.63  ? 739 GLU A CD  1 
ATOM   1437 O OE1 . GLU A 1 185 ? 17.690  -14.676 9.511   1.00 60.69  ? 739 GLU A OE1 1 
ATOM   1438 O OE2 . GLU A 1 185 ? 16.964  -16.721 9.889   1.00 76.31  ? 739 GLU A OE2 1 
ATOM   1439 N N   . LEU A 1 186 ? 15.732  -12.346 4.706   1.00 50.66  ? 740 LEU A N   1 
ATOM   1440 C CA  . LEU A 1 186 ? 15.617  -11.073 3.985   1.00 48.15  ? 740 LEU A CA  1 
ATOM   1441 C C   . LEU A 1 186 ? 14.350  -11.028 3.101   1.00 50.00  ? 740 LEU A C   1 
ATOM   1442 O O   . LEU A 1 186 ? 13.756  -9.958  2.920   1.00 49.76  ? 740 LEU A O   1 
ATOM   1443 C CB  . LEU A 1 186 ? 16.849  -10.806 3.104   1.00 45.87  ? 740 LEU A CB  1 
ATOM   1444 C CG  . LEU A 1 186 ? 18.230  -10.695 3.771   1.00 46.59  ? 740 LEU A CG  1 
ATOM   1445 C CD1 . LEU A 1 186 ? 19.334  -10.401 2.769   1.00 45.90  ? 740 LEU A CD1 1 
ATOM   1446 C CD2 . LEU A 1 186 ? 18.237  -9.640  4.854   1.00 45.58  ? 740 LEU A CD2 1 
ATOM   1447 N N   . GLN A 1 187 ? 13.947  -12.172 2.548   1.00 48.01  ? 741 GLN A N   1 
ATOM   1448 C CA  . GLN A 1 187 ? 12.693  -12.257 1.798   1.00 52.09  ? 741 GLN A CA  1 
ATOM   1449 C C   . GLN A 1 187 ? 11.450  -11.929 2.634   1.00 51.80  ? 741 GLN A C   1 
ATOM   1450 O O   . GLN A 1 187 ? 10.445  -11.498 2.094   1.00 56.03  ? 741 GLN A O   1 
ATOM   1451 C CB  . GLN A 1 187 ? 12.504  -13.651 1.204   1.00 57.58  ? 741 GLN A CB  1 
ATOM   1452 C CG  . GLN A 1 187 ? 13.524  -14.055 0.162   1.00 62.03  ? 741 GLN A CG  1 
ATOM   1453 C CD  . GLN A 1 187 ? 13.044  -15.213 -0.698  1.00 70.99  ? 741 GLN A CD  1 
ATOM   1454 O OE1 . GLN A 1 187 ? 12.117  -15.939 -0.327  1.00 71.29  ? 741 GLN A OE1 1 
ATOM   1455 N NE2 . GLN A 1 187 ? 13.671  -15.389 -1.857  1.00 71.25  ? 741 GLN A NE2 1 
ATOM   1456 N N   . ASP A 1 188 ? 11.515  -12.159 3.940   1.00 56.97  ? 742 ASP A N   1 
ATOM   1457 C CA  . ASP A 1 188 ? 10.382  -11.975 4.822   1.00 59.88  ? 742 ASP A CA  1 
ATOM   1458 C C   . ASP A 1 188 ? 10.458  -10.627 5.549   1.00 60.77  ? 742 ASP A C   1 
ATOM   1459 O O   . ASP A 1 188 ? 10.284  -10.570 6.748   1.00 72.22  ? 742 ASP A O   1 
ATOM   1460 C CB  . ASP A 1 188 ? 10.301  -13.175 5.794   1.00 59.16  ? 742 ASP A CB  1 
ATOM   1461 C CG  . ASP A 1 188 ? 9.974   -14.488 5.061   1.00 62.85  ? 742 ASP A CG  1 
ATOM   1462 O OD1 . ASP A 1 188 ? 8.890   -14.549 4.454   1.00 64.66  ? 742 ASP A OD1 1 
ATOM   1463 O OD2 . ASP A 1 188 ? 10.780  -15.452 5.059   1.00 61.83  ? 742 ASP A OD2 1 
ATOM   1464 N N   . ILE A 1 189 ? 10.674  -9.550  4.797   1.00 61.10  ? 743 ILE A N   1 
ATOM   1465 C CA  . ILE A 1 189 ? 10.783  -8.177  5.328   1.00 56.51  ? 743 ILE A CA  1 
ATOM   1466 C C   . ILE A 1 189 ? 9.913   -7.175  4.554   1.00 57.51  ? 743 ILE A C   1 
ATOM   1467 O O   . ILE A 1 189 ? 9.866   -7.209  3.335   1.00 58.51  ? 743 ILE A O   1 
ATOM   1468 C CB  . ILE A 1 189 ? 12.234  -7.670  5.198   1.00 53.25  ? 743 ILE A CB  1 
ATOM   1469 C CG1 . ILE A 1 189 ? 13.102  -8.257  6.307   1.00 56.69  ? 743 ILE A CG1 1 
ATOM   1470 C CG2 . ILE A 1 189 ? 12.317  -6.141  5.203   1.00 48.03  ? 743 ILE A CG2 1 
ATOM   1471 C CD1 . ILE A 1 189 ? 14.548  -7.798  6.238   1.00 58.29  ? 743 ILE A CD1 1 
ATOM   1472 N N   . ALA A 1 190 ? 9.263   -6.269  5.281   1.00 58.36  ? 744 ALA A N   1 
ATOM   1473 C CA  . ALA A 1 190 ? 8.658   -5.042  4.737   1.00 59.59  ? 744 ALA A CA  1 
ATOM   1474 C C   . ALA A 1 190 ? 8.079   -5.196  3.339   1.00 54.50  ? 744 ALA A C   1 
ATOM   1475 O O   . ALA A 1 190 ? 7.245   -6.077  3.112   1.00 56.52  ? 744 ALA A O   1 
ATOM   1476 C CB  . ALA A 1 190 ? 9.658   -3.877  4.805   1.00 64.75  ? 744 ALA A CB  1 
ATOM   1477 N N   . GLY A 1 191 ? 8.496   -4.347  2.405   1.00 50.03  ? 745 GLY A N   1 
ATOM   1478 C CA  . GLY A 1 191 ? 7.977   -4.409  1.038   1.00 48.90  ? 745 GLY A CA  1 
ATOM   1479 C C   . GLY A 1 191 ? 8.910   -5.083  0.040   1.00 48.12  ? 745 GLY A C   1 
ATOM   1480 O O   . GLY A 1 191 ? 9.161   -4.534  -1.024  1.00 47.52  ? 745 GLY A O   1 
ATOM   1481 N N   . ILE A 1 192 ? 9.390   -6.284  0.382   1.00 43.37  ? 746 ILE A N   1 
ATOM   1482 C CA  . ILE A 1 192 ? 10.288  -7.042  -0.473  1.00 40.86  ? 746 ILE A CA  1 
ATOM   1483 C C   . ILE A 1 192 ? 9.540   -8.113  -1.217  1.00 40.48  ? 746 ILE A C   1 
ATOM   1484 O O   . ILE A 1 192 ? 8.999   -9.026  -0.589  1.00 40.12  ? 746 ILE A O   1 
ATOM   1485 C CB  . ILE A 1 192 ? 11.428  -7.663  0.352   1.00 40.22  ? 746 ILE A CB  1 
ATOM   1486 C CG1 . ILE A 1 192 ? 12.393  -6.546  0.766   1.00 39.23  ? 746 ILE A CG1 1 
ATOM   1487 C CG2 . ILE A 1 192 ? 12.168  -8.708  -0.455  1.00 44.09  ? 746 ILE A CG2 1 
ATOM   1488 C CD1 . ILE A 1 192 ? 13.447  -7.004  1.725   1.00 40.34  ? 746 ILE A CD1 1 
ATOM   1489 N N   . ARG A 1 193 ? 9.535   -7.999  -2.550  1.00 43.43  ? 747 ARG A N   1 
ATOM   1490 C CA  . ARG A 1 193 ? 8.920   -8.983  -3.454  1.00 47.19  ? 747 ARG A CA  1 
ATOM   1491 C C   . ARG A 1 193 ? 9.910   -10.002 -4.027  1.00 44.65  ? 747 ARG A C   1 
ATOM   1492 O O   . ARG A 1 193 ? 9.545   -11.148 -4.287  1.00 50.28  ? 747 ARG A O   1 
ATOM   1493 C CB  . ARG A 1 193 ? 8.257   -8.279  -4.641  1.00 55.40  ? 747 ARG A CB  1 
ATOM   1494 C CG  . ARG A 1 193 ? 7.011   -7.474  -4.314  1.00 63.92  ? 747 ARG A CG  1 
ATOM   1495 C CD  . ARG A 1 193 ? 6.737   -6.491  -5.441  1.00 71.78  ? 747 ARG A CD  1 
ATOM   1496 N NE  . ARG A 1 193 ? 5.478   -5.769  -5.277  1.00 80.52  ? 747 ARG A NE  1 
ATOM   1497 C CZ  . ARG A 1 193 ? 5.018   -4.837  -6.121  1.00 85.21  ? 747 ARG A CZ  1 
ATOM   1498 N NH1 . ARG A 1 193 ? 5.705   -4.485  -7.211  1.00 84.89  ? 747 ARG A NH1 1 
ATOM   1499 N NH2 . ARG A 1 193 ? 3.858   -4.241  -5.866  1.00 86.42  ? 747 ARG A NH2 1 
ATOM   1500 N N   . ALA A 1 194 ? 11.142  -9.592  -4.271  1.00 41.05  ? 748 ALA A N   1 
ATOM   1501 C CA  . ALA A 1 194 ? 12.155  -10.509 -4.814  1.00 41.40  ? 748 ALA A CA  1 
ATOM   1502 C C   . ALA A 1 194 ? 13.556  -10.177 -4.327  1.00 43.83  ? 748 ALA A C   1 
ATOM   1503 O O   . ALA A 1 194 ? 13.926  -8.962  -4.219  1.00 37.35  ? 748 ALA A O   1 
ATOM   1504 C CB  . ALA A 1 194 ? 12.145  -10.442 -6.338  1.00 41.45  ? 748 ALA A CB  1 
ATOM   1505 N N   . VAL A 1 195 ? 14.342  -11.235 -4.082  1.00 40.60  ? 749 VAL A N   1 
ATOM   1506 C CA  . VAL A 1 195 ? 15.806  -11.078 -3.864  1.00 42.14  ? 749 VAL A CA  1 
ATOM   1507 C C   . VAL A 1 195 ? 16.584  -11.669 -5.025  1.00 40.02  ? 749 VAL A C   1 
ATOM   1508 O O   . VAL A 1 195 ? 16.408  -12.824 -5.335  1.00 48.19  ? 749 VAL A O   1 
ATOM   1509 C CB  . VAL A 1 195 ? 16.280  -11.763 -2.579  1.00 43.72  ? 749 VAL A CB  1 
ATOM   1510 C CG1 . VAL A 1 195 ? 17.789  -11.570 -2.397  1.00 42.89  ? 749 VAL A CG1 1 
ATOM   1511 C CG2 . VAL A 1 195 ? 15.506  -11.207 -1.379  1.00 43.63  ? 749 VAL A CG2 1 
ATOM   1512 N N   . LYS A 1 196 ? 17.388  -10.866 -5.702  1.00 39.61  ? 750 LYS A N   1 
ATOM   1513 C CA  . LYS A 1 196 ? 18.273  -11.358 -6.752  1.00 40.71  ? 750 LYS A CA  1 
ATOM   1514 C C   . LYS A 1 196 ? 19.672  -11.534 -6.153  1.00 40.47  ? 750 LYS A C   1 
ATOM   1515 O O   . LYS A 1 196 ? 20.337  -10.541 -5.854  1.00 37.07  ? 750 LYS A O   1 
ATOM   1516 C CB  . LYS A 1 196 ? 18.387  -10.366 -7.921  1.00 42.27  ? 750 LYS A CB  1 
ATOM   1517 C CG  . LYS A 1 196 ? 17.117  -10.066 -8.725  1.00 44.83  ? 750 LYS A CG  1 
ATOM   1518 C CD  . LYS A 1 196 ? 16.834  -11.111 -9.793  1.00 50.58  ? 750 LYS A CD  1 
ATOM   1519 C CE  . LYS A 1 196 ? 15.556  -10.780 -10.577 1.00 58.13  ? 750 LYS A CE  1 
ATOM   1520 N NZ  . LYS A 1 196 ? 14.630  -11.954 -10.701 1.00 55.31  ? 750 LYS A NZ  1 
ATOM   1521 N N   . ASN A 1 197 ? 20.109  -12.791 -6.030  1.00 37.88  ? 751 ASN A N   1 
ATOM   1522 C CA  . ASN A 1 197 ? 21.404  -13.149 -5.459  1.00 37.05  ? 751 ASN A CA  1 
ATOM   1523 C C   . ASN A 1 197 ? 22.560  -13.359 -6.473  1.00 36.46  ? 751 ASN A C   1 
ATOM   1524 O O   . ASN A 1 197 ? 22.572  -14.355 -7.156  1.00 35.93  ? 751 ASN A O   1 
ATOM   1525 C CB  . ASN A 1 197 ? 21.191  -14.411 -4.645  1.00 37.91  ? 751 ASN A CB  1 
ATOM   1526 C CG  . ASN A 1 197 ? 22.396  -14.806 -3.844  1.00 36.33  ? 751 ASN A CG  1 
ATOM   1527 O OD1 . ASN A 1 197 ? 23.381  -14.105 -3.784  1.00 39.34  ? 751 ASN A OD1 1 
ATOM   1528 N ND2 . ASN A 1 197 ? 22.311  -15.938 -3.228  1.00 37.74  ? 751 ASN A ND2 1 
ATOM   1529 N N   . PHE A 1 198 ? 23.521  -12.428 -6.553  1.00 34.70  ? 752 PHE A N   1 
ATOM   1530 C CA  . PHE A 1 198 ? 24.706  -12.572 -7.424  1.00 34.38  ? 752 PHE A CA  1 
ATOM   1531 C C   . PHE A 1 198 ? 26.044  -12.814 -6.653  1.00 35.51  ? 752 PHE A C   1 
ATOM   1532 O O   . PHE A 1 198 ? 27.152  -12.769 -7.220  1.00 33.15  ? 752 PHE A O   1 
ATOM   1533 C CB  . PHE A 1 198 ? 24.849  -11.363 -8.331  1.00 38.23  ? 752 PHE A CB  1 
ATOM   1534 C CG  . PHE A 1 198 ? 23.680  -11.175 -9.283  1.00 42.00  ? 752 PHE A CG  1 
ATOM   1535 C CD1 . PHE A 1 198 ? 23.524  -11.994 -10.379 1.00 41.83  ? 752 PHE A CD1 1 
ATOM   1536 C CD2 . PHE A 1 198 ? 22.739  -10.171 -9.077  1.00 45.28  ? 752 PHE A CD2 1 
ATOM   1537 C CE1 . PHE A 1 198 ? 22.451  -11.827 -11.247 1.00 44.78  ? 752 PHE A CE1 1 
ATOM   1538 C CE2 . PHE A 1 198 ? 21.667  -9.993  -9.949  1.00 45.90  ? 752 PHE A CE2 1 
ATOM   1539 C CZ  . PHE A 1 198 ? 21.520  -10.825 -11.034 1.00 43.08  ? 752 PHE A CZ  1 
ATOM   1540 N N   . VAL A 1 199 ? 25.918  -13.141 -5.369  1.00 33.23  ? 753 VAL A N   1 
ATOM   1541 C CA  . VAL A 1 199 ? 27.064  -13.326 -4.496  1.00 30.44  ? 753 VAL A CA  1 
ATOM   1542 C C   . VAL A 1 199 ? 27.919  -14.523 -4.899  1.00 29.25  ? 753 VAL A C   1 
ATOM   1543 O O   . VAL A 1 199 ? 27.425  -15.631 -5.078  1.00 25.94  ? 753 VAL A O   1 
ATOM   1544 C CB  . VAL A 1 199 ? 26.589  -13.508 -3.054  1.00 29.23  ? 753 VAL A CB  1 
ATOM   1545 C CG1 . VAL A 1 199 ? 27.709  -14.066 -2.137  1.00 30.33  ? 753 VAL A CG1 1 
ATOM   1546 C CG2 . VAL A 1 199 ? 26.039  -12.170 -2.588  1.00 30.62  ? 753 VAL A CG2 1 
ATOM   1547 N N   . VAL A 1 200 ? 29.215  -14.271 -5.041  1.00 32.18  ? 754 VAL A N   1 
ATOM   1548 C CA  . VAL A 1 200 ? 30.153  -15.343 -5.363  1.00 32.94  ? 754 VAL A CA  1 
ATOM   1549 C C   . VAL A 1 200 ? 30.500  -16.197 -4.113  1.00 35.61  ? 754 VAL A C   1 
ATOM   1550 O O   . VAL A 1 200 ? 30.735  -15.699 -3.009  1.00 34.39  ? 754 VAL A O   1 
ATOM   1551 C CB  . VAL A 1 200 ? 31.418  -14.755 -6.026  1.00 33.25  ? 754 VAL A CB  1 
ATOM   1552 C CG1 . VAL A 1 200 ? 32.450  -15.846 -6.348  1.00 31.54  ? 754 VAL A CG1 1 
ATOM   1553 C CG2 . VAL A 1 200 ? 31.040  -13.991 -7.297  1.00 31.56  ? 754 VAL A CG2 1 
ATOM   1554 N N   . LEU A 1 201 ? 30.515  -17.499 -4.303  1.00 37.72  ? 755 LEU A N   1 
ATOM   1555 C CA  . LEU A 1 201 ? 30.929  -18.429 -3.286  1.00 37.69  ? 755 LEU A CA  1 
ATOM   1556 C C   . LEU A 1 201 ? 32.442  -18.771 -3.444  1.00 39.80  ? 755 LEU A C   1 
ATOM   1557 O O   . LEU A 1 201 ? 32.840  -19.490 -4.367  1.00 38.73  ? 755 LEU A O   1 
ATOM   1558 C CB  . LEU A 1 201 ? 30.045  -19.670 -3.418  1.00 39.62  ? 755 LEU A CB  1 
ATOM   1559 C CG  . LEU A 1 201 ? 30.192  -20.754 -2.358  1.00 45.74  ? 755 LEU A CG  1 
ATOM   1560 C CD1 . LEU A 1 201 ? 29.999  -20.135 -0.981  1.00 49.79  ? 755 LEU A CD1 1 
ATOM   1561 C CD2 . LEU A 1 201 ? 29.192  -21.875 -2.598  1.00 47.28  ? 755 LEU A CD2 1 
ATOM   1562 N N   . LEU A 1 202 ? 33.294  -18.244 -2.567  1.00 38.27  ? 756 LEU A N   1 
ATOM   1563 C CA  . LEU A 1 202 ? 34.735  -18.493 -2.697  1.00 37.96  ? 756 LEU A CA  1 
ATOM   1564 C C   . LEU A 1 202 ? 35.100  -19.860 -2.203  1.00 38.80  ? 756 LEU A C   1 
ATOM   1565 O O   . LEU A 1 202 ? 34.722  -20.233 -1.112  1.00 44.70  ? 756 LEU A O   1 
ATOM   1566 C CB  . LEU A 1 202 ? 35.550  -17.482 -1.915  1.00 37.73  ? 756 LEU A CB  1 
ATOM   1567 C CG  . LEU A 1 202 ? 35.411  -16.088 -2.468  1.00 39.53  ? 756 LEU A CG  1 
ATOM   1568 C CD1 . LEU A 1 202 ? 36.122  -15.119 -1.541  1.00 48.10  ? 756 LEU A CD1 1 
ATOM   1569 C CD2 . LEU A 1 202 ? 35.950  -15.995 -3.874  1.00 40.00  ? 756 LEU A CD2 1 
ATOM   1570 N N   . PRO A 1 203 ? 35.861  -20.621 -2.991  1.00 43.78  ? 757 PRO A N   1 
ATOM   1571 C CA  . PRO A 1 203 ? 36.462  -21.810 -2.391  1.00 42.51  ? 757 PRO A CA  1 
ATOM   1572 C C   . PRO A 1 203 ? 37.744  -21.402 -1.656  1.00 38.09  ? 757 PRO A C   1 
ATOM   1573 O O   . PRO A 1 203 ? 38.328  -20.343 -1.926  1.00 32.02  ? 757 PRO A O   1 
ATOM   1574 C CB  . PRO A 1 203 ? 36.798  -22.660 -3.601  1.00 44.80  ? 757 PRO A CB  1 
ATOM   1575 C CG  . PRO A 1 203 ? 37.221  -21.609 -4.611  1.00 48.33  ? 757 PRO A CG  1 
ATOM   1576 C CD  . PRO A 1 203 ? 36.460  -20.335 -4.307  1.00 44.46  ? 757 PRO A CD  1 
ATOM   1577 N N   . ALA A 1 204 ? 38.154  -22.256 -0.730  1.00 39.67  ? 758 ALA A N   1 
ATOM   1578 C CA  . ALA A 1 204 ? 39.442  -22.159 -0.062  1.00 34.96  ? 758 ALA A CA  1 
ATOM   1579 C C   . ALA A 1 204 ? 40.568  -22.007 -1.083  1.00 35.85  ? 758 ALA A C   1 
ATOM   1580 O O   . ALA A 1 204 ? 40.631  -22.765 -2.052  1.00 36.34  ? 758 ALA A O   1 
ATOM   1581 C CB  . ALA A 1 204 ? 39.642  -23.405 0.796   1.00 36.25  ? 758 ALA A CB  1 
ATOM   1582 N N   . GLU A 1 205 ? 41.405  -20.981 -0.910  1.00 33.78  ? 759 GLU A N   1 
ATOM   1583 C CA  . GLU A 1 205 ? 42.480  -20.703 -1.850  1.00 34.13  ? 759 GLU A CA  1 
ATOM   1584 C C   . GLU A 1 205 ? 43.436  -21.907 -1.924  1.00 36.03  ? 759 GLU A C   1 
ATOM   1585 O O   . GLU A 1 205 ? 43.943  -22.232 -3.010  1.00 32.37  ? 759 GLU A O   1 
ATOM   1586 C CB  . GLU A 1 205 ? 43.290  -19.444 -1.462  1.00 33.71  ? 759 GLU A CB  1 
ATOM   1587 C CG  . GLU A 1 205 ? 44.274  -19.018 -2.540  1.00 33.72  ? 759 GLU A CG  1 
ATOM   1588 C CD  . GLU A 1 205 ? 45.406  -18.104 -2.085  1.00 32.89  ? 759 GLU A CD  1 
ATOM   1589 O OE1 . GLU A 1 205 ? 45.612  -17.919 -0.887  1.00 27.96  ? 759 GLU A OE1 1 
ATOM   1590 O OE2 . GLU A 1 205 ? 46.129  -17.575 -2.950  1.00 32.65  ? 759 GLU A OE2 1 
ATOM   1591 N N   . GLU A 1 206 ? 43.694  -22.527 -0.774  1.00 37.50  ? 760 GLU A N   1 
ATOM   1592 C CA  . GLU A 1 206 ? 44.538  -23.742 -0.684  1.00 44.84  ? 760 GLU A CA  1 
ATOM   1593 C C   . GLU A 1 206 ? 43.969  -24.909 -1.518  1.00 45.01  ? 760 GLU A C   1 
ATOM   1594 O O   . GLU A 1 206 ? 44.725  -25.645 -2.161  1.00 41.04  ? 760 GLU A O   1 
ATOM   1595 C CB  . GLU A 1 206 ? 44.784  -24.146 0.790   1.00 48.20  ? 760 GLU A CB  1 
ATOM   1596 C CG  . GLU A 1 206 ? 45.823  -23.247 1.481   1.00 52.54  ? 760 GLU A CG  1 
ATOM   1597 C CD  . GLU A 1 206 ? 45.916  -23.403 3.008   1.00 61.31  ? 760 GLU A CD  1 
ATOM   1598 O OE1 . GLU A 1 206 ? 45.904  -22.353 3.731   1.00 57.16  ? 760 GLU A OE1 1 
ATOM   1599 O OE2 . GLU A 1 206 ? 46.040  -24.568 3.484   1.00 65.02  ? 760 GLU A OE2 1 
ATOM   1600 N N   . GLY A 1 207 ? 42.641  -25.027 -1.549  1.00 45.96  ? 761 GLY A N   1 
ATOM   1601 C CA  . GLY A 1 207 ? 41.968  -26.003 -2.411  1.00 45.07  ? 761 GLY A CA  1 
ATOM   1602 C C   . GLY A 1 207 ? 42.110  -25.678 -3.892  1.00 43.34  ? 761 GLY A C   1 
ATOM   1603 O O   . GLY A 1 207 ? 42.161  -26.568 -4.695  1.00 44.75  ? 761 GLY A O   1 
ATOM   1604 N N   . VAL A 1 208 ? 42.166  -24.403 -4.263  1.00 44.48  ? 762 VAL A N   1 
ATOM   1605 C CA  . VAL A 1 208 ? 42.315  -24.033 -5.680  1.00 44.73  ? 762 VAL A CA  1 
ATOM   1606 C C   . VAL A 1 208 ? 43.751  -24.281 -6.121  1.00 46.14  ? 762 VAL A C   1 
ATOM   1607 O O   . VAL A 1 208 ? 43.974  -24.890 -7.158  1.00 45.48  ? 762 VAL A O   1 
ATOM   1608 C CB  . VAL A 1 208 ? 41.961  -22.545 -5.955  1.00 45.19  ? 762 VAL A CB  1 
ATOM   1609 C CG1 . VAL A 1 208 ? 42.321  -22.146 -7.384  1.00 43.85  ? 762 VAL A CG1 1 
ATOM   1610 C CG2 . VAL A 1 208 ? 40.483  -22.275 -5.688  1.00 43.75  ? 762 VAL A CG2 1 
ATOM   1611 N N   . ILE A 1 209 ? 44.707  -23.768 -5.346  1.00 45.14  ? 763 ILE A N   1 
ATOM   1612 C CA  . ILE A 1 209 ? 46.122  -24.019 -5.566  1.00 47.03  ? 763 ILE A CA  1 
ATOM   1613 C C   . ILE A 1 209 ? 46.404  -25.489 -5.837  1.00 51.39  ? 763 ILE A C   1 
ATOM   1614 O O   . ILE A 1 209 ? 47.195  -25.795 -6.726  1.00 49.79  ? 763 ILE A O   1 
ATOM   1615 C CB  . ILE A 1 209 ? 46.964  -23.542 -4.376  1.00 49.73  ? 763 ILE A CB  1 
ATOM   1616 C CG1 . ILE A 1 209 ? 47.160  -22.036 -4.485  1.00 47.30  ? 763 ILE A CG1 1 
ATOM   1617 C CG2 . ILE A 1 209 ? 48.333  -24.242 -4.340  1.00 53.02  ? 763 ILE A CG2 1 
ATOM   1618 C CD1 . ILE A 1 209 ? 47.598  -21.398 -3.179  1.00 49.98  ? 763 ILE A CD1 1 
ATOM   1619 N N   . ASP A 1 210 ? 45.714  -26.359 -5.101  1.00 52.98  ? 764 ASP A N   1 
ATOM   1620 C CA  . ASP A 1 210 ? 45.834  -27.825 -5.185  1.00 60.94  ? 764 ASP A CA  1 
ATOM   1621 C C   . ASP A 1 210 ? 45.237  -28.528 -6.417  1.00 65.61  ? 764 ASP A C   1 
ATOM   1622 O O   . ASP A 1 210 ? 45.753  -29.557 -6.871  1.00 72.34  ? 764 ASP A O   1 
ATOM   1623 C CB  . ASP A 1 210 ? 45.153  -28.440 -3.971  1.00 64.79  ? 764 ASP A CB  1 
ATOM   1624 C CG  . ASP A 1 210 ? 45.694  -29.794 -3.641  1.00 71.94  ? 764 ASP A CG  1 
ATOM   1625 O OD1 . ASP A 1 210 ? 46.806  -29.833 -3.061  1.00 76.05  ? 764 ASP A OD1 1 
ATOM   1626 O OD2 . ASP A 1 210 ? 45.017  -30.801 -3.962  1.00 70.25  ? 764 ASP A OD2 1 
ATOM   1627 N N   . LEU A 1 211 ? 44.120  -28.027 -6.919  1.00 62.52  ? 765 LEU A N   1 
ATOM   1628 C CA  . LEU A 1 211 ? 43.568  -28.543 -8.154  1.00 63.98  ? 765 LEU A CA  1 
ATOM   1629 C C   . LEU A 1 211 ? 44.377  -28.020 -9.369  1.00 62.53  ? 765 LEU A C   1 
ATOM   1630 O O   . LEU A 1 211 ? 44.461  -28.681 -10.402 1.00 60.01  ? 765 LEU A O   1 
ATOM   1631 C CB  . LEU A 1 211 ? 42.071  -28.215 -8.244  1.00 67.38  ? 765 LEU A CB  1 
ATOM   1632 C CG  . LEU A 1 211 ? 41.231  -28.923 -7.156  1.00 71.63  ? 765 LEU A CG  1 
ATOM   1633 C CD1 . LEU A 1 211 ? 39.820  -28.354 -7.043  1.00 72.13  ? 765 LEU A CD1 1 
ATOM   1634 C CD2 . LEU A 1 211 ? 41.179  -30.429 -7.385  1.00 69.07  ? 765 LEU A CD2 1 
ATOM   1635 N N   . ASN A 1 212 ? 44.998  -26.855 -9.228  1.00 62.83  ? 766 ASN A N   1 
ATOM   1636 C CA  . ASN A 1 212 ? 45.920  -26.352 -10.250 1.00 61.76  ? 766 ASN A CA  1 
ATOM   1637 C C   . ASN A 1 212 ? 47.108  -27.316 -10.478 1.00 63.76  ? 766 ASN A C   1 
ATOM   1638 O O   . ASN A 1 212 ? 47.549  -27.481 -11.607 1.00 69.68  ? 766 ASN A O   1 
ATOM   1639 C CB  . ASN A 1 212 ? 46.380  -24.929 -9.900  1.00 55.70  ? 766 ASN A CB  1 
ATOM   1640 C CG  . ASN A 1 212 ? 47.507  -24.435 -10.783 1.00 52.84  ? 766 ASN A CG  1 
ATOM   1641 O OD1 . ASN A 1 212 ? 48.651  -24.841 -10.628 1.00 54.19  ? 766 ASN A OD1 1 
ATOM   1642 N ND2 . ASN A 1 212 ? 47.192  -23.539 -11.694 1.00 46.89  ? 766 ASN A ND2 1 
ATOM   1643 N N   . MET A 1 213 ? 47.558  -28.000 -9.430  1.00 58.56  ? 767 MET A N   1 
ATOM   1644 C CA  . MET A 1 213 ? 48.724  -28.868 -9.506  1.00 60.47  ? 767 MET A CA  1 
ATOM   1645 C C   . MET A 1 213 ? 48.494  -30.268 -10.074 1.00 61.15  ? 767 MET A C   1 
ATOM   1646 O O   . MET A 1 213 ? 49.433  -30.870 -10.577 1.00 65.29  ? 767 MET A O   1 
ATOM   1647 C CB  . MET A 1 213 ? 49.353  -28.994 -8.122  1.00 61.55  ? 767 MET A CB  1 
ATOM   1648 C CG  . MET A 1 213 ? 49.433  -27.653 -7.415  1.00 64.71  ? 767 MET A CG  1 
ATOM   1649 S SD  . MET A 1 213 ? 50.811  -27.423 -6.286  1.00 65.91  ? 767 MET A SD  1 
ATOM   1650 C CE  . MET A 1 213 ? 50.846  -29.033 -5.496  1.00 68.08  ? 767 MET A CE  1 
ATOM   1651 N N   . ARG A 1 214 ? 47.277  -30.792 -10.000 1.00 65.79  ? 768 ARG A N   1 
ATOM   1652 C CA  . ARG A 1 214 ? 47.028  -32.188 -10.390 1.00 77.66  ? 768 ARG A CA  1 
ATOM   1653 C C   . ARG A 1 214 ? 46.351  -32.381 -11.767 1.00 75.57  ? 768 ARG A C   1 
ATOM   1654 O O   . ARG A 1 214 ? 46.109  -33.525 -12.183 1.00 71.81  ? 768 ARG A O   1 
ATOM   1655 C CB  . ARG A 1 214 ? 46.212  -32.905 -9.300  1.00 81.62  ? 768 ARG A CB  1 
ATOM   1656 C CG  . ARG A 1 214 ? 44.705  -32.691 -9.381  1.00 85.83  ? 768 ARG A CG  1 
ATOM   1657 C CD  . ARG A 1 214 ? 43.951  -33.540 -8.373  1.00 92.58  ? 768 ARG A CD  1 
ATOM   1658 N NE  . ARG A 1 214 ? 44.491  -33.372 -7.026  1.00 94.81  ? 768 ARG A NE  1 
ATOM   1659 C CZ  . ARG A 1 214 ? 44.300  -34.224 -6.023  1.00 96.02  ? 768 ARG A CZ  1 
ATOM   1660 N NH1 . ARG A 1 214 ? 43.567  -35.322 -6.190  1.00 103.08 ? 768 ARG A NH1 1 
ATOM   1661 N NH2 . ARG A 1 214 ? 44.852  -33.979 -4.844  1.00 93.11  ? 768 ARG A NH2 1 
ATOM   1662 N N   . TYR A 1 215 ? 46.023  -31.281 -12.446 1.00 70.20  ? 769 TYR A N   1 
ATOM   1663 C CA  . TYR A 1 215 ? 45.441  -31.339 -13.794 1.00 75.22  ? 769 TYR A CA  1 
ATOM   1664 C C   . TYR A 1 215 ? 46.374  -30.640 -14.769 1.00 69.43  ? 769 TYR A C   1 
ATOM   1665 O O   . TYR A 1 215 ? 46.993  -29.644 -14.410 1.00 59.97  ? 769 TYR A O   1 
ATOM   1666 C CB  . TYR A 1 215 ? 44.048  -30.687 -13.840 1.00 80.04  ? 769 TYR A CB  1 
ATOM   1667 C CG  . TYR A 1 215 ? 42.976  -31.497 -13.138 1.00 84.33  ? 769 TYR A CG  1 
ATOM   1668 C CD1 . TYR A 1 215 ? 42.822  -31.430 -11.761 1.00 87.34  ? 769 TYR A CD1 1 
ATOM   1669 C CD2 . TYR A 1 215 ? 42.126  -32.340 -13.850 1.00 92.27  ? 769 TYR A CD2 1 
ATOM   1670 C CE1 . TYR A 1 215 ? 41.859  -32.179 -11.105 1.00 94.87  ? 769 TYR A CE1 1 
ATOM   1671 C CE2 . TYR A 1 215 ? 41.150  -33.091 -13.204 1.00 95.33  ? 769 TYR A CE2 1 
ATOM   1672 C CZ  . TYR A 1 215 ? 41.024  -33.006 -11.829 1.00 94.02  ? 769 TYR A CZ  1 
ATOM   1673 O OH  . TYR A 1 215 ? 40.067  -33.734 -11.166 1.00 85.61  ? 769 TYR A OH  1 
ATOM   1674 N N   . PRO A 1 216 ? 46.482  -31.159 -16.006 1.00 68.65  ? 770 PRO A N   1 
ATOM   1675 C CA  . PRO A 1 216 ? 47.343  -30.502 -16.990 1.00 65.59  ? 770 PRO A CA  1 
ATOM   1676 C C   . PRO A 1 216 ? 46.826  -29.127 -17.431 1.00 62.85  ? 770 PRO A C   1 
ATOM   1677 O O   . PRO A 1 216 ? 45.627  -28.845 -17.326 1.00 58.82  ? 770 PRO A O   1 
ATOM   1678 C CB  . PRO A 1 216 ? 47.333  -31.478 -18.175 1.00 71.58  ? 770 PRO A CB  1 
ATOM   1679 C CG  . PRO A 1 216 ? 46.060  -32.242 -18.045 1.00 71.43  ? 770 PRO A CG  1 
ATOM   1680 C CD  . PRO A 1 216 ? 45.790  -32.338 -16.567 1.00 70.60  ? 770 PRO A CD  1 
ATOM   1681 N N   . GLY A 1 217 ? 47.741  -28.285 -17.910 1.00 58.06  ? 771 GLY A N   1 
ATOM   1682 C CA  . GLY A 1 217 ? 47.389  -27.071 -18.642 1.00 56.93  ? 771 GLY A CA  1 
ATOM   1683 C C   . GLY A 1 217 ? 46.974  -27.432 -20.063 1.00 57.05  ? 771 GLY A C   1 
ATOM   1684 O O   . GLY A 1 217 ? 47.346  -28.547 -20.471 1.00 49.14  ? 771 GLY A O   1 
ATOM   1685 O OXT . GLY A 1 217 ? 46.268  -26.671 -20.795 1.00 48.67  ? 771 GLY A OXT 1 
HETATM 1686 C C1  . IPA B 2 .   ? -6.396  4.566   9.185   1.00 73.98  ? 801 IPA A C1  1 
HETATM 1687 C C2  . IPA B 2 .   ? -7.043  5.932   9.412   1.00 74.14  ? 801 IPA A C2  1 
HETATM 1688 C C3  . IPA B 2 .   ? -6.011  7.066   9.376   1.00 74.26  ? 801 IPA A C3  1 
HETATM 1689 O O2  . IPA B 2 .   ? -8.072  6.140   8.429   1.00 66.66  ? 801 IPA A O2  1 
HETATM 1690 C C1  . IPA C 2 .   ? -26.069 14.924  9.000   1.00 39.62  ? 802 IPA A C1  1 
HETATM 1691 C C2  . IPA C 2 .   ? -24.990 14.833  10.052  1.00 42.49  ? 802 IPA A C2  1 
HETATM 1692 C C3  . IPA C 2 .   ? -24.314 13.481  10.092  1.00 43.66  ? 802 IPA A C3  1 
HETATM 1693 O O2  . IPA C 2 .   ? -23.923 15.743  9.783   1.00 52.80  ? 802 IPA A O2  1 
HETATM 1694 C C1  . PEG D 3 .   ? -0.996  6.446   -10.922 1.00 64.26  ? 803 PEG A C1  1 
HETATM 1695 O O1  . PEG D 3 .   ? -1.462  6.586   -12.263 1.00 55.67  ? 803 PEG A O1  1 
HETATM 1696 C C2  . PEG D 3 .   ? -1.750  5.339   -10.196 1.00 65.80  ? 803 PEG A C2  1 
HETATM 1697 O O2  . PEG D 3 .   ? -2.591  4.579   -11.077 1.00 66.49  ? 803 PEG A O2  1 
HETATM 1698 C C3  . PEG D 3 .   ? -2.653  3.169   -10.849 1.00 66.37  ? 803 PEG A C3  1 
HETATM 1699 C C4  . PEG D 3 .   ? -4.110  2.747   -10.676 1.00 64.13  ? 803 PEG A C4  1 
HETATM 1700 O O4  . PEG D 3 .   ? -4.173  1.700   -9.704  1.00 62.47  ? 803 PEG A O4  1 
HETATM 1701 O O   . HOH E 4 .   ? -14.149 2.302   -3.260  1.00 16.67  ? 901 HOH A O   1 
HETATM 1702 O O   . HOH E 4 .   ? -18.410 4.465   -9.417  1.00 20.35  ? 902 HOH A O   1 
HETATM 1703 O O   . HOH E 4 .   ? -8.274  16.493  3.229   1.00 31.20  ? 903 HOH A O   1 
HETATM 1704 O O   . HOH E 4 .   ? -7.244  3.898   -10.952 1.00 19.16  ? 904 HOH A O   1 
HETATM 1705 O O   . HOH E 4 .   ? -25.165 3.608   8.057   1.00 27.95  ? 905 HOH A O   1 
HETATM 1706 O O   . HOH E 4 .   ? 24.080  -5.089  -4.450  1.00 31.47  ? 906 HOH A O   1 
HETATM 1707 O O   . HOH E 4 .   ? -21.339 2.796   2.583   1.00 24.83  ? 907 HOH A O   1 
HETATM 1708 O O   . HOH E 4 .   ? -23.132 3.270   -11.488 1.00 48.63  ? 908 HOH A O   1 
HETATM 1709 O O   . HOH E 4 .   ? 31.595  -15.299 4.312   1.00 33.87  ? 909 HOH A O   1 
HETATM 1710 O O   . HOH E 4 .   ? 4.567   10.442  1.933   1.00 29.91  ? 910 HOH A O   1 
HETATM 1711 O O   . HOH E 4 .   ? -36.918 -0.323  5.455   1.00 34.86  ? 911 HOH A O   1 
HETATM 1712 O O   . HOH E 4 .   ? -20.946 0.970   -0.336  1.00 35.74  ? 912 HOH A O   1 
HETATM 1713 O O   . HOH E 4 .   ? -10.172 -0.058  -4.227  1.00 26.24  ? 913 HOH A O   1 
HETATM 1714 O O   . HOH E 4 .   ? -13.448 0.254   -4.608  1.00 34.39  ? 914 HOH A O   1 
HETATM 1715 O O   . HOH E 4 .   ? 32.359  -8.549  -0.827  1.00 35.52  ? 915 HOH A O   1 
HETATM 1716 O O   . HOH E 4 .   ? -29.006 6.385   -10.578 1.00 30.31  ? 916 HOH A O   1 
HETATM 1717 O O   . HOH E 4 .   ? 50.054  -28.693 -13.370 1.00 55.63  ? 917 HOH A O   1 
HETATM 1718 O O   . HOH E 4 .   ? 32.283  -15.968 8.763   1.00 57.81  ? 918 HOH A O   1 
HETATM 1719 O O   . HOH E 4 .   ? -15.916 12.262  4.916   1.00 38.08  ? 919 HOH A O   1 
HETATM 1720 O O   . HOH E 4 .   ? 2.910   0.042   -0.316  1.00 39.04  ? 920 HOH A O   1 
HETATM 1721 O O   . HOH E 4 .   ? 1.590   21.574  0.511   1.00 55.91  ? 921 HOH A O   1 
HETATM 1722 O O   . HOH E 4 .   ? 29.606  -18.682 -6.818  1.00 35.69  ? 922 HOH A O   1 
HETATM 1723 O O   . HOH E 4 .   ? -43.824 12.469  4.462   1.00 42.76  ? 923 HOH A O   1 
HETATM 1724 O O   . HOH E 4 .   ? -18.962 12.355  5.394   1.00 48.82  ? 924 HOH A O   1 
HETATM 1725 O O   . HOH E 4 .   ? -38.323 -2.429  6.713   1.00 40.73  ? 925 HOH A O   1 
HETATM 1726 O O   . HOH E 4 .   ? -16.518 1.546   6.117   1.00 30.01  ? 926 HOH A O   1 
HETATM 1727 O O   . HOH E 4 .   ? -14.735 2.258   -0.783  1.00 32.65  ? 927 HOH A O   1 
HETATM 1728 O O   . HOH E 4 .   ? 36.090  -21.361 2.144   1.00 64.09  ? 928 HOH A O   1 
HETATM 1729 O O   . HOH E 4 .   ? 29.965  -14.865 8.660   1.00 43.99  ? 929 HOH A O   1 
HETATM 1730 O O   . HOH E 4 .   ? 18.713  -14.772 -7.405  1.00 51.98  ? 930 HOH A O   1 
HETATM 1731 O O   . HOH E 4 .   ? -35.159 19.841  4.395   1.00 37.21  ? 931 HOH A O   1 
HETATM 1732 O O   . HOH E 4 .   ? -9.458  1.913   -11.618 1.00 33.44  ? 932 HOH A O   1 
HETATM 1733 O O   . HOH E 4 .   ? -36.697 0.629   0.206   1.00 35.96  ? 933 HOH A O   1 
HETATM 1734 O O   . HOH E 4 .   ? 9.438   2.591   4.197   1.00 36.51  ? 934 HOH A O   1 
HETATM 1735 O O   . HOH E 4 .   ? -18.733 11.509  -5.336  1.00 41.20  ? 935 HOH A O   1 
HETATM 1736 O O   . HOH E 4 .   ? -6.183  18.703  -7.958  1.00 43.54  ? 936 HOH A O   1 
HETATM 1737 O O   . HOH E 4 .   ? 23.241  -3.615  -6.743  1.00 44.61  ? 937 HOH A O   1 
HETATM 1738 O O   . HOH E 4 .   ? 50.126  -26.607 -11.432 1.00 46.19  ? 938 HOH A O   1 
HETATM 1739 O O   . HOH E 4 .   ? -38.303 5.007   -6.248  1.00 45.78  ? 939 HOH A O   1 
HETATM 1740 O O   . HOH E 4 .   ? -43.783 0.490   7.309   1.00 47.53  ? 940 HOH A O   1 
HETATM 1741 O O   . HOH E 4 .   ? -21.456 14.179  -2.731  1.00 52.29  ? 941 HOH A O   1 
HETATM 1742 O O   . HOH E 4 .   ? 11.420  15.503  -4.198  1.00 54.42  ? 942 HOH A O   1 
HETATM 1743 O O   . HOH E 4 .   ? -15.058 3.050   7.791   1.00 41.87  ? 943 HOH A O   1 
HETATM 1744 O O   . HOH E 4 .   ? 35.974  -15.452 7.530   1.00 39.31  ? 944 HOH A O   1 
HETATM 1745 O O   . HOH E 4 .   ? -19.783 8.922   8.399   1.00 27.95  ? 945 HOH A O   1 
HETATM 1746 O O   . HOH E 4 .   ? 37.059  -19.108 0.864   1.00 51.82  ? 946 HOH A O   1 
HETATM 1747 O O   . HOH E 4 .   ? 27.576  -22.084 6.837   1.00 35.26  ? 947 HOH A O   1 
HETATM 1748 O O   . HOH E 4 .   ? -43.014 2.674   2.481   1.00 48.76  ? 948 HOH A O   1 
HETATM 1749 O O   . HOH E 4 .   ? 5.534   6.072   3.704   1.00 36.97  ? 949 HOH A O   1 
HETATM 1750 O O   . HOH E 4 .   ? 19.558  4.345   2.756   1.00 54.54  ? 950 HOH A O   1 
HETATM 1751 O O   . HOH E 4 .   ? -41.853 -1.180  7.222   1.00 47.44  ? 951 HOH A O   1 
HETATM 1752 O O   . HOH E 4 .   ? -13.903 -1.243  -1.307  1.00 49.36  ? 952 HOH A O   1 
HETATM 1753 O O   . HOH E 4 .   ? 10.228  1.918   -7.878  1.00 55.58  ? 953 HOH A O   1 
HETATM 1754 O O   . HOH E 4 .   ? 18.389  -22.930 4.607   1.00 52.69  ? 954 HOH A O   1 
HETATM 1755 O O   . HOH E 4 .   ? -11.342 16.634  4.518   1.00 41.54  ? 955 HOH A O   1 
HETATM 1756 O O   . HOH E 4 .   ? -12.791 19.291  4.939   1.00 44.92  ? 956 HOH A O   1 
HETATM 1757 O O   . HOH E 4 .   ? -10.199 14.255  -3.329  1.00 24.47  ? 957 HOH A O   1 
HETATM 1758 O O   . HOH E 4 .   ? -15.421 4.024   -12.327 1.00 20.42  ? 958 HOH A O   1 
HETATM 1759 O O   . HOH E 4 .   ? -21.477 3.408   9.766   1.00 38.72  ? 959 HOH A O   1 
HETATM 1760 O O   . HOH E 4 .   ? -15.460 14.288  -3.083  1.00 32.46  ? 960 HOH A O   1 
HETATM 1761 O O   . HOH E 4 .   ? -12.830 15.031  -3.912  1.00 35.32  ? 961 HOH A O   1 
HETATM 1762 O O   . HOH E 4 .   ? -9.555  12.795  -5.533  1.00 40.77  ? 962 HOH A O   1 
HETATM 1763 O O   . HOH E 4 .   ? -18.833 4.993   10.322  1.00 49.39  ? 963 HOH A O   1 
HETATM 1764 O O   . HOH E 4 .   ? -15.832 -0.432  -6.969  1.00 37.72  ? 964 HOH A O   1 
HETATM 1765 O O   . HOH E 4 .   ? -17.921 7.542   9.594   1.00 21.55  ? 965 HOH A O   1 
HETATM 1766 O O   . HOH E 4 .   ? -39.170 13.519  -5.323  1.00 49.61  ? 966 HOH A O   1 
HETATM 1767 O O   . HOH E 4 .   ? 8.176   -9.210  2.691   1.00 47.79  ? 967 HOH A O   1 
HETATM 1768 O O   . HOH E 4 .   ? -14.086 6.169   7.449   1.00 37.53  ? 968 HOH A O   1 
HETATM 1769 O O   . HOH E 4 .   ? -25.228 5.445   -10.065 1.00 36.78  ? 969 HOH A O   1 
HETATM 1770 O O   . HOH E 4 .   ? -41.147 7.849   -1.858  1.00 43.58  ? 970 HOH A O   1 
HETATM 1771 O O   . HOH E 4 .   ? 1.398   1.780   -6.956  1.00 34.99  ? 971 HOH A O   1 
HETATM 1772 O O   . HOH E 4 .   ? -7.853  20.333  -1.182  1.00 43.65  ? 972 HOH A O   1 
HETATM 1773 O O   . HOH E 4 .   ? -4.362  8.797   -16.197 1.00 26.09  ? 973 HOH A O   1 
HETATM 1774 O O   . HOH E 4 .   ? -11.471 13.971  5.678   1.00 28.15  ? 974 HOH A O   1 
HETATM 1775 O O   . HOH E 4 .   ? -13.847 13.850  5.708   1.00 21.92  ? 975 HOH A O   1 
HETATM 1776 O O   . HOH E 4 .   ? -14.527 13.082  8.220   1.00 34.58  ? 976 HOH A O   1 
HETATM 1777 O O   . HOH E 4 .   ? -12.565 13.064  9.914   1.00 20.89  ? 977 HOH A O   1 
HETATM 1778 O O   . HOH E 4 .   ? -32.534 -4.246  9.758   1.00 37.01  ? 978 HOH A O   1 
HETATM 1779 O O   . HOH E 4 .   ? -33.568 17.271  6.329   1.00 48.66  ? 979 HOH A O   1 
HETATM 1780 O O   . HOH E 4 .   ? -24.713 2.534   10.570  1.00 43.68  ? 980 HOH A O   1 
HETATM 1781 O O   . HOH E 4 .   ? 36.768  -24.531 -0.173  1.00 61.54  ? 981 HOH A O   1 
HETATM 1782 O O   . HOH E 4 .   ? -3.290  1.330   -2.717  1.00 34.08  ? 982 HOH A O   1 
# 
